data_8ZE3
#
_entry.id   8ZE3
#
_cell.length_a   1.00
_cell.length_b   1.00
_cell.length_c   1.00
_cell.angle_alpha   90.00
_cell.angle_beta   90.00
_cell.angle_gamma   90.00
#
_symmetry.space_group_name_H-M   'P 1'
#
loop_
_entity.id
_entity.type
_entity.pdbx_description
1 polymer 'Gustatory receptor'
2 non-polymer beta-D-fructofuranose
#
_entity_poly.entity_id   1
_entity_poly.type   'polypeptide(L)'
_entity_poly.pdbx_seq_one_letter_code
;MEISETNIGIFYVSKLLALAPYSAKKNSKGQLEITRSWLFSIYSVCLCLIMVFLTYRGLLFDANSNIPVRMKSATSKVVT
ASDVSVVVLAIVTGVYCGMFGLRATQELNTRLDKIDSTLSPYNNVKKDRWRAYAMATVSLIVIGILLGLDVGTWVRMAQE
MNISDEDTELNVQWYIPFYSLYFILTGLHINFANTAYGLGRRYKRLNQMLRTSYLSADKSYGNATNLVKVSTVKSISFKP
MMPMALHASLTKLNTETLPNESATKNKSLLIRAMADNHESLGKCVRLLSRFYGIAVLFILVSCLLHLVATAYFLFLEMLN
KRDNGYVWVQMLWIIFHFLRLLMVVEPCHLAAREARKTIQIVCEIERKVFEPILVEETKKFWQQLLVDDAEFSASGLCRV
NRTILTSFASAIATYLVILIQFQKTNGLEGGSSGGWSHPQFEK
;
_entity_poly.pdbx_strand_id   A,B,C,D
#
# COMPACT_ATOMS: atom_id res chain seq x y z
N MET A 1 14.07 23.09 13.31
CA MET A 1 13.16 24.05 13.93
C MET A 1 13.44 25.46 13.44
N GLU A 2 12.42 26.30 13.41
CA GLU A 2 12.51 27.63 12.83
C GLU A 2 12.73 28.66 13.93
N ILE A 3 13.74 29.50 13.76
CA ILE A 3 14.05 30.59 14.69
C ILE A 3 13.95 31.90 13.91
N SER A 4 13.09 32.80 14.40
CA SER A 4 12.92 34.10 13.75
C SER A 4 12.31 35.07 14.76
N GLU A 5 12.53 36.36 14.51
CA GLU A 5 11.89 37.39 15.32
C GLU A 5 10.41 37.53 15.03
N THR A 6 9.91 36.90 13.97
CA THR A 6 8.47 36.88 13.73
C THR A 6 7.74 36.26 14.91
N ASN A 7 8.23 35.11 15.39
CA ASN A 7 7.69 34.46 16.58
C ASN A 7 8.84 33.85 17.38
N ILE A 8 9.32 34.60 18.38
CA ILE A 8 10.42 34.14 19.21
C ILE A 8 9.95 33.50 20.50
N GLY A 9 8.67 33.66 20.87
CA GLY A 9 8.17 33.02 22.07
C GLY A 9 8.16 31.50 21.97
N ILE A 10 7.91 30.97 20.77
CA ILE A 10 7.92 29.52 20.59
C ILE A 10 9.31 28.97 20.86
N PHE A 11 10.35 29.65 20.35
CA PHE A 11 11.72 29.20 20.59
C PHE A 11 12.07 29.26 22.07
N TYR A 12 11.65 30.33 22.75
CA TYR A 12 11.93 30.45 24.18
C TYR A 12 11.22 29.36 24.97
N VAL A 13 9.98 29.04 24.60
CA VAL A 13 9.24 27.97 25.28
C VAL A 13 9.92 26.62 25.04
N SER A 14 10.36 26.38 23.80
CA SER A 14 11.04 25.13 23.49
C SER A 14 12.35 25.00 24.26
N LYS A 15 13.10 26.10 24.38
CA LYS A 15 14.32 26.09 25.18
C LYS A 15 14.01 25.83 26.65
N LEU A 16 12.93 26.43 27.16
CA LEU A 16 12.54 26.21 28.55
C LEU A 16 12.16 24.75 28.78
N LEU A 17 11.46 24.14 27.82
CA LEU A 17 11.00 22.77 27.94
C LEU A 17 12.07 21.74 27.56
N ALA A 18 13.34 22.14 27.58
CA ALA A 18 14.47 21.23 27.32
C ALA A 18 14.33 20.56 25.94
N LEU A 19 13.94 21.34 24.94
CA LEU A 19 13.82 20.84 23.58
C LEU A 19 14.58 21.66 22.56
N ALA A 20 15.21 22.77 22.95
CA ALA A 20 15.97 23.61 22.03
C ALA A 20 17.03 24.37 22.79
N PRO A 21 18.13 23.72 23.20
CA PRO A 21 19.17 24.41 23.97
C PRO A 21 20.06 25.28 23.08
N TYR A 22 19.48 26.36 22.57
CA TYR A 22 20.11 27.21 21.59
C TYR A 22 20.14 28.66 22.08
N SER A 23 20.88 29.50 21.36
CA SER A 23 20.95 30.92 21.65
C SER A 23 20.73 31.69 20.37
N ALA A 24 19.79 32.64 20.42
CA ALA A 24 19.41 33.45 19.26
C ALA A 24 20.03 34.84 19.41
N LYS A 25 21.19 35.04 18.79
CA LYS A 25 21.92 36.30 18.87
C LYS A 25 22.03 36.89 17.48
N LYS A 26 21.71 38.17 17.35
CA LYS A 26 21.78 38.87 16.07
C LYS A 26 23.19 39.42 15.82
N ASN A 27 23.47 39.66 14.55
CA ASN A 27 24.57 40.50 14.12
C ASN A 27 23.99 41.76 13.48
N SER A 28 24.87 42.70 13.11
CA SER A 28 24.41 44.00 12.65
C SER A 28 23.59 43.89 11.36
N LYS A 29 23.89 42.90 10.53
CA LYS A 29 23.23 42.74 9.25
C LYS A 29 21.98 41.86 9.38
N GLY A 30 21.14 42.22 10.35
CA GLY A 30 19.95 41.41 10.63
C GLY A 30 20.37 39.99 10.94
N GLN A 31 19.79 39.04 10.20
CA GLN A 31 20.29 37.67 10.12
C GLN A 31 20.50 37.05 11.51
N LEU A 32 19.37 36.80 12.17
CA LEU A 32 19.39 36.14 13.47
C LEU A 32 20.22 34.87 13.40
N GLU A 33 21.21 34.77 14.30
CA GLU A 33 22.17 33.68 14.30
C GLU A 33 21.88 32.74 15.47
N ILE A 34 21.83 31.45 15.19
CA ILE A 34 21.56 30.42 16.19
C ILE A 34 22.88 29.75 16.54
N THR A 35 23.28 29.86 17.81
CA THR A 35 24.50 29.24 18.30
C THR A 35 24.16 28.21 19.36
N ARG A 36 25.09 27.28 19.57
CA ARG A 36 24.90 26.25 20.59
C ARG A 36 25.07 26.86 21.98
N SER A 37 24.11 26.60 22.86
CA SER A 37 24.14 27.09 24.23
C SER A 37 24.67 25.97 25.11
N TRP A 38 25.94 26.05 25.51
CA TRP A 38 26.53 25.02 26.35
C TRP A 38 25.91 25.03 27.74
N LEU A 39 25.56 26.20 28.27
CA LEU A 39 24.89 26.26 29.57
C LEU A 39 23.52 25.61 29.50
N PHE A 40 22.81 25.79 28.39
CA PHE A 40 21.47 25.23 28.25
C PHE A 40 21.48 23.78 27.78
N SER A 41 22.55 23.32 27.12
CA SER A 41 22.61 21.91 26.71
C SER A 41 22.67 20.99 27.92
N ILE A 42 23.52 21.32 28.89
CA ILE A 42 23.60 20.51 30.10
C ILE A 42 22.30 20.60 30.90
N TYR A 43 21.66 21.78 30.88
CA TYR A 43 20.37 21.91 31.54
C TYR A 43 19.32 21.01 30.88
N SER A 44 19.31 20.96 29.56
CA SER A 44 18.35 20.12 28.85
C SER A 44 18.59 18.64 29.14
N VAL A 45 19.86 18.21 29.10
CA VAL A 45 20.14 16.80 29.34
C VAL A 45 19.80 16.43 30.78
N CYS A 46 20.13 17.30 31.74
CA CYS A 46 19.82 17.02 33.13
C CYS A 46 18.32 16.97 33.36
N LEU A 47 17.57 17.92 32.79
CA LEU A 47 16.13 17.94 32.96
C LEU A 47 15.48 16.70 32.35
N CYS A 48 15.92 16.32 31.14
CA CYS A 48 15.35 15.14 30.50
C CYS A 48 15.63 13.88 31.32
N LEU A 49 16.88 13.67 31.71
CA LEU A 49 17.23 12.48 32.48
C LEU A 49 16.50 12.45 33.82
N ILE A 50 16.46 13.59 34.52
CA ILE A 50 15.81 13.65 35.82
C ILE A 50 14.31 13.39 35.69
N MET A 51 13.67 13.99 34.68
CA MET A 51 12.24 13.79 34.51
C MET A 51 11.92 12.34 34.17
N VAL A 52 12.70 11.71 33.28
CA VAL A 52 12.45 10.32 32.91
C VAL A 52 12.65 9.41 34.12
N PHE A 53 13.75 9.62 34.84
CA PHE A 53 14.01 8.80 36.03
C PHE A 53 12.92 9.00 37.07
N LEU A 54 12.42 10.23 37.21
CA LEU A 54 11.40 10.51 38.21
C LEU A 54 10.06 9.85 37.85
N THR A 55 9.64 9.93 36.58
CA THR A 55 8.38 9.31 36.22
C THR A 55 8.48 7.79 36.31
N TYR A 56 9.63 7.22 35.95
CA TYR A 56 9.78 5.77 36.10
C TYR A 56 9.82 5.38 37.57
N ARG A 57 10.48 6.17 38.42
CA ARG A 57 10.52 5.88 39.84
C ARG A 57 9.11 5.92 40.44
N GLY A 58 8.33 6.93 40.07
CA GLY A 58 6.94 6.97 40.51
C GLY A 58 6.12 5.81 39.97
N LEU A 59 6.42 5.39 38.74
CA LEU A 59 5.72 4.26 38.14
C LEU A 59 5.92 2.98 38.96
N LEU A 60 7.19 2.62 39.22
CA LEU A 60 7.44 1.44 40.04
C LEU A 60 7.07 1.64 41.51
N PHE A 61 7.04 2.88 42.00
CA PHE A 61 6.61 3.10 43.38
C PHE A 61 5.10 2.86 43.52
N ASP A 62 4.31 3.29 42.54
CA ASP A 62 2.90 2.95 42.53
C ASP A 62 2.72 1.45 42.35
N ALA A 63 3.50 0.84 41.46
CA ALA A 63 3.40 -0.60 41.25
C ALA A 63 3.70 -1.38 42.53
N ASN A 64 4.66 -0.90 43.32
CA ASN A 64 5.04 -1.56 44.56
C ASN A 64 4.29 -1.02 45.78
N SER A 65 3.40 -0.04 45.59
CA SER A 65 2.67 0.53 46.72
C SER A 65 1.70 -0.50 47.31
N ASN A 66 1.35 -0.29 48.58
CA ASN A 66 0.44 -1.20 49.25
C ASN A 66 -0.94 -1.21 48.59
N ILE A 67 -1.49 -0.04 48.27
CA ILE A 67 -2.73 0.07 47.52
C ILE A 67 -2.43 0.88 46.26
N PRO A 68 -2.16 0.22 45.14
CA PRO A 68 -1.89 0.95 43.89
C PRO A 68 -3.10 1.76 43.44
N VAL A 69 -2.84 2.90 42.83
CA VAL A 69 -3.90 3.81 42.40
C VAL A 69 -4.18 3.66 40.91
N ARG A 70 -3.16 3.76 40.07
CA ARG A 70 -3.34 3.75 38.63
C ARG A 70 -3.09 2.38 38.00
N MET A 71 -2.22 1.56 38.60
CA MET A 71 -1.88 0.25 38.05
C MET A 71 -2.06 -0.80 39.13
N LYS A 72 -3.29 -1.32 39.26
CA LYS A 72 -3.60 -2.44 40.15
C LYS A 72 -4.37 -3.48 39.34
N SER A 73 -3.64 -4.29 38.58
CA SER A 73 -4.17 -5.37 37.75
C SER A 73 -2.99 -6.01 37.03
N ALA A 74 -3.28 -7.08 36.29
CA ALA A 74 -2.28 -7.68 35.43
C ALA A 74 -2.21 -6.96 34.07
N THR A 75 -3.35 -6.44 33.61
CA THR A 75 -3.41 -5.72 32.34
C THR A 75 -3.30 -4.21 32.49
N SER A 76 -3.87 -3.65 33.57
CA SER A 76 -3.74 -2.22 33.80
C SER A 76 -2.28 -1.82 33.98
N LYS A 77 -1.50 -2.64 34.68
CA LYS A 77 -0.07 -2.39 34.82
C LYS A 77 0.60 -2.31 33.45
N VAL A 78 0.32 -3.27 32.58
CA VAL A 78 0.98 -3.32 31.27
C VAL A 78 0.58 -2.10 30.43
N VAL A 79 -0.71 -1.76 30.42
CA VAL A 79 -1.16 -0.65 29.57
C VAL A 79 -0.63 0.68 30.10
N THR A 80 -0.66 0.88 31.43
CA THR A 80 -0.11 2.11 31.99
C THR A 80 1.39 2.21 31.75
N ALA A 81 2.11 1.10 31.88
CA ALA A 81 3.54 1.10 31.60
C ALA A 81 3.80 1.43 30.13
N SER A 82 2.98 0.89 29.22
CA SER A 82 3.15 1.20 27.81
C SER A 82 2.93 2.68 27.54
N ASP A 83 1.88 3.26 28.13
CA ASP A 83 1.62 4.69 27.94
C ASP A 83 2.78 5.53 28.46
N VAL A 84 3.20 5.27 29.71
CA VAL A 84 4.26 6.08 30.31
C VAL A 84 5.56 5.89 29.54
N SER A 85 5.86 4.67 29.12
CA SER A 85 7.12 4.41 28.42
C SER A 85 7.12 5.02 27.02
N VAL A 86 5.97 5.03 26.35
CA VAL A 86 5.93 5.64 25.02
C VAL A 86 6.03 7.16 25.13
N VAL A 87 5.45 7.74 26.18
CA VAL A 87 5.63 9.18 26.43
C VAL A 87 7.10 9.48 26.73
N VAL A 88 7.73 8.62 27.52
CA VAL A 88 9.15 8.79 27.85
C VAL A 88 10.00 8.69 26.60
N LEU A 89 9.68 7.73 25.72
CA LEU A 89 10.42 7.56 24.48
C LEU A 89 10.27 8.79 23.58
N ALA A 90 9.06 9.33 23.49
CA ALA A 90 8.85 10.54 22.71
C ALA A 90 9.66 11.70 23.27
N ILE A 91 9.67 11.85 24.59
CA ILE A 91 10.42 12.93 25.23
C ILE A 91 11.91 12.77 24.96
N VAL A 92 12.43 11.56 25.12
CA VAL A 92 13.85 11.31 24.93
C VAL A 92 14.25 11.56 23.49
N THR A 93 13.41 11.12 22.54
CA THR A 93 13.70 11.36 21.13
C THR A 93 13.68 12.85 20.82
N GLY A 94 12.72 13.59 21.38
CA GLY A 94 12.69 15.03 21.15
C GLY A 94 13.91 15.73 21.69
N VAL A 95 14.34 15.36 22.91
CA VAL A 95 15.53 15.96 23.49
C VAL A 95 16.76 15.62 22.67
N TYR A 96 16.88 14.37 22.24
CA TYR A 96 18.02 13.95 21.43
C TYR A 96 18.05 14.70 20.10
N CYS A 97 16.89 14.89 19.48
CA CYS A 97 16.83 15.63 18.23
C CYS A 97 17.20 17.10 18.44
N GLY A 98 16.72 17.70 19.53
CA GLY A 98 17.04 19.09 19.81
C GLY A 98 18.49 19.32 20.21
N MET A 99 19.15 18.28 20.72
CA MET A 99 20.55 18.43 21.12
C MET A 99 21.49 18.28 19.93
N PHE A 100 21.47 17.12 19.29
CA PHE A 100 22.36 16.84 18.16
C PHE A 100 21.73 17.28 16.83
N GLY A 101 21.28 18.52 16.77
CA GLY A 101 20.66 19.05 15.58
C GLY A 101 20.99 20.50 15.31
N LEU A 102 22.09 20.98 15.90
CA LEU A 102 22.47 22.39 15.75
C LEU A 102 22.76 22.73 14.29
N ARG A 103 23.49 21.87 13.58
CA ARG A 103 23.82 22.15 12.20
C ARG A 103 22.59 22.17 11.31
N ALA A 104 21.68 21.20 11.51
CA ALA A 104 20.46 21.16 10.72
C ALA A 104 19.59 22.38 10.96
N THR A 105 19.45 22.78 12.24
CA THR A 105 18.68 23.97 12.56
C THR A 105 19.31 25.22 11.93
N GLN A 106 20.63 25.34 12.01
CA GLN A 106 21.32 26.50 11.44
C GLN A 106 21.09 26.55 9.93
N GLU A 107 21.25 25.42 9.24
CA GLU A 107 21.06 25.41 7.80
C GLU A 107 19.62 25.72 7.42
N LEU A 108 18.65 25.14 8.15
CA LEU A 108 17.25 25.39 7.86
C LEU A 108 16.90 26.86 8.04
N ASN A 109 17.39 27.47 9.12
CA ASN A 109 17.10 28.88 9.36
C ASN A 109 17.79 29.78 8.33
N THR A 110 19.02 29.42 7.94
CA THR A 110 19.71 30.19 6.91
C THR A 110 18.96 30.14 5.59
N ARG A 111 18.46 28.96 5.21
CA ARG A 111 17.67 28.85 3.98
C ARG A 111 16.36 29.62 4.10
N LEU A 112 15.70 29.55 5.26
CA LEU A 112 14.43 30.23 5.44
C LEU A 112 14.60 31.75 5.42
N ASP A 113 15.75 32.24 5.87
CA ASP A 113 16.01 33.68 5.80
C ASP A 113 16.01 34.17 4.36
N LYS A 114 16.70 33.44 3.48
CA LYS A 114 16.72 33.81 2.07
C LYS A 114 15.35 33.58 1.42
N ILE A 115 14.61 32.58 1.90
CA ILE A 115 13.24 32.38 1.41
C ILE A 115 12.38 33.58 1.71
N ASP A 116 12.43 34.08 2.96
CA ASP A 116 11.61 35.21 3.35
C ASP A 116 12.14 36.52 2.77
N SER A 117 13.41 36.57 2.42
CA SER A 117 13.99 37.80 1.88
C SER A 117 13.33 38.20 0.56
N THR A 118 13.07 37.22 -0.31
CA THR A 118 12.52 37.49 -1.63
C THR A 118 11.02 37.17 -1.73
N LEU A 119 10.31 37.08 -0.60
CA LEU A 119 8.88 36.88 -0.58
C LEU A 119 8.19 38.10 0.03
N SER A 120 8.69 39.29 -0.31
CA SER A 120 8.19 40.52 0.30
C SER A 120 6.72 40.82 0.01
N PRO A 121 6.20 40.71 -1.23
CA PRO A 121 4.85 41.22 -1.50
C PRO A 121 3.76 40.63 -0.61
N TYR A 122 3.83 39.34 -0.30
CA TYR A 122 2.87 38.71 0.61
C TYR A 122 3.53 38.28 1.92
N ASN A 123 4.55 39.02 2.36
CA ASN A 123 5.17 38.77 3.66
C ASN A 123 4.42 39.55 4.72
N ASN A 124 3.39 38.94 5.29
CA ASN A 124 2.58 39.54 6.33
C ASN A 124 3.01 38.92 7.65
N VAL A 125 3.67 39.72 8.49
CA VAL A 125 4.36 39.24 9.68
C VAL A 125 3.43 39.21 10.89
N LYS A 126 2.61 40.26 11.05
CA LYS A 126 1.77 40.35 12.24
C LYS A 126 0.79 39.18 12.33
N LYS A 127 0.17 38.81 11.20
CA LYS A 127 -0.75 37.68 11.21
C LYS A 127 -0.03 36.38 11.55
N ASP A 128 1.17 36.18 10.97
CA ASP A 128 1.93 34.97 11.27
C ASP A 128 2.30 34.89 12.74
N ARG A 129 2.78 36.01 13.31
CA ARG A 129 3.11 36.03 14.73
C ARG A 129 1.89 35.75 15.59
N TRP A 130 0.76 36.39 15.27
CA TRP A 130 -0.46 36.18 16.05
C TRP A 130 -0.92 34.72 15.97
N ARG A 131 -0.87 34.13 14.77
CA ARG A 131 -1.30 32.75 14.61
C ARG A 131 -0.41 31.80 15.38
N ALA A 132 0.92 32.00 15.28
CA ALA A 132 1.85 31.12 15.99
C ALA A 132 1.68 31.23 17.50
N TYR A 133 1.59 32.46 18.00
CA TYR A 133 1.43 32.65 19.44
C TYR A 133 0.10 32.09 19.92
N ALA A 134 -0.97 32.29 19.15
CA ALA A 134 -2.27 31.75 19.53
C ALA A 134 -2.24 30.22 19.55
N MET A 135 -1.62 29.60 18.54
CA MET A 135 -1.53 28.14 18.51
C MET A 135 -0.75 27.62 19.71
N ALA A 136 0.39 28.23 20.00
CA ALA A 136 1.19 27.78 21.13
C ALA A 136 0.44 27.96 22.45
N THR A 137 -0.19 29.12 22.64
CA THR A 137 -0.92 29.37 23.88
C THR A 137 -2.11 28.42 24.02
N VAL A 138 -2.84 28.17 22.94
CA VAL A 138 -3.97 27.26 23.00
C VAL A 138 -3.51 25.85 23.32
N SER A 139 -2.44 25.39 22.69
CA SER A 139 -1.93 24.05 22.97
C SER A 139 -1.51 23.93 24.44
N LEU A 140 -0.74 24.89 24.94
CA LEU A 140 -0.28 24.84 26.32
C LEU A 140 -1.46 24.92 27.29
N ILE A 141 -2.46 25.77 26.99
CA ILE A 141 -3.59 25.91 27.90
C ILE A 141 -4.45 24.65 27.90
N VAL A 142 -4.73 24.09 26.72
CA VAL A 142 -5.55 22.89 26.65
C VAL A 142 -4.87 21.75 27.39
N ILE A 143 -3.55 21.58 27.19
CA ILE A 143 -2.87 20.52 27.93
C ILE A 143 -2.81 20.85 29.42
N GLY A 144 -2.78 22.14 29.79
CA GLY A 144 -2.74 22.48 31.19
C GLY A 144 -4.02 22.11 31.92
N ILE A 145 -5.16 22.55 31.39
CA ILE A 145 -6.44 22.13 31.99
C ILE A 145 -6.68 20.63 31.83
N LEU A 146 -6.15 20.00 30.76
CA LEU A 146 -6.30 18.55 30.67
C LEU A 146 -5.54 17.84 31.78
N LEU A 147 -4.29 18.24 32.03
CA LEU A 147 -3.53 17.62 33.12
C LEU A 147 -4.15 17.94 34.47
N GLY A 148 -4.67 19.16 34.64
CA GLY A 148 -5.37 19.49 35.87
C GLY A 148 -6.59 18.63 36.10
N LEU A 149 -7.40 18.44 35.05
CA LEU A 149 -8.59 17.60 35.15
C LEU A 149 -8.21 16.14 35.41
N ASP A 150 -7.13 15.67 34.78
CA ASP A 150 -6.67 14.30 35.03
C ASP A 150 -6.23 14.13 36.48
N VAL A 151 -5.48 15.10 37.01
CA VAL A 151 -5.11 15.08 38.42
C VAL A 151 -6.35 15.05 39.29
N GLY A 152 -7.34 15.87 38.96
CA GLY A 152 -8.54 15.94 39.77
C GLY A 152 -9.31 14.62 39.79
N THR A 153 -9.53 14.02 38.61
CA THR A 153 -10.30 12.80 38.56
C THR A 153 -9.55 11.64 39.22
N TRP A 154 -8.23 11.58 39.03
CA TRP A 154 -7.48 10.52 39.68
C TRP A 154 -7.45 10.71 41.19
N VAL A 155 -7.39 11.95 41.66
CA VAL A 155 -7.49 12.22 43.09
C VAL A 155 -8.85 11.78 43.62
N ARG A 156 -9.91 12.06 42.86
CA ARG A 156 -11.26 11.67 43.27
C ARG A 156 -11.37 10.16 43.40
N MET A 157 -10.91 9.42 42.38
CA MET A 157 -10.98 7.96 42.46
C MET A 157 -10.11 7.40 43.58
N ALA A 158 -8.91 7.97 43.76
CA ALA A 158 -8.02 7.48 44.81
C ALA A 158 -8.61 7.71 46.19
N GLN A 159 -9.24 8.86 46.41
CA GLN A 159 -9.91 9.14 47.67
C GLN A 159 -11.22 8.38 47.83
N GLU A 160 -11.75 7.84 46.72
CA GLU A 160 -12.94 7.00 46.79
C GLU A 160 -12.66 5.72 47.60
N MET A 161 -11.47 5.15 47.45
CA MET A 161 -11.12 3.99 48.27
C MET A 161 -10.00 4.34 49.24
N GLU A 166 -0.85 8.45 54.84
CA GLU A 166 -0.91 9.55 53.88
C GLU A 166 -2.02 9.33 52.84
N ASP A 167 -2.97 8.45 53.17
CA ASP A 167 -4.09 8.12 52.30
C ASP A 167 -3.60 7.74 50.90
N THR A 168 -3.65 8.70 49.98
CA THR A 168 -3.21 8.48 48.61
C THR A 168 -2.54 9.68 47.96
N GLU A 169 -2.34 10.79 48.70
CA GLU A 169 -1.87 12.01 48.06
C GLU A 169 -0.49 11.83 47.43
N LEU A 170 0.44 11.20 48.15
CA LEU A 170 1.76 10.95 47.57
C LEU A 170 1.69 9.93 46.45
N ASN A 171 0.76 8.97 46.54
CA ASN A 171 0.60 7.99 45.47
C ASN A 171 0.11 8.66 44.18
N VAL A 172 -0.74 9.67 44.31
CA VAL A 172 -1.28 10.34 43.13
C VAL A 172 -0.34 11.44 42.62
N GLN A 173 0.42 12.10 43.49
CA GLN A 173 1.43 13.04 43.02
C GLN A 173 2.74 12.36 42.63
N TRP A 174 2.81 11.03 42.73
CA TRP A 174 3.90 10.28 42.14
C TRP A 174 3.90 10.34 40.62
N TYR A 175 2.80 10.81 40.02
CA TYR A 175 2.68 10.95 38.58
C TYR A 175 2.85 12.39 38.12
N ILE A 176 3.22 13.30 39.01
CA ILE A 176 3.53 14.67 38.60
C ILE A 176 4.64 14.69 37.55
N PRO A 177 5.73 13.91 37.67
CA PRO A 177 6.69 13.85 36.56
C PRO A 177 6.08 13.38 35.25
N PHE A 178 5.08 12.49 35.29
CA PHE A 178 4.44 12.04 34.08
C PHE A 178 3.73 13.18 33.36
N TYR A 179 3.02 14.03 34.11
CA TYR A 179 2.35 15.16 33.50
C TYR A 179 3.33 16.25 33.10
N SER A 180 4.42 16.41 33.85
CA SER A 180 5.48 17.32 33.41
C SER A 180 6.08 16.87 32.09
N LEU A 181 6.21 15.55 31.90
CA LEU A 181 6.71 15.02 30.64
C LEU A 181 5.69 15.19 29.52
N TYR A 182 4.40 15.06 29.85
CA TYR A 182 3.35 15.41 28.91
C TYR A 182 3.45 16.87 28.46
N PHE A 183 3.84 17.76 29.38
CA PHE A 183 4.08 19.15 29.00
C PHE A 183 5.18 19.27 27.96
N ILE A 184 6.27 18.52 28.14
CA ILE A 184 7.36 18.55 27.16
C ILE A 184 6.91 17.96 25.84
N LEU A 185 6.04 16.94 25.88
CA LEU A 185 5.49 16.38 24.65
C LEU A 185 4.65 17.43 23.92
N THR A 186 3.84 18.19 24.67
CA THR A 186 3.07 19.27 24.06
C THR A 186 4.00 20.32 23.45
N GLY A 187 5.10 20.64 24.13
CA GLY A 187 6.05 21.58 23.57
C GLY A 187 6.69 21.08 22.28
N LEU A 188 7.03 19.78 22.24
CA LEU A 188 7.57 19.20 21.02
C LEU A 188 6.56 19.24 19.88
N HIS A 189 5.29 18.95 20.17
CA HIS A 189 4.25 19.07 19.17
C HIS A 189 4.13 20.51 18.68
N ILE A 190 4.21 21.47 19.59
CA ILE A 190 4.17 22.89 19.22
C ILE A 190 5.31 23.22 18.28
N ASN A 191 6.52 22.77 18.61
CA ASN A 191 7.68 23.07 17.78
C ASN A 191 7.52 22.50 16.37
N PHE A 192 7.17 21.22 16.27
CA PHE A 192 7.06 20.61 14.95
C PHE A 192 5.91 21.23 14.15
N ALA A 193 4.78 21.50 14.80
CA ALA A 193 3.66 22.14 14.12
C ALA A 193 3.99 23.55 13.65
N ASN A 194 4.77 24.31 14.42
CA ASN A 194 5.22 25.62 13.96
C ASN A 194 6.14 25.51 12.76
N THR A 195 7.13 24.62 12.81
CA THR A 195 8.09 24.52 11.72
C THR A 195 7.42 24.05 10.42
N ALA A 196 6.61 22.99 10.51
CA ALA A 196 5.97 22.46 9.31
C ALA A 196 4.94 23.44 8.75
N TYR A 197 4.20 24.12 9.63
CA TYR A 197 3.23 25.10 9.15
C TYR A 197 3.92 26.30 8.52
N GLY A 198 5.08 26.71 9.03
CA GLY A 198 5.85 27.74 8.35
C GLY A 198 6.35 27.31 6.99
N LEU A 199 6.83 26.08 6.86
CA LEU A 199 7.22 25.58 5.55
C LEU A 199 6.04 25.56 4.59
N GLY A 200 4.87 25.10 5.04
CA GLY A 200 3.68 25.13 4.21
C GLY A 200 3.23 26.51 3.82
N ARG A 201 3.30 27.48 4.74
CA ARG A 201 2.93 28.85 4.42
C ARG A 201 3.89 29.45 3.41
N ARG A 202 5.19 29.16 3.54
CA ARG A 202 6.13 29.62 2.52
C ARG A 202 5.89 28.96 1.17
N TYR A 203 5.51 27.68 1.16
CA TYR A 203 5.10 27.05 -0.11
C TYR A 203 3.87 27.73 -0.70
N LYS A 204 2.92 28.12 0.16
CA LYS A 204 1.74 28.84 -0.32
C LYS A 204 2.14 30.18 -0.94
N ARG A 205 3.05 30.90 -0.31
CA ARG A 205 3.51 32.18 -0.86
C ARG A 205 4.25 31.97 -2.18
N LEU A 206 5.05 30.90 -2.27
CA LEU A 206 5.71 30.59 -3.53
C LEU A 206 4.70 30.31 -4.63
N ASN A 207 3.66 29.53 -4.33
CA ASN A 207 2.61 29.26 -5.30
C ASN A 207 1.86 30.50 -5.70
N GLN A 208 1.65 31.41 -4.76
CA GLN A 208 1.00 32.69 -5.02
C GLN A 208 1.82 33.61 -5.91
N MET A 209 3.15 33.63 -5.75
CA MET A 209 3.99 34.44 -6.62
C MET A 209 3.73 34.13 -8.09
N LEU A 210 3.91 32.86 -8.49
CA LEU A 210 3.67 32.47 -9.87
C LEU A 210 2.19 32.54 -10.25
N ARG A 211 1.29 32.46 -9.28
CA ARG A 211 -0.14 32.49 -9.59
C ARG A 211 -0.65 33.89 -9.90
N THR A 212 -0.07 34.92 -9.28
CA THR A 212 -0.49 36.29 -9.50
C THR A 212 0.42 37.08 -10.42
N SER A 213 1.74 36.89 -10.33
CA SER A 213 2.66 37.69 -11.12
C SER A 213 2.71 37.29 -12.59
N TYR A 214 2.28 36.09 -12.93
CA TYR A 214 2.35 35.60 -14.30
C TYR A 214 1.01 35.28 -14.93
N LEU A 215 0.04 34.76 -14.17
CA LEU A 215 -1.29 34.46 -14.70
C LEU A 215 -2.21 35.67 -14.72
N SER A 216 -1.71 36.86 -14.44
CA SER A 216 -2.52 38.08 -14.51
C SER A 216 -3.03 38.33 -15.92
N ALA A 263 13.79 45.75 -21.06
CA ALA A 263 12.58 45.05 -21.49
C ALA A 263 11.85 44.42 -20.30
N THR A 264 11.58 43.12 -20.41
CA THR A 264 10.89 42.39 -19.35
C THR A 264 11.75 41.31 -18.70
N LYS A 265 13.05 41.54 -18.48
CA LYS A 265 13.89 40.53 -17.87
C LYS A 265 13.55 40.32 -16.41
N ASN A 266 12.73 41.22 -15.83
CA ASN A 266 12.28 41.03 -14.46
C ASN A 266 11.48 39.75 -14.30
N LYS A 267 10.75 39.35 -15.35
CA LYS A 267 10.04 38.08 -15.32
C LYS A 267 11.01 36.91 -15.22
N SER A 268 12.11 36.96 -15.98
CA SER A 268 13.12 35.92 -15.87
C SER A 268 13.77 35.91 -14.50
N LEU A 269 14.01 37.09 -13.93
CA LEU A 269 14.56 37.17 -12.58
C LEU A 269 13.63 36.55 -11.56
N LEU A 270 12.32 36.82 -11.70
CA LEU A 270 11.34 36.21 -10.80
C LEU A 270 11.31 34.70 -10.98
N ILE A 271 11.41 34.22 -12.22
CA ILE A 271 11.46 32.78 -12.48
C ILE A 271 12.65 32.16 -11.75
N ARG A 272 13.83 32.76 -11.89
CA ARG A 272 15.02 32.21 -11.26
C ARG A 272 14.90 32.24 -9.73
N ALA A 273 14.39 33.34 -9.20
CA ALA A 273 14.24 33.46 -7.75
C ALA A 273 13.25 32.43 -7.21
N MET A 274 12.15 32.19 -7.93
CA MET A 274 11.18 31.19 -7.47
C MET A 274 11.71 29.77 -7.63
N ALA A 275 12.53 29.52 -8.66
CA ALA A 275 13.17 28.21 -8.75
C ALA A 275 14.10 27.97 -7.57
N ASP A 276 14.90 28.98 -7.22
CA ASP A 276 15.76 28.88 -6.04
C ASP A 276 14.94 28.70 -4.77
N ASN A 277 13.80 29.41 -4.68
CA ASN A 277 12.93 29.29 -3.52
C ASN A 277 12.36 27.88 -3.40
N HIS A 278 11.94 27.30 -4.53
CA HIS A 278 11.37 25.95 -4.47
C HIS A 278 12.43 24.93 -4.12
N GLU A 279 13.66 25.09 -4.62
CA GLU A 279 14.74 24.23 -4.16
C GLU A 279 14.98 24.39 -2.66
N SER A 280 14.99 25.63 -2.17
CA SER A 280 15.27 25.86 -0.76
C SER A 280 14.17 25.27 0.11
N LEU A 281 12.92 25.35 -0.33
CA LEU A 281 11.82 24.76 0.44
C LEU A 281 11.88 23.24 0.40
N GLY A 282 12.20 22.66 -0.77
CA GLY A 282 12.34 21.22 -0.85
C GLY A 282 13.47 20.69 0.03
N LYS A 283 14.57 21.44 0.10
CA LYS A 283 15.68 21.08 0.97
C LYS A 283 15.37 21.34 2.44
N CYS A 284 14.55 22.34 2.73
CA CYS A 284 14.14 22.62 4.10
C CYS A 284 13.23 21.51 4.62
N VAL A 285 12.38 20.96 3.75
CA VAL A 285 11.58 19.79 4.14
C VAL A 285 12.49 18.62 4.50
N ARG A 286 13.54 18.40 3.71
CA ARG A 286 14.49 17.34 4.01
C ARG A 286 15.24 17.62 5.31
N LEU A 287 15.60 18.88 5.54
CA LEU A 287 16.27 19.24 6.79
C LEU A 287 15.37 19.00 8.00
N LEU A 288 14.08 19.34 7.87
CA LEU A 288 13.13 19.07 8.95
C LEU A 288 12.97 17.57 9.17
N SER A 289 12.92 16.79 8.08
CA SER A 289 12.87 15.34 8.19
C SER A 289 14.12 14.76 8.83
N ARG A 290 15.27 15.43 8.67
CA ARG A 290 16.48 15.03 9.37
C ARG A 290 16.44 15.42 10.84
N PHE A 291 15.82 16.57 11.16
CA PHE A 291 15.81 17.05 12.54
C PHE A 291 14.78 16.33 13.38
N TYR A 292 13.52 16.33 12.96
CA TYR A 292 12.43 15.74 13.73
C TYR A 292 11.83 14.51 13.05
N GLY A 293 12.61 13.80 12.23
CA GLY A 293 12.07 12.63 11.55
C GLY A 293 11.76 11.48 12.49
N ILE A 294 12.71 11.13 13.34
CA ILE A 294 12.49 10.06 14.30
C ILE A 294 11.62 10.51 15.47
N ALA A 295 11.72 11.78 15.86
CA ALA A 295 10.83 12.32 16.89
C ALA A 295 9.38 12.26 16.43
N VAL A 296 9.12 12.59 15.16
CA VAL A 296 7.76 12.50 14.65
C VAL A 296 7.30 11.05 14.54
N LEU A 297 8.21 10.14 14.19
CA LEU A 297 7.86 8.72 14.19
C LEU A 297 7.40 8.26 15.56
N PHE A 298 8.18 8.59 16.59
CA PHE A 298 7.83 8.16 17.94
C PHE A 298 6.59 8.90 18.44
N ILE A 299 6.38 10.14 17.98
CA ILE A 299 5.15 10.85 18.31
C ILE A 299 3.93 10.16 17.72
N LEU A 300 4.04 9.72 16.46
CA LEU A 300 2.94 8.99 15.83
C LEU A 300 2.69 7.66 16.52
N VAL A 301 3.76 6.95 16.90
CA VAL A 301 3.61 5.70 17.63
C VAL A 301 2.91 5.93 18.97
N SER A 302 3.34 6.98 19.69
CA SER A 302 2.70 7.32 20.96
C SER A 302 1.24 7.67 20.77
N CYS A 303 0.93 8.42 19.71
CA CYS A 303 -0.45 8.83 19.47
C CYS A 303 -1.33 7.63 19.14
N LEU A 304 -0.83 6.70 18.32
CA LEU A 304 -1.60 5.49 18.03
C LEU A 304 -1.79 4.65 19.29
N LEU A 305 -0.73 4.47 20.07
CA LEU A 305 -0.85 3.70 21.30
C LEU A 305 -1.85 4.33 22.25
N HIS A 306 -1.84 5.66 22.36
CA HIS A 306 -2.78 6.34 23.23
C HIS A 306 -4.21 6.27 22.69
N LEU A 307 -4.38 6.41 21.37
CA LEU A 307 -5.71 6.32 20.78
C LEU A 307 -6.32 4.93 20.97
N VAL A 308 -5.50 3.89 21.04
CA VAL A 308 -5.98 2.55 21.36
C VAL A 308 -6.22 2.38 22.85
N ALA A 309 -5.27 2.80 23.69
CA ALA A 309 -5.34 2.51 25.12
C ALA A 309 -6.42 3.32 25.81
N THR A 310 -6.55 4.60 25.47
CA THR A 310 -7.59 5.43 26.05
C THR A 310 -8.99 4.93 25.66
N ALA A 311 -9.14 4.52 24.41
CA ALA A 311 -10.42 3.93 23.99
C ALA A 311 -10.72 2.64 24.74
N TYR A 312 -9.70 1.79 24.93
CA TYR A 312 -9.91 0.55 25.68
C TYR A 312 -10.29 0.84 27.13
N PHE A 313 -9.62 1.82 27.75
CA PHE A 313 -9.98 2.22 29.12
C PHE A 313 -11.39 2.77 29.19
N LEU A 314 -11.78 3.59 28.21
CA LEU A 314 -13.13 4.14 28.20
C LEU A 314 -14.17 3.03 28.07
N PHE A 315 -13.93 2.08 27.17
CA PHE A 315 -14.86 0.96 27.01
C PHE A 315 -14.95 0.13 28.29
N LEU A 316 -13.80 -0.18 28.90
CA LEU A 316 -13.81 -0.96 30.14
C LEU A 316 -14.54 -0.20 31.25
N GLU A 317 -14.29 1.09 31.36
CA GLU A 317 -14.88 1.88 32.44
C GLU A 317 -16.39 1.99 32.26
N MET A 318 -16.84 2.15 31.00
CA MET A 318 -18.27 2.15 30.73
C MET A 318 -18.89 0.79 31.03
N LEU A 319 -18.19 -0.29 30.70
CA LEU A 319 -18.71 -1.62 31.00
C LEU A 319 -18.82 -1.85 32.50
N ASN A 320 -17.88 -1.31 33.29
CA ASN A 320 -17.91 -1.48 34.73
C ASN A 320 -18.96 -0.60 35.41
N LYS A 321 -19.51 0.38 34.70
CA LYS A 321 -20.56 1.27 35.22
C LYS A 321 -20.09 2.05 36.45
N ARG A 322 -19.02 2.81 36.24
CA ARG A 322 -18.42 3.66 37.27
C ARG A 322 -18.79 5.12 37.03
N ASP A 323 -18.13 6.01 37.78
CA ASP A 323 -18.50 7.42 37.78
C ASP A 323 -18.28 8.06 36.41
N ASN A 324 -19.05 9.12 36.15
CA ASN A 324 -19.03 9.80 34.86
C ASN A 324 -17.81 10.70 34.67
N GLY A 325 -17.15 11.09 35.77
CA GLY A 325 -16.01 11.99 35.63
C GLY A 325 -14.85 11.37 34.87
N TYR A 326 -14.51 10.12 35.21
CA TYR A 326 -13.43 9.45 34.50
C TYR A 326 -13.79 9.21 33.04
N VAL A 327 -15.06 8.91 32.76
CA VAL A 327 -15.50 8.71 31.38
C VAL A 327 -15.36 10.00 30.58
N TRP A 328 -15.79 11.12 31.16
CA TRP A 328 -15.66 12.40 30.46
C TRP A 328 -14.20 12.81 30.28
N VAL A 329 -13.37 12.54 31.29
CA VAL A 329 -11.95 12.85 31.19
C VAL A 329 -11.30 12.04 30.08
N GLN A 330 -11.68 10.76 29.96
CA GLN A 330 -11.12 9.93 28.90
C GLN A 330 -11.65 10.34 27.52
N MET A 331 -12.89 10.80 27.45
CA MET A 331 -13.39 11.36 26.19
C MET A 331 -12.58 12.59 25.79
N LEU A 332 -12.30 13.47 26.76
CA LEU A 332 -11.47 14.64 26.49
C LEU A 332 -10.06 14.22 26.07
N TRP A 333 -9.52 13.18 26.70
CA TRP A 333 -8.20 12.68 26.33
C TRP A 333 -8.18 12.14 24.92
N ILE A 334 -9.24 11.43 24.52
CA ILE A 334 -9.33 10.92 23.15
C ILE A 334 -9.41 12.08 22.16
N ILE A 335 -10.21 13.10 22.48
CA ILE A 335 -10.30 14.27 21.61
C ILE A 335 -8.94 14.96 21.49
N PHE A 336 -8.23 15.09 22.62
CA PHE A 336 -6.92 15.73 22.60
C PHE A 336 -5.91 14.91 21.81
N HIS A 337 -5.98 13.57 21.92
CA HIS A 337 -5.07 12.73 21.14
C HIS A 337 -5.37 12.84 19.66
N PHE A 338 -6.65 12.92 19.29
CA PHE A 338 -7.00 13.13 17.89
C PHE A 338 -6.50 14.47 17.39
N LEU A 339 -6.62 15.53 18.20
CA LEU A 339 -6.09 16.83 17.81
C LEU A 339 -4.57 16.82 17.71
N ARG A 340 -3.90 16.09 18.62
CA ARG A 340 -2.46 15.95 18.55
C ARG A 340 -2.03 15.25 17.26
N LEU A 341 -2.77 14.20 16.88
CA LEU A 341 -2.50 13.55 15.60
C LEU A 341 -2.75 14.51 14.44
N LEU A 342 -3.78 15.35 14.56
CA LEU A 342 -4.01 16.42 13.59
C LEU A 342 -3.16 17.65 13.90
N MET A 343 -1.88 17.40 14.16
CA MET A 343 -0.88 18.45 14.25
C MET A 343 0.45 18.03 13.64
N VAL A 344 0.57 16.78 13.19
CA VAL A 344 1.74 16.31 12.48
C VAL A 344 1.38 15.88 11.06
N VAL A 345 0.29 15.12 10.89
CA VAL A 345 -0.14 14.72 9.56
C VAL A 345 -0.73 15.91 8.80
N GLU A 346 -1.43 16.80 9.51
CA GLU A 346 -2.05 17.95 8.85
C GLU A 346 -1.04 18.92 8.26
N PRO A 347 -0.03 19.40 9.00
CA PRO A 347 0.91 20.34 8.37
C PRO A 347 1.74 19.72 7.27
N CYS A 348 2.19 18.47 7.46
CA CYS A 348 2.95 17.79 6.40
C CYS A 348 2.08 17.58 5.16
N HIS A 349 0.82 17.20 5.35
CA HIS A 349 -0.07 17.04 4.21
C HIS A 349 -0.30 18.38 3.50
N LEU A 350 -0.47 19.46 4.26
CA LEU A 350 -0.66 20.77 3.65
C LEU A 350 0.58 21.17 2.85
N ALA A 351 1.76 20.97 3.42
CA ALA A 351 2.99 21.32 2.72
C ALA A 351 3.16 20.50 1.44
N ALA A 352 2.90 19.19 1.51
CA ALA A 352 3.04 18.35 0.33
C ALA A 352 2.02 18.73 -0.74
N ARG A 353 0.78 18.98 -0.33
CA ARG A 353 -0.26 19.35 -1.28
C ARG A 353 0.04 20.69 -1.95
N GLU A 354 0.57 21.65 -1.19
CA GLU A 354 0.91 22.94 -1.76
C GLU A 354 2.14 22.86 -2.66
N ALA A 355 3.10 21.98 -2.31
CA ALA A 355 4.25 21.78 -3.19
C ALA A 355 3.84 21.11 -4.50
N ARG A 356 2.89 20.17 -4.43
CA ARG A 356 2.42 19.51 -5.64
C ARG A 356 1.63 20.43 -6.55
N LYS A 357 1.14 21.56 -6.03
CA LYS A 357 0.33 22.49 -6.80
C LYS A 357 1.14 23.60 -7.47
N THR A 358 2.41 23.33 -7.79
CA THR A 358 3.27 24.32 -8.44
C THR A 358 3.46 24.06 -9.93
N ILE A 359 3.73 22.82 -10.32
CA ILE A 359 3.89 22.49 -11.74
C ILE A 359 2.55 22.63 -12.45
N GLN A 360 1.46 22.28 -11.76
CA GLN A 360 0.12 22.38 -12.33
C GLN A 360 -0.24 23.82 -12.65
N ILE A 361 0.46 24.78 -12.04
CA ILE A 361 0.34 26.18 -12.46
C ILE A 361 1.52 26.61 -13.31
N VAL A 362 2.65 25.89 -13.26
CA VAL A 362 3.80 26.24 -14.08
C VAL A 362 3.49 26.03 -15.56
N CYS A 363 2.70 25.00 -15.89
CA CYS A 363 2.32 24.80 -17.28
C CYS A 363 1.63 26.04 -17.86
N GLU A 364 0.92 26.79 -17.02
CA GLU A 364 0.20 27.97 -17.49
C GLU A 364 1.15 29.01 -18.04
N ILE A 365 2.25 29.28 -17.32
CA ILE A 365 3.27 30.16 -17.87
C ILE A 365 3.96 29.49 -19.05
N GLU A 366 4.08 28.16 -19.01
CA GLU A 366 4.71 27.45 -20.13
C GLU A 366 3.98 27.73 -21.44
N ARG A 367 2.66 27.90 -21.39
CA ARG A 367 1.95 28.29 -22.61
C ARG A 367 1.87 29.79 -22.80
N LYS A 368 1.84 30.57 -21.73
CA LYS A 368 1.51 32.00 -21.76
C LYS A 368 2.79 32.82 -21.83
N VAL A 369 3.79 32.29 -22.53
CA VAL A 369 5.08 32.95 -22.70
C VAL A 369 5.42 32.93 -24.19
N PHE A 370 6.18 33.93 -24.61
CA PHE A 370 6.54 34.07 -26.01
C PHE A 370 8.04 34.27 -26.17
N GLU A 371 8.68 34.83 -25.16
CA GLU A 371 10.10 35.12 -25.23
C GLU A 371 10.92 33.83 -25.23
N PRO A 372 11.93 33.71 -26.09
CA PRO A 372 12.70 32.45 -26.16
C PRO A 372 13.49 32.13 -24.89
N ILE A 373 13.77 33.12 -24.05
CA ILE A 373 14.55 32.88 -22.84
C ILE A 373 13.66 32.50 -21.66
N LEU A 374 12.53 33.21 -21.51
CA LEU A 374 11.63 32.91 -20.42
C LEU A 374 11.00 31.52 -20.58
N VAL A 375 10.77 31.08 -21.82
CA VAL A 375 10.24 29.73 -22.03
C VAL A 375 11.26 28.68 -21.61
N GLU A 376 12.54 28.92 -21.89
CA GLU A 376 13.58 27.97 -21.48
C GLU A 376 13.70 27.96 -19.96
N GLU A 377 13.60 29.13 -19.33
CA GLU A 377 13.61 29.19 -17.87
C GLU A 377 12.45 28.43 -17.26
N THR A 378 11.25 28.60 -17.82
CA THR A 378 10.09 27.87 -17.34
C THR A 378 10.23 26.38 -17.60
N LYS A 379 10.93 26.01 -18.68
CA LYS A 379 11.20 24.60 -18.95
C LYS A 379 12.09 24.01 -17.87
N LYS A 380 13.11 24.75 -17.44
CA LYS A 380 13.94 24.28 -16.33
C LYS A 380 13.13 24.15 -15.06
N PHE A 381 12.26 25.13 -14.78
CA PHE A 381 11.42 25.06 -13.60
C PHE A 381 10.49 23.86 -13.65
N TRP A 382 9.90 23.60 -14.82
CA TRP A 382 9.06 22.43 -15.01
C TRP A 382 9.84 21.14 -14.80
N GLN A 383 11.09 21.11 -15.26
CA GLN A 383 11.93 19.93 -15.06
C GLN A 383 12.16 19.70 -13.57
N GLN A 384 12.39 20.78 -12.82
CA GLN A 384 12.46 20.67 -11.36
C GLN A 384 11.19 20.03 -10.79
N LEU A 385 10.03 20.66 -11.04
CA LEU A 385 8.80 20.17 -10.43
C LEU A 385 8.44 18.76 -10.90
N LEU A 386 8.90 18.36 -12.08
CA LEU A 386 8.78 16.96 -12.46
C LEU A 386 9.72 16.09 -11.64
N VAL A 387 10.87 16.63 -11.25
CA VAL A 387 11.88 15.90 -10.49
C VAL A 387 11.66 15.99 -8.99
N ASP A 388 11.30 17.17 -8.48
CA ASP A 388 11.28 17.42 -7.04
C ASP A 388 10.17 16.61 -6.35
N ASP A 389 10.39 16.34 -5.07
CA ASP A 389 9.42 15.67 -4.22
C ASP A 389 9.62 16.17 -2.80
N ALA A 390 8.62 16.86 -2.26
CA ALA A 390 8.74 17.55 -0.98
C ALA A 390 7.80 16.95 0.07
N GLU A 391 7.75 15.63 0.14
CA GLU A 391 6.94 14.93 1.13
C GLU A 391 7.77 14.65 2.38
N PHE A 392 7.23 15.01 3.54
CA PHE A 392 7.91 14.76 4.79
C PHE A 392 7.97 13.26 5.06
N SER A 393 9.13 12.79 5.52
CA SER A 393 9.35 11.37 5.80
C SER A 393 9.76 11.22 7.27
N ALA A 394 9.15 10.25 7.95
CA ALA A 394 9.49 9.95 9.34
C ALA A 394 10.75 9.10 9.38
N SER A 395 11.86 9.71 8.95
CA SER A 395 13.17 9.06 8.87
C SER A 395 13.14 7.85 7.95
N GLY A 396 12.31 7.89 6.92
CA GLY A 396 12.29 6.88 5.88
C GLY A 396 11.31 5.74 6.11
N LEU A 397 10.82 5.56 7.34
CA LEU A 397 9.90 4.46 7.60
C LEU A 397 8.53 4.70 6.96
N CYS A 398 8.03 5.94 7.02
CA CYS A 398 6.73 6.25 6.47
C CYS A 398 6.70 7.71 6.03
N ARG A 399 5.77 8.02 5.13
CA ARG A 399 5.57 9.38 4.65
C ARG A 399 4.40 9.98 5.42
N VAL A 400 4.65 11.09 6.11
CA VAL A 400 3.64 11.69 6.98
C VAL A 400 2.68 12.51 6.12
N ASN A 401 1.41 12.10 6.09
CA ASN A 401 0.36 12.81 5.39
C ASN A 401 -0.98 12.36 5.96
N ARG A 402 -2.07 12.78 5.33
CA ARG A 402 -3.40 12.42 5.82
C ARG A 402 -3.72 10.95 5.63
N THR A 403 -3.02 10.26 4.71
CA THR A 403 -3.26 8.84 4.52
C THR A 403 -2.99 8.04 5.79
N ILE A 404 -2.06 8.52 6.62
CA ILE A 404 -1.80 7.87 7.90
C ILE A 404 -3.08 7.83 8.73
N LEU A 405 -3.87 8.90 8.69
CA LEU A 405 -5.14 8.92 9.40
C LEU A 405 -6.00 7.73 9.03
N THR A 406 -5.97 7.32 7.76
CA THR A 406 -6.66 6.10 7.37
C THR A 406 -6.02 4.87 8.01
N SER A 407 -4.70 4.72 7.85
CA SER A 407 -4.03 3.52 8.33
C SER A 407 -4.18 3.38 9.84
N PHE A 408 -3.99 4.47 10.59
CA PHE A 408 -4.24 4.45 12.02
C PHE A 408 -5.63 3.92 12.32
N ALA A 409 -6.64 4.41 11.61
CA ALA A 409 -7.99 3.89 11.79
C ALA A 409 -8.02 2.40 11.48
N SER A 410 -7.41 2.00 10.35
CA SER A 410 -7.37 0.59 9.99
C SER A 410 -6.68 -0.24 11.07
N ALA A 411 -5.82 0.40 11.86
CA ALA A 411 -5.26 -0.28 13.02
C ALA A 411 -6.25 -0.23 14.19
N ILE A 412 -6.76 0.96 14.51
CA ILE A 412 -7.60 1.11 15.69
C ILE A 412 -8.87 0.28 15.54
N ALA A 413 -9.57 0.43 14.42
CA ALA A 413 -10.78 -0.35 14.18
C ALA A 413 -10.49 -1.85 14.25
N THR A 414 -9.24 -2.24 13.99
CA THR A 414 -8.86 -3.63 14.23
C THR A 414 -8.79 -3.93 15.73
N TYR A 415 -7.94 -3.19 16.45
CA TYR A 415 -7.71 -3.50 17.86
C TYR A 415 -8.98 -3.37 18.67
N LEU A 416 -9.72 -2.27 18.49
CA LEU A 416 -10.99 -2.08 19.19
C LEU A 416 -12.03 -3.14 18.84
N VAL A 417 -11.86 -3.83 17.71
CA VAL A 417 -12.72 -4.97 17.40
C VAL A 417 -12.26 -6.22 18.13
N ILE A 418 -10.93 -6.40 18.25
CA ILE A 418 -10.41 -7.60 18.91
C ILE A 418 -10.61 -7.51 20.42
N LEU A 419 -9.99 -6.49 21.03
CA LEU A 419 -9.97 -6.38 22.50
C LEU A 419 -11.38 -6.43 23.07
N ILE A 420 -12.30 -5.64 22.51
CA ILE A 420 -13.68 -5.62 23.00
C ILE A 420 -14.29 -7.01 22.95
N GLN A 421 -14.10 -7.72 21.82
CA GLN A 421 -14.66 -9.06 21.70
C GLN A 421 -14.02 -10.01 22.71
N PHE A 422 -12.79 -9.73 23.12
CA PHE A 422 -12.17 -10.53 24.16
C PHE A 422 -12.73 -10.19 25.54
N GLN A 423 -13.16 -8.94 25.72
CA GLN A 423 -13.70 -8.54 27.02
C GLN A 423 -15.09 -9.14 27.25
N LYS A 424 -15.95 -9.09 26.23
CA LYS A 424 -17.31 -9.60 26.35
C LYS A 424 -17.33 -11.13 26.18
N MET B 1 27.52 -11.40 -4.55
CA MET B 1 28.45 -11.14 -3.46
C MET B 1 29.73 -10.50 -4.01
N GLU B 2 30.39 -9.68 -3.18
CA GLU B 2 31.53 -8.89 -3.60
C GLU B 2 32.82 -9.59 -3.18
N ILE B 3 33.74 -9.76 -4.14
CA ILE B 3 35.04 -10.35 -3.90
C ILE B 3 36.10 -9.31 -4.26
N SER B 4 36.95 -8.98 -3.30
CA SER B 4 38.02 -8.01 -3.54
C SER B 4 39.09 -8.19 -2.49
N GLU B 5 40.31 -7.74 -2.82
CA GLU B 5 41.40 -7.76 -1.86
C GLU B 5 41.26 -6.68 -0.80
N THR B 6 40.31 -5.75 -0.97
CA THR B 6 40.02 -4.79 0.10
C THR B 6 39.61 -5.51 1.37
N ASN B 7 38.70 -6.49 1.25
CA ASN B 7 38.30 -7.32 2.38
C ASN B 7 38.07 -8.75 1.87
N ILE B 8 39.11 -9.58 2.01
CA ILE B 8 39.04 -10.97 1.57
C ILE B 8 38.66 -11.93 2.71
N GLY B 9 38.73 -11.47 3.96
CA GLY B 9 38.33 -12.34 5.06
C GLY B 9 36.86 -12.70 5.04
N ILE B 10 36.01 -11.76 4.60
CA ILE B 10 34.58 -12.03 4.50
C ILE B 10 34.32 -13.15 3.50
N PHE B 11 34.99 -13.11 2.35
CA PHE B 11 34.83 -14.17 1.35
C PHE B 11 35.30 -15.51 1.89
N TYR B 12 36.43 -15.52 2.60
CA TYR B 12 36.94 -16.77 3.17
C TYR B 12 35.98 -17.34 4.22
N VAL B 13 35.40 -16.46 5.04
CA VAL B 13 34.44 -16.90 6.05
C VAL B 13 33.20 -17.46 5.37
N SER B 14 32.72 -16.79 4.32
CA SER B 14 31.54 -17.26 3.61
C SER B 14 31.80 -18.62 2.96
N LYS B 15 32.99 -18.80 2.38
CA LYS B 15 33.34 -20.10 1.81
C LYS B 15 33.42 -21.17 2.90
N LEU B 16 33.96 -20.82 4.06
CA LEU B 16 34.04 -21.77 5.17
C LEU B 16 32.64 -22.17 5.64
N LEU B 17 31.72 -21.21 5.70
CA LEU B 17 30.36 -21.45 6.16
C LEU B 17 29.44 -22.02 5.08
N ALA B 18 30.01 -22.60 4.03
CA ALA B 18 29.24 -23.25 2.96
C ALA B 18 28.25 -22.29 2.32
N LEU B 19 28.69 -21.06 2.07
CA LEU B 19 27.86 -20.06 1.43
C LEU B 19 28.50 -19.41 0.21
N ALA B 20 29.76 -19.75 -0.11
CA ALA B 20 30.44 -19.20 -1.27
C ALA B 20 31.52 -20.16 -1.74
N PRO B 21 31.15 -21.25 -2.41
CA PRO B 21 32.15 -22.24 -2.86
C PRO B 21 32.90 -21.76 -4.11
N TYR B 22 33.73 -20.74 -3.92
CA TYR B 22 34.39 -20.04 -5.02
C TYR B 22 35.90 -20.05 -4.79
N SER B 23 36.64 -19.63 -5.82
CA SER B 23 38.09 -19.51 -5.74
C SER B 23 38.48 -18.14 -6.27
N ALA B 24 39.27 -17.41 -5.50
CA ALA B 24 39.70 -16.05 -5.83
C ALA B 24 41.15 -16.11 -6.29
N LYS B 25 41.35 -16.19 -7.60
CA LYS B 25 42.69 -16.28 -8.18
C LYS B 25 42.93 -15.07 -9.06
N LYS B 26 44.09 -14.43 -8.89
CA LYS B 26 44.45 -13.26 -9.67
C LYS B 26 45.13 -13.66 -10.99
N ASN B 27 45.08 -12.73 -11.94
CA ASN B 27 45.95 -12.75 -13.10
C ASN B 27 46.91 -11.57 -13.00
N SER B 28 47.84 -11.48 -13.95
CA SER B 28 48.92 -10.49 -13.85
C SER B 28 48.37 -9.07 -13.88
N LYS B 29 47.27 -8.85 -14.58
CA LYS B 29 46.69 -7.52 -14.75
C LYS B 29 45.71 -7.21 -13.62
N GLY B 30 46.16 -7.42 -12.39
CA GLY B 30 45.28 -7.23 -11.24
C GLY B 30 44.06 -8.11 -11.38
N GLN B 31 42.88 -7.48 -11.30
CA GLN B 31 41.62 -8.07 -11.74
C GLN B 31 41.40 -9.46 -11.12
N LEU B 32 41.16 -9.45 -9.82
CA LEU B 32 40.85 -10.69 -9.09
C LEU B 32 39.73 -11.44 -9.80
N GLU B 33 40.00 -12.71 -10.11
CA GLU B 33 39.10 -13.54 -10.89
C GLU B 33 38.44 -14.57 -9.98
N ILE B 34 37.12 -14.70 -10.09
CA ILE B 34 36.35 -15.64 -9.28
C ILE B 34 35.99 -16.82 -10.17
N THR B 35 36.46 -18.00 -9.78
CA THR B 35 36.17 -19.23 -10.53
C THR B 35 35.39 -20.19 -9.63
N ARG B 36 34.68 -21.11 -10.27
CA ARG B 36 33.93 -22.11 -9.53
C ARG B 36 34.87 -23.13 -8.91
N SER B 37 34.70 -23.39 -7.62
CA SER B 37 35.51 -24.35 -6.88
C SER B 37 34.73 -25.66 -6.81
N TRP B 38 35.10 -26.62 -7.65
CA TRP B 38 34.41 -27.91 -7.64
C TRP B 38 34.66 -28.68 -6.35
N LEU B 39 35.87 -28.58 -5.79
CA LEU B 39 36.14 -29.23 -4.51
C LEU B 39 35.30 -28.61 -3.40
N PHE B 40 35.09 -27.30 -3.43
CA PHE B 40 34.32 -26.62 -2.40
C PHE B 40 32.82 -26.68 -2.63
N SER B 41 32.37 -26.86 -3.88
CA SER B 41 30.94 -26.97 -4.14
C SER B 41 30.36 -28.22 -3.50
N ILE B 42 31.03 -29.36 -3.66
CA ILE B 42 30.57 -30.59 -3.04
C ILE B 42 30.67 -30.50 -1.52
N TYR B 43 31.69 -29.81 -1.02
CA TYR B 43 31.79 -29.59 0.42
C TYR B 43 30.61 -28.77 0.94
N SER B 44 30.23 -27.72 0.20
CA SER B 44 29.12 -26.88 0.62
C SER B 44 27.81 -27.67 0.60
N VAL B 45 27.57 -28.43 -0.46
CA VAL B 45 26.32 -29.18 -0.53
C VAL B 45 26.27 -30.25 0.56
N CYS B 46 27.39 -30.94 0.80
CA CYS B 46 27.42 -31.95 1.85
C CYS B 46 27.22 -31.34 3.22
N LEU B 47 27.87 -30.21 3.50
CA LEU B 47 27.71 -29.56 4.80
C LEU B 47 26.29 -29.08 5.01
N CYS B 48 25.68 -28.47 3.99
CA CYS B 48 24.31 -28.00 4.11
C CYS B 48 23.35 -29.15 4.36
N LEU B 49 23.43 -30.20 3.54
CA LEU B 49 22.53 -31.34 3.71
C LEU B 49 22.72 -32.01 5.06
N ILE B 50 23.98 -32.22 5.46
CA ILE B 50 24.26 -32.88 6.73
C ILE B 50 23.76 -32.05 7.90
N MET B 51 23.99 -30.73 7.86
CA MET B 51 23.54 -29.87 8.95
C MET B 51 22.03 -29.85 9.05
N VAL B 52 21.34 -29.74 7.92
CA VAL B 52 19.87 -29.71 7.95
C VAL B 52 19.32 -31.04 8.47
N PHE B 53 19.85 -32.15 7.96
CA PHE B 53 19.40 -33.46 8.42
C PHE B 53 19.69 -33.64 9.89
N LEU B 54 20.83 -33.13 10.37
CA LEU B 54 21.20 -33.29 11.78
C LEU B 54 20.28 -32.47 12.68
N THR B 55 19.99 -31.23 12.32
CA THR B 55 19.12 -30.43 13.18
C THR B 55 17.71 -30.99 13.18
N TYR B 56 17.23 -31.48 12.03
CA TYR B 56 15.91 -32.10 12.02
C TYR B 56 15.88 -33.40 12.82
N ARG B 57 16.96 -34.20 12.72
CA ARG B 57 17.03 -35.43 13.50
C ARG B 57 17.01 -35.14 14.99
N GLY B 58 17.78 -34.13 15.42
CA GLY B 58 17.72 -33.73 16.82
C GLY B 58 16.35 -33.19 17.21
N LEU B 59 15.69 -32.49 16.28
CA LEU B 59 14.35 -31.96 16.55
C LEU B 59 13.37 -33.08 16.86
N LEU B 60 13.28 -34.07 15.96
CA LEU B 60 12.38 -35.19 16.23
C LEU B 60 12.88 -36.11 17.35
N PHE B 61 14.18 -36.13 17.63
CA PHE B 61 14.66 -36.92 18.76
C PHE B 61 14.25 -36.30 20.09
N ASP B 62 14.31 -34.97 20.19
CA ASP B 62 13.77 -34.29 21.36
C ASP B 62 12.26 -34.48 21.43
N ALA B 63 11.57 -34.37 20.30
CA ALA B 63 10.13 -34.56 20.29
C ALA B 63 9.74 -35.95 20.77
N ASN B 64 10.53 -36.96 20.40
CA ASN B 64 10.26 -38.34 20.80
C ASN B 64 10.98 -38.75 22.08
N SER B 65 11.74 -37.84 22.70
CA SER B 65 12.45 -38.18 23.93
C SER B 65 11.48 -38.42 25.07
N ASN B 66 11.93 -39.17 26.07
CA ASN B 66 11.09 -39.47 27.22
C ASN B 66 10.71 -38.21 28.00
N ILE B 67 11.67 -37.33 28.25
CA ILE B 67 11.42 -36.03 28.86
C ILE B 67 11.93 -34.96 27.90
N PRO B 68 11.06 -34.41 27.06
CA PRO B 68 11.49 -33.36 26.13
C PRO B 68 11.98 -32.12 26.87
N VAL B 69 12.96 -31.45 26.29
CA VAL B 69 13.57 -30.28 26.91
C VAL B 69 13.03 -28.98 26.33
N ARG B 70 13.06 -28.85 25.00
CA ARG B 70 12.68 -27.61 24.34
C ARG B 70 11.23 -27.64 23.82
N MET B 71 10.73 -28.80 23.44
CA MET B 71 9.39 -28.93 22.87
C MET B 71 8.62 -30.00 23.65
N LYS B 72 7.98 -29.58 24.74
CA LYS B 72 7.07 -30.44 25.51
C LYS B 72 5.76 -29.68 25.72
N SER B 73 4.90 -29.71 24.70
CA SER B 73 3.60 -29.06 24.69
C SER B 73 2.97 -29.31 23.33
N ALA B 74 1.72 -28.88 23.18
CA ALA B 74 1.09 -28.90 21.87
C ALA B 74 1.44 -27.66 21.05
N THR B 75 1.68 -26.53 21.72
CA THR B 75 2.04 -25.29 21.06
C THR B 75 3.54 -25.04 21.02
N SER B 76 4.27 -25.42 22.07
CA SER B 76 5.71 -25.27 22.08
C SER B 76 6.35 -26.09 20.96
N LYS B 77 5.85 -27.29 20.72
CA LYS B 77 6.33 -28.10 19.61
C LYS B 77 6.17 -27.35 18.29
N VAL B 78 4.99 -26.79 18.05
CA VAL B 78 4.72 -26.13 16.78
C VAL B 78 5.62 -24.90 16.62
N VAL B 79 5.76 -24.10 17.67
CA VAL B 79 6.54 -22.87 17.55
C VAL B 79 8.03 -23.19 17.38
N THR B 80 8.54 -24.16 18.14
CA THR B 80 9.94 -24.56 18.00
C THR B 80 10.20 -25.14 16.61
N ALA B 81 9.26 -25.96 16.10
CA ALA B 81 9.40 -26.50 14.76
C ALA B 81 9.40 -25.39 13.72
N SER B 82 8.54 -24.39 13.90
CA SER B 82 8.51 -23.26 12.97
C SER B 82 9.84 -22.51 12.97
N ASP B 83 10.39 -22.25 14.16
CA ASP B 83 11.66 -21.55 14.25
C ASP B 83 12.78 -22.35 13.57
N VAL B 84 12.90 -23.62 13.92
CA VAL B 84 13.96 -24.45 13.35
C VAL B 84 13.80 -24.59 11.85
N SER B 85 12.56 -24.77 11.39
CA SER B 85 12.32 -24.97 9.97
C SER B 85 12.57 -23.69 9.17
N VAL B 86 12.24 -22.52 9.74
CA VAL B 86 12.49 -21.28 9.03
C VAL B 86 14.00 -20.99 8.98
N VAL B 87 14.72 -21.34 10.05
CA VAL B 87 16.18 -21.23 10.00
C VAL B 87 16.76 -22.17 8.95
N VAL B 88 16.22 -23.39 8.88
CA VAL B 88 16.67 -24.36 7.89
C VAL B 88 16.39 -23.86 6.47
N LEU B 89 15.21 -23.26 6.27
CA LEU B 89 14.86 -22.73 4.96
C LEU B 89 15.79 -21.59 4.58
N ALA B 90 16.10 -20.70 5.52
CA ALA B 90 17.04 -19.62 5.23
C ALA B 90 18.41 -20.17 4.86
N ILE B 91 18.88 -21.20 5.59
CA ILE B 91 20.18 -21.79 5.29
C ILE B 91 20.19 -22.43 3.91
N VAL B 92 19.14 -23.18 3.60
CA VAL B 92 19.06 -23.87 2.32
C VAL B 92 19.00 -22.86 1.17
N THR B 93 18.23 -21.79 1.35
CA THR B 93 18.15 -20.77 0.31
C THR B 93 19.50 -20.07 0.13
N GLY B 94 20.21 -19.79 1.22
CA GLY B 94 21.52 -19.18 1.10
C GLY B 94 22.51 -20.07 0.38
N VAL B 95 22.52 -21.36 0.71
CA VAL B 95 23.41 -22.30 0.04
C VAL B 95 23.06 -22.41 -1.44
N TYR B 96 21.76 -22.49 -1.76
CA TYR B 96 21.34 -22.58 -3.14
C TYR B 96 21.73 -21.33 -3.92
N CYS B 97 21.59 -20.15 -3.32
CA CYS B 97 21.99 -18.92 -3.97
C CYS B 97 23.50 -18.88 -4.19
N GLY B 98 24.27 -19.31 -3.19
CA GLY B 98 25.72 -19.31 -3.32
C GLY B 98 26.25 -20.34 -4.30
N MET B 99 25.48 -21.40 -4.55
CA MET B 99 25.93 -22.43 -5.49
C MET B 99 25.62 -22.03 -6.93
N PHE B 100 24.35 -21.85 -7.26
CA PHE B 100 23.94 -21.50 -8.61
C PHE B 100 23.93 -19.99 -8.84
N GLY B 101 25.05 -19.34 -8.52
CA GLY B 101 25.18 -17.91 -8.68
C GLY B 101 26.56 -17.47 -9.13
N LEU B 102 27.31 -18.39 -9.74
CA LEU B 102 28.67 -18.07 -10.16
C LEU B 102 28.70 -16.97 -11.21
N ARG B 103 27.79 -17.05 -12.19
CA ARG B 103 27.78 -16.05 -13.26
C ARG B 103 27.39 -14.67 -12.72
N ALA B 104 26.38 -14.62 -11.84
CA ALA B 104 25.97 -13.35 -11.27
C ALA B 104 27.08 -12.73 -10.43
N THR B 105 27.75 -13.55 -9.62
CA THR B 105 28.86 -13.05 -8.81
C THR B 105 30.00 -12.54 -9.70
N GLN B 106 30.32 -13.28 -10.76
CA GLN B 106 31.39 -12.86 -11.66
C GLN B 106 31.04 -11.53 -12.32
N GLU B 107 29.81 -11.40 -12.82
CA GLU B 107 29.41 -10.15 -13.47
C GLU B 107 29.40 -8.99 -12.49
N LEU B 108 28.89 -9.21 -11.28
CA LEU B 108 28.85 -8.15 -10.28
C LEU B 108 30.26 -7.69 -9.91
N ASN B 109 31.18 -8.63 -9.71
CA ASN B 109 32.55 -8.26 -9.36
C ASN B 109 33.25 -7.57 -10.53
N THR B 110 32.98 -8.01 -11.76
CA THR B 110 33.57 -7.37 -12.92
C THR B 110 33.10 -5.92 -13.05
N ARG B 111 31.80 -5.68 -12.81
CA ARG B 111 31.29 -4.32 -12.84
C ARG B 111 31.87 -3.49 -11.70
N LEU B 112 31.97 -4.07 -10.50
CA LEU B 112 32.49 -3.33 -9.37
C LEU B 112 33.96 -2.98 -9.55
N ASP B 113 34.72 -3.81 -10.25
CA ASP B 113 36.12 -3.49 -10.53
C ASP B 113 36.23 -2.21 -11.35
N LYS B 114 35.41 -2.08 -12.39
CA LYS B 114 35.42 -0.87 -13.20
C LYS B 114 34.85 0.31 -12.43
N ILE B 115 33.90 0.05 -11.52
CA ILE B 115 33.38 1.11 -10.67
C ILE B 115 34.49 1.69 -9.80
N ASP B 116 35.27 0.80 -9.16
CA ASP B 116 36.33 1.26 -8.28
C ASP B 116 37.53 1.81 -9.05
N SER B 117 37.67 1.42 -10.32
CA SER B 117 38.80 1.89 -11.12
C SER B 117 38.76 3.40 -11.31
N THR B 118 37.58 3.96 -11.55
CA THR B 118 37.42 5.38 -11.84
C THR B 118 36.88 6.17 -10.66
N LEU B 119 36.98 5.63 -9.44
CA LEU B 119 36.58 6.33 -8.22
C LEU B 119 37.79 6.57 -7.34
N SER B 120 38.92 6.91 -7.96
CA SER B 120 40.18 7.04 -7.23
C SER B 120 40.17 8.15 -6.17
N PRO B 121 39.68 9.37 -6.44
CA PRO B 121 39.92 10.47 -5.47
C PRO B 121 39.41 10.18 -4.07
N TYR B 122 38.26 9.53 -3.92
CA TYR B 122 37.74 9.14 -2.61
C TYR B 122 37.74 7.63 -2.43
N ASN B 123 38.71 6.94 -3.03
CA ASN B 123 38.88 5.51 -2.82
C ASN B 123 39.78 5.29 -1.62
N ASN B 124 39.17 5.22 -0.43
CA ASN B 124 39.90 5.00 0.81
C ASN B 124 39.69 3.55 1.21
N VAL B 125 40.75 2.77 1.11
CA VAL B 125 40.68 1.31 1.21
C VAL B 125 40.83 0.85 2.65
N LYS B 126 41.74 1.45 3.41
CA LYS B 126 42.01 0.99 4.76
C LYS B 126 40.77 1.12 5.64
N LYS B 127 40.05 2.24 5.54
CA LYS B 127 38.83 2.39 6.33
C LYS B 127 37.77 1.38 5.93
N ASP B 128 37.62 1.13 4.63
CA ASP B 128 36.63 0.14 4.18
C ASP B 128 36.98 -1.25 4.69
N ARG B 129 38.26 -1.64 4.60
CA ARG B 129 38.67 -2.94 5.12
C ARG B 129 38.44 -3.04 6.62
N TRP B 130 38.80 -2.00 7.36
CA TRP B 130 38.62 -2.02 8.80
C TRP B 130 37.14 -2.12 9.17
N ARG B 131 36.28 -1.36 8.48
CA ARG B 131 34.85 -1.40 8.77
C ARG B 131 34.27 -2.77 8.45
N ALA B 132 34.63 -3.34 7.31
CA ALA B 132 34.09 -4.65 6.94
C ALA B 132 34.55 -5.73 7.93
N TYR B 133 35.84 -5.73 8.26
CA TYR B 133 36.36 -6.72 9.20
C TYR B 133 35.74 -6.55 10.58
N ALA B 134 35.58 -5.31 11.03
CA ALA B 134 34.96 -5.07 12.33
C ALA B 134 33.50 -5.52 12.34
N MET B 135 32.76 -5.25 11.27
CA MET B 135 31.37 -5.68 11.21
C MET B 135 31.26 -7.19 11.24
N ALA B 136 32.10 -7.87 10.45
CA ALA B 136 32.07 -9.33 10.42
C ALA B 136 32.45 -9.92 11.77
N THR B 137 33.50 -9.40 12.39
CA THR B 137 33.95 -9.92 13.68
C THR B 137 32.91 -9.67 14.75
N VAL B 138 32.29 -8.49 14.76
CA VAL B 138 31.27 -8.18 15.75
C VAL B 138 30.06 -9.08 15.57
N SER B 139 29.62 -9.30 14.33
CA SER B 139 28.48 -10.17 14.10
C SER B 139 28.79 -11.60 14.58
N LEU B 140 29.95 -12.13 14.19
CA LEU B 140 30.30 -13.48 14.59
C LEU B 140 30.45 -13.60 16.11
N ILE B 141 31.04 -12.60 16.75
CA ILE B 141 31.24 -12.65 18.20
C ILE B 141 29.90 -12.54 18.93
N VAL B 142 29.04 -11.62 18.51
CA VAL B 142 27.75 -11.47 19.18
C VAL B 142 26.93 -12.75 19.03
N ILE B 143 26.92 -13.34 17.84
CA ILE B 143 26.18 -14.59 17.70
C ILE B 143 26.88 -15.72 18.48
N GLY B 144 28.20 -15.66 18.63
CA GLY B 144 28.89 -16.70 19.39
C GLY B 144 28.51 -16.69 20.86
N ILE B 145 28.64 -15.52 21.50
CA ILE B 145 28.19 -15.43 22.90
C ILE B 145 26.69 -15.60 23.03
N LEU B 146 25.90 -15.23 22.01
CA LEU B 146 24.47 -15.48 22.11
C LEU B 146 24.16 -16.98 22.11
N LEU B 147 24.79 -17.74 21.21
CA LEU B 147 24.58 -19.19 21.19
C LEU B 147 25.13 -19.83 22.46
N GLY B 148 26.26 -19.33 22.97
CA GLY B 148 26.78 -19.85 24.23
C GLY B 148 25.83 -19.60 25.38
N LEU B 149 25.27 -18.40 25.47
CA LEU B 149 24.32 -18.08 26.53
C LEU B 149 23.04 -18.90 26.38
N ASP B 150 22.59 -19.12 25.15
CA ASP B 150 21.42 -19.95 24.92
C ASP B 150 21.67 -21.39 25.37
N VAL B 151 22.84 -21.94 25.02
CA VAL B 151 23.23 -23.26 25.50
C VAL B 151 23.23 -23.29 27.01
N GLY B 152 23.79 -22.25 27.64
CA GLY B 152 23.87 -22.23 29.09
C GLY B 152 22.50 -22.21 29.76
N THR B 153 21.61 -21.33 29.29
CA THR B 153 20.30 -21.22 29.93
C THR B 153 19.47 -22.47 29.70
N TRP B 154 19.57 -23.06 28.49
CA TRP B 154 18.81 -24.28 28.24
C TRP B 154 19.36 -25.44 29.07
N VAL B 155 20.69 -25.49 29.25
CA VAL B 155 21.28 -26.50 30.14
C VAL B 155 20.79 -26.30 31.57
N ARG B 156 20.72 -25.04 32.02
CA ARG B 156 20.25 -24.76 33.37
C ARG B 156 18.81 -25.24 33.57
N MET B 157 17.92 -24.89 32.63
CA MET B 157 16.53 -25.32 32.75
C MET B 157 16.40 -26.84 32.66
N ALA B 158 17.15 -27.47 31.76
CA ALA B 158 17.08 -28.92 31.62
C ALA B 158 17.55 -29.63 32.88
N GLN B 159 18.63 -29.14 33.50
CA GLN B 159 19.10 -29.70 34.75
C GLN B 159 18.21 -29.33 35.94
N GLU B 160 17.35 -28.32 35.78
CA GLU B 160 16.39 -27.99 36.81
C GLU B 160 15.41 -29.13 37.05
N MET B 161 14.99 -29.82 36.00
CA MET B 161 14.13 -30.99 36.18
C MET B 161 14.87 -32.26 35.77
N GLU B 166 21.52 -40.45 31.24
CA GLU B 166 22.32 -39.34 30.75
C GLU B 166 21.71 -38.00 31.10
N ASP B 167 20.81 -38.01 32.08
CA ASP B 167 20.10 -36.79 32.52
C ASP B 167 19.47 -36.05 31.35
N THR B 168 20.16 -35.02 30.86
CA THR B 168 19.67 -34.25 29.72
C THR B 168 20.77 -33.75 28.79
N GLU B 169 22.03 -34.12 29.02
CA GLU B 169 23.12 -33.52 28.25
C GLU B 169 22.99 -33.82 26.76
N LEU B 170 22.70 -35.07 26.40
CA LEU B 170 22.51 -35.39 24.99
C LEU B 170 21.24 -34.74 24.43
N ASN B 171 20.21 -34.60 25.27
CA ASN B 171 18.99 -33.94 24.82
C ASN B 171 19.24 -32.47 24.50
N VAL B 172 20.12 -31.82 25.27
CA VAL B 172 20.40 -30.40 25.03
C VAL B 172 21.46 -30.20 23.95
N GLN B 173 22.42 -31.11 23.81
CA GLN B 173 23.35 -31.02 22.68
C GLN B 173 22.79 -31.59 21.40
N TRP B 174 21.56 -32.10 21.42
CA TRP B 174 20.84 -32.44 20.19
C TRP B 174 20.53 -31.21 19.35
N TYR B 175 20.67 -30.01 19.91
CA TYR B 175 20.43 -28.76 19.21
C TYR B 175 21.72 -28.07 18.79
N ILE B 176 22.87 -28.72 18.96
CA ILE B 176 24.13 -28.17 18.44
C ILE B 176 24.05 -27.94 16.94
N PRO B 177 23.49 -28.84 16.12
CA PRO B 177 23.30 -28.50 14.70
C PRO B 177 22.44 -27.26 14.48
N PHE B 178 21.46 -27.02 15.35
CA PHE B 178 20.63 -25.83 15.21
C PHE B 178 21.45 -24.55 15.38
N TYR B 179 22.34 -24.53 16.38
CA TYR B 179 23.18 -23.35 16.58
C TYR B 179 24.27 -23.25 15.52
N SER B 180 24.76 -24.39 15.02
CA SER B 180 25.68 -24.36 13.89
C SER B 180 25.00 -23.76 12.66
N LEU B 181 23.71 -24.06 12.48
CA LEU B 181 22.97 -23.49 11.37
C LEU B 181 22.71 -22.00 11.59
N TYR B 182 22.48 -21.60 12.84
CA TYR B 182 22.43 -20.18 13.17
C TYR B 182 23.74 -19.47 12.82
N PHE B 183 24.88 -20.15 12.99
CA PHE B 183 26.15 -19.58 12.56
C PHE B 183 26.16 -19.32 11.06
N ILE B 184 25.65 -20.27 10.27
CA ILE B 184 25.59 -20.07 8.83
C ILE B 184 24.63 -18.94 8.46
N LEU B 185 23.55 -18.81 9.22
CA LEU B 185 22.63 -17.69 9.01
C LEU B 185 23.32 -16.36 9.28
N THR B 186 24.12 -16.29 10.35
CA THR B 186 24.90 -15.10 10.63
C THR B 186 25.89 -14.81 9.51
N GLY B 187 26.52 -15.85 8.97
CA GLY B 187 27.43 -15.65 7.84
C GLY B 187 26.72 -15.12 6.61
N LEU B 188 25.52 -15.63 6.33
CA LEU B 188 24.74 -15.13 5.21
C LEU B 188 24.36 -13.67 5.41
N HIS B 189 23.95 -13.30 6.63
CA HIS B 189 23.68 -11.90 6.94
C HIS B 189 24.92 -11.04 6.73
N ILE B 190 26.08 -11.54 7.16
CA ILE B 190 27.33 -10.82 6.97
C ILE B 190 27.60 -10.59 5.49
N ASN B 191 27.42 -11.63 4.67
CA ASN B 191 27.68 -11.52 3.24
C ASN B 191 26.76 -10.48 2.60
N PHE B 192 25.45 -10.57 2.86
CA PHE B 192 24.53 -9.63 2.23
C PHE B 192 24.76 -8.21 2.72
N ALA B 193 25.01 -8.04 4.02
CA ALA B 193 25.29 -6.72 4.56
C ALA B 193 26.57 -6.12 3.98
N ASN B 194 27.61 -6.93 3.76
CA ASN B 194 28.81 -6.43 3.11
C ASN B 194 28.55 -6.01 1.68
N THR B 195 27.86 -6.84 0.90
CA THR B 195 27.63 -6.51 -0.51
C THR B 195 26.76 -5.26 -0.66
N ALA B 196 25.65 -5.20 0.07
CA ALA B 196 24.75 -4.06 -0.05
C ALA B 196 25.40 -2.78 0.47
N TYR B 197 26.17 -2.88 1.56
CA TYR B 197 26.85 -1.70 2.09
C TYR B 197 27.94 -1.23 1.13
N GLY B 198 28.64 -2.14 0.46
CA GLY B 198 29.57 -1.73 -0.58
C GLY B 198 28.89 -1.03 -1.74
N LEU B 199 27.75 -1.55 -2.19
CA LEU B 199 27.00 -0.87 -3.25
C LEU B 199 26.57 0.54 -2.81
N GLY B 200 26.08 0.66 -1.57
CA GLY B 200 25.72 1.97 -1.05
C GLY B 200 26.89 2.93 -0.92
N ARG B 201 28.04 2.44 -0.47
CA ARG B 201 29.23 3.28 -0.37
C ARG B 201 29.71 3.75 -1.74
N ARG B 202 29.65 2.86 -2.75
CA ARG B 202 29.98 3.29 -4.10
C ARG B 202 28.98 4.30 -4.64
N TYR B 203 27.69 4.15 -4.32
CA TYR B 203 26.72 5.19 -4.67
C TYR B 203 27.05 6.51 -3.99
N LYS B 204 27.49 6.46 -2.72
CA LYS B 204 27.90 7.68 -2.04
C LYS B 204 29.07 8.34 -2.73
N ARG B 205 30.07 7.54 -3.14
CA ARG B 205 31.22 8.09 -3.85
C ARG B 205 30.79 8.70 -5.20
N LEU B 206 29.86 8.04 -5.90
CA LEU B 206 29.35 8.57 -7.14
C LEU B 206 28.67 9.92 -6.92
N ASN B 207 27.85 10.02 -5.87
CA ASN B 207 27.19 11.28 -5.53
C ASN B 207 28.17 12.36 -5.16
N GLN B 208 29.25 11.98 -4.47
CA GLN B 208 30.32 12.90 -4.11
C GLN B 208 31.10 13.43 -5.30
N MET B 209 31.35 12.58 -6.31
CA MET B 209 32.04 13.06 -7.51
C MET B 209 31.33 14.27 -8.11
N LEU B 210 30.05 14.13 -8.45
CA LEU B 210 29.30 15.24 -9.02
C LEU B 210 29.06 16.36 -8.02
N ARG B 211 29.09 16.06 -6.72
CA ARG B 211 28.83 17.08 -5.71
C ARG B 211 30.02 18.00 -5.48
N THR B 212 31.25 17.49 -5.64
CA THR B 212 32.45 18.28 -5.42
C THR B 212 33.12 18.74 -6.70
N SER B 213 33.14 17.91 -7.75
CA SER B 213 33.86 18.26 -8.97
C SER B 213 33.12 19.28 -9.82
N TYR B 214 31.81 19.44 -9.64
CA TYR B 214 31.02 20.35 -10.46
C TYR B 214 30.37 21.49 -9.68
N LEU B 215 29.91 21.26 -8.45
CA LEU B 215 29.31 22.31 -7.64
C LEU B 215 30.31 23.17 -6.90
N SER B 216 31.61 23.01 -7.19
CA SER B 216 32.64 23.85 -6.57
C SER B 216 32.45 25.32 -6.93
N ALA B 263 40.75 22.43 -23.88
CA ALA B 263 39.80 23.24 -23.10
C ALA B 263 39.39 22.52 -21.83
N THR B 264 38.07 22.37 -21.65
CA THR B 264 37.54 21.69 -20.48
C THR B 264 36.78 20.40 -20.80
N LYS B 265 37.25 19.61 -21.76
CA LYS B 265 36.55 18.37 -22.10
C LYS B 265 36.66 17.34 -20.99
N ASN B 266 37.54 17.58 -20.01
CA ASN B 266 37.64 16.68 -18.86
C ASN B 266 36.33 16.62 -18.10
N LYS B 267 35.58 17.72 -18.08
CA LYS B 267 34.27 17.72 -17.43
C LYS B 267 33.31 16.79 -18.17
N SER B 268 33.33 16.81 -19.50
CA SER B 268 32.51 15.89 -20.28
C SER B 268 32.94 14.44 -20.05
N LEU B 269 34.24 14.20 -19.96
CA LEU B 269 34.73 12.86 -19.65
C LEU B 269 34.25 12.38 -18.29
N LEU B 270 34.29 13.26 -17.29
CA LEU B 270 33.78 12.91 -15.96
C LEU B 270 32.28 12.64 -16.01
N ILE B 271 31.53 13.43 -16.79
CA ILE B 271 30.10 13.19 -16.94
C ILE B 271 29.85 11.80 -17.52
N ARG B 272 30.58 11.44 -18.58
CA ARG B 272 30.37 10.15 -19.21
C ARG B 272 30.76 9.02 -18.26
N ALA B 273 31.88 9.17 -17.55
CA ALA B 273 32.32 8.15 -16.62
C ALA B 273 31.31 7.96 -15.49
N MET B 274 30.74 9.05 -14.98
CA MET B 274 29.77 8.92 -13.90
C MET B 274 28.44 8.36 -14.40
N ALA B 275 28.06 8.66 -15.64
CA ALA B 275 26.89 8.02 -16.21
C ALA B 275 27.08 6.52 -16.32
N ASP B 276 28.25 6.09 -16.80
CA ASP B 276 28.57 4.67 -16.85
C ASP B 276 28.59 4.05 -15.45
N ASN B 277 29.12 4.79 -14.48
CA ASN B 277 29.16 4.31 -13.11
C ASN B 277 27.76 4.13 -12.54
N HIS B 278 26.87 5.07 -12.82
CA HIS B 278 25.51 4.96 -12.29
C HIS B 278 24.77 3.80 -12.95
N GLU B 279 24.98 3.59 -14.26
CA GLU B 279 24.43 2.40 -14.87
C GLU B 279 24.98 1.12 -14.25
N SER B 280 26.30 1.09 -14.00
CA SER B 280 26.90 -0.11 -13.45
C SER B 280 26.39 -0.39 -12.04
N LEU B 281 26.17 0.67 -11.24
CA LEU B 281 25.63 0.47 -9.90
C LEU B 281 24.17 0.04 -9.95
N GLY B 282 23.38 0.63 -10.85
CA GLY B 282 22.00 0.20 -10.99
C GLY B 282 21.88 -1.24 -11.44
N LYS B 283 22.77 -1.68 -12.33
CA LYS B 283 22.80 -3.08 -12.74
C LYS B 283 23.38 -4.00 -11.67
N CYS B 284 24.28 -3.49 -10.84
CA CYS B 284 24.82 -4.28 -9.73
C CYS B 284 23.76 -4.52 -8.67
N VAL B 285 22.88 -3.54 -8.45
CA VAL B 285 21.76 -3.75 -7.54
C VAL B 285 20.85 -4.86 -8.08
N ARG B 286 20.59 -4.86 -9.39
CA ARG B 286 19.79 -5.91 -10.00
C ARG B 286 20.49 -7.26 -9.90
N LEU B 287 21.81 -7.28 -10.08
CA LEU B 287 22.56 -8.52 -9.95
C LEU B 287 22.49 -9.06 -8.53
N LEU B 288 22.60 -8.18 -7.54
CA LEU B 288 22.46 -8.59 -6.14
C LEU B 288 21.06 -9.11 -5.86
N SER B 289 20.03 -8.44 -6.41
CA SER B 289 18.66 -8.92 -6.29
C SER B 289 18.45 -10.26 -6.95
N ARG B 290 19.21 -10.57 -8.01
CA ARG B 290 19.19 -11.89 -8.62
C ARG B 290 19.92 -12.92 -7.77
N PHE B 291 21.00 -12.51 -7.10
CA PHE B 291 21.80 -13.46 -6.33
C PHE B 291 21.16 -13.79 -4.99
N TYR B 292 20.88 -12.76 -4.18
CA TYR B 292 20.35 -12.95 -2.84
C TYR B 292 18.91 -12.45 -2.70
N GLY B 293 18.14 -12.42 -3.79
CA GLY B 293 16.78 -11.92 -3.70
C GLY B 293 15.86 -12.83 -2.91
N ILE B 294 15.88 -14.11 -3.20
CA ILE B 294 15.04 -15.06 -2.48
C ILE B 294 15.64 -15.39 -1.11
N ALA B 295 16.97 -15.39 -0.99
CA ALA B 295 17.61 -15.57 0.31
C ALA B 295 17.23 -14.45 1.26
N VAL B 296 17.19 -13.21 0.77
CA VAL B 296 16.78 -12.09 1.61
C VAL B 296 15.30 -12.18 1.95
N LEU B 297 14.47 -12.64 1.02
CA LEU B 297 13.06 -12.85 1.33
C LEU B 297 12.89 -13.84 2.49
N PHE B 298 13.57 -14.98 2.40
CA PHE B 298 13.45 -15.97 3.46
C PHE B 298 14.10 -15.50 4.75
N ILE B 299 15.14 -14.66 4.66
CA ILE B 299 15.72 -14.06 5.85
C ILE B 299 14.73 -13.14 6.53
N LEU B 300 14.02 -12.32 5.75
CA LEU B 300 13.01 -11.43 6.32
C LEU B 300 11.86 -12.22 6.94
N VAL B 301 11.45 -13.31 6.27
CA VAL B 301 10.40 -14.16 6.82
C VAL B 301 10.85 -14.77 8.14
N SER B 302 12.09 -15.27 8.18
CA SER B 302 12.63 -15.85 9.41
C SER B 302 12.71 -14.81 10.51
N CYS B 303 13.12 -13.58 10.17
CA CYS B 303 13.25 -12.53 11.17
C CYS B 303 11.90 -12.14 11.73
N LEU B 304 10.88 -12.03 10.88
CA LEU B 304 9.53 -11.73 11.37
C LEU B 304 9.00 -12.85 12.26
N LEU B 305 9.18 -14.11 11.81
CA LEU B 305 8.72 -15.23 12.61
C LEU B 305 9.42 -15.27 13.96
N HIS B 306 10.72 -14.98 13.99
CA HIS B 306 11.45 -14.96 15.25
C HIS B 306 11.03 -13.79 16.12
N LEU B 307 10.84 -12.61 15.54
CA LEU B 307 10.40 -11.46 16.32
C LEU B 307 9.03 -11.68 16.94
N VAL B 308 8.17 -12.47 16.32
CA VAL B 308 6.89 -12.85 16.92
C VAL B 308 7.06 -13.95 17.96
N ALA B 309 7.80 -15.00 17.63
CA ALA B 309 7.87 -16.18 18.48
C ALA B 309 8.66 -15.91 19.76
N THR B 310 9.78 -15.20 19.65
CA THR B 310 10.57 -14.88 20.83
C THR B 310 9.80 -13.95 21.77
N ALA B 311 9.06 -12.99 21.21
CA ALA B 311 8.21 -12.14 22.04
C ALA B 311 7.12 -12.95 22.72
N TYR B 312 6.49 -13.88 22.00
CA TYR B 312 5.47 -14.71 22.62
C TYR B 312 6.05 -15.58 23.74
N PHE B 313 7.24 -16.15 23.52
CA PHE B 313 7.90 -16.93 24.56
C PHE B 313 8.25 -16.06 25.77
N LEU B 314 8.73 -14.85 25.53
CA LEU B 314 9.05 -13.95 26.64
C LEU B 314 7.80 -13.60 27.45
N PHE B 315 6.70 -13.30 26.76
CA PHE B 315 5.46 -12.99 27.46
C PHE B 315 4.96 -14.20 28.26
N LEU B 316 4.98 -15.38 27.66
CA LEU B 316 4.55 -16.58 28.37
C LEU B 316 5.43 -16.86 29.58
N GLU B 317 6.74 -16.71 29.42
CA GLU B 317 7.67 -17.02 30.50
C GLU B 317 7.52 -16.02 31.64
N MET B 318 7.31 -14.75 31.32
CA MET B 318 7.02 -13.75 32.36
C MET B 318 5.70 -14.04 33.06
N LEU B 319 4.68 -14.47 32.31
CA LEU B 319 3.41 -14.81 32.93
C LEU B 319 3.53 -16.00 33.86
N ASN B 320 4.39 -16.98 33.52
CA ASN B 320 4.57 -18.16 34.35
C ASN B 320 5.43 -17.89 35.58
N LYS B 321 6.12 -16.74 35.62
CA LYS B 321 6.94 -16.33 36.77
C LYS B 321 8.05 -17.34 37.05
N ARG B 322 8.89 -17.53 36.03
CA ARG B 322 10.04 -18.42 36.10
C ARG B 322 11.33 -17.63 36.25
N ASP B 323 12.47 -18.31 36.11
CA ASP B 323 13.77 -17.72 36.38
C ASP B 323 14.07 -16.57 35.43
N ASN B 324 14.92 -15.65 35.91
CA ASN B 324 15.25 -14.44 35.16
C ASN B 324 16.25 -14.70 34.03
N GLY B 325 16.99 -15.80 34.08
CA GLY B 325 17.98 -16.06 33.05
C GLY B 325 17.37 -16.25 31.67
N TYR B 326 16.30 -17.05 31.59
CA TYR B 326 15.64 -17.28 30.32
C TYR B 326 15.00 -15.99 29.80
N VAL B 327 14.46 -15.17 30.71
CA VAL B 327 13.87 -13.90 30.31
C VAL B 327 14.93 -12.97 29.72
N TRP B 328 16.09 -12.88 30.38
CA TRP B 328 17.16 -12.02 29.87
C TRP B 328 17.71 -12.56 28.55
N VAL B 329 17.82 -13.88 28.43
CA VAL B 329 18.31 -14.47 27.18
C VAL B 329 17.35 -14.18 26.04
N GLN B 330 16.04 -14.24 26.31
CA GLN B 330 15.06 -13.93 25.27
C GLN B 330 15.04 -12.45 24.93
N MET B 331 15.29 -11.58 25.92
CA MET B 331 15.44 -10.17 25.62
C MET B 331 16.65 -9.93 24.70
N LEU B 332 17.76 -10.60 24.99
CA LEU B 332 18.94 -10.51 24.13
C LEU B 332 18.64 -11.05 22.74
N TRP B 333 17.87 -12.14 22.65
CA TRP B 333 17.50 -12.70 21.37
C TRP B 333 16.63 -11.74 20.57
N ILE B 334 15.70 -11.06 21.24
CA ILE B 334 14.87 -10.06 20.56
C ILE B 334 15.72 -8.91 20.05
N ILE B 335 16.67 -8.44 20.87
CA ILE B 335 17.56 -7.36 20.44
C ILE B 335 18.39 -7.81 19.23
N PHE B 336 18.89 -9.05 19.27
CA PHE B 336 19.69 -9.56 18.16
C PHE B 336 18.85 -9.71 16.90
N HIS B 337 17.60 -10.14 17.03
CA HIS B 337 16.73 -10.26 15.87
C HIS B 337 16.42 -8.89 15.28
N PHE B 338 16.23 -7.89 16.14
CA PHE B 338 16.03 -6.53 15.65
C PHE B 338 17.27 -6.02 14.92
N LEU B 339 18.46 -6.29 15.47
CA LEU B 339 19.69 -5.90 14.79
C LEU B 339 19.87 -6.65 13.47
N ARG B 340 19.50 -7.93 13.44
CA ARG B 340 19.56 -8.70 12.20
C ARG B 340 18.63 -8.10 11.14
N LEU B 341 17.42 -7.71 11.55
CA LEU B 341 16.54 -7.01 10.63
C LEU B 341 17.13 -5.69 10.18
N LEU B 342 17.81 -4.99 11.08
CA LEU B 342 18.56 -3.79 10.71
C LEU B 342 19.94 -4.15 10.16
N MET B 343 19.96 -5.11 9.24
CA MET B 343 21.13 -5.42 8.45
C MET B 343 20.77 -5.77 7.02
N VAL B 344 19.48 -5.83 6.69
CA VAL B 344 19.02 -6.04 5.33
C VAL B 344 18.21 -4.84 4.84
N VAL B 345 17.29 -4.35 5.66
CA VAL B 345 16.51 -3.17 5.28
C VAL B 345 17.37 -1.92 5.34
N GLU B 346 18.30 -1.85 6.29
CA GLU B 346 19.15 -0.66 6.43
C GLU B 346 20.09 -0.46 5.24
N PRO B 347 20.87 -1.45 4.80
CA PRO B 347 21.76 -1.19 3.65
C PRO B 347 21.01 -0.95 2.36
N CYS B 348 19.92 -1.68 2.12
CA CYS B 348 19.13 -1.45 0.91
C CYS B 348 18.50 -0.07 0.92
N HIS B 349 17.99 0.36 2.10
CA HIS B 349 17.44 1.70 2.20
C HIS B 349 18.50 2.76 1.97
N LEU B 350 19.70 2.57 2.53
CA LEU B 350 20.77 3.53 2.31
C LEU B 350 21.15 3.61 0.84
N ALA B 351 21.25 2.46 0.18
CA ALA B 351 21.60 2.44 -1.24
C ALA B 351 20.53 3.13 -2.08
N ALA B 352 19.26 2.84 -1.81
CA ALA B 352 18.18 3.47 -2.57
C ALA B 352 18.13 4.97 -2.33
N ARG B 353 18.31 5.39 -1.07
CA ARG B 353 18.27 6.82 -0.75
C ARG B 353 19.43 7.56 -1.40
N GLU B 354 20.62 6.95 -1.42
CA GLU B 354 21.76 7.59 -2.05
C GLU B 354 21.65 7.60 -3.57
N ALA B 355 21.03 6.57 -4.15
CA ALA B 355 20.78 6.59 -5.60
C ALA B 355 19.76 7.65 -5.97
N ARG B 356 18.75 7.84 -5.13
CA ARG B 356 17.74 8.86 -5.40
C ARG B 356 18.29 10.28 -5.28
N LYS B 357 19.42 10.46 -4.60
CA LYS B 357 20.00 11.77 -4.37
C LYS B 357 21.02 12.16 -5.43
N THR B 358 20.87 11.67 -6.67
CA THR B 358 21.79 12.00 -7.75
C THR B 358 21.19 13.00 -8.74
N ILE B 359 19.95 12.81 -9.16
CA ILE B 359 19.32 13.76 -10.07
C ILE B 359 19.08 15.09 -9.36
N GLN B 360 18.74 15.02 -8.07
CA GLN B 360 18.52 16.22 -7.28
C GLN B 360 19.77 17.09 -7.20
N ILE B 361 20.93 16.50 -7.44
CA ILE B 361 22.14 17.29 -7.59
C ILE B 361 22.53 17.46 -9.07
N VAL B 362 22.02 16.60 -9.95
CA VAL B 362 22.31 16.73 -11.38
C VAL B 362 21.70 18.01 -11.95
N CYS B 363 20.53 18.40 -11.46
CA CYS B 363 19.93 19.66 -11.91
C CYS B 363 20.87 20.84 -11.67
N GLU B 364 21.70 20.77 -10.63
CA GLU B 364 22.61 21.87 -10.32
C GLU B 364 23.62 22.08 -11.44
N ILE B 365 24.21 21.01 -11.94
CA ILE B 365 25.07 21.13 -13.12
C ILE B 365 24.24 21.50 -14.33
N GLU B 366 22.99 21.04 -14.39
CA GLU B 366 22.12 21.38 -15.52
C GLU B 366 21.97 22.89 -15.66
N ARG B 367 21.95 23.61 -14.54
CA ARG B 367 21.92 25.07 -14.63
C ARG B 367 23.30 25.70 -14.70
N LYS B 368 24.31 25.08 -14.09
CA LYS B 368 25.62 25.69 -13.86
C LYS B 368 26.58 25.29 -14.97
N VAL B 369 26.04 25.15 -16.18
CA VAL B 369 26.82 24.79 -17.36
C VAL B 369 26.48 25.78 -18.47
N PHE B 370 27.45 25.98 -19.36
CA PHE B 370 27.29 26.95 -20.44
C PHE B 370 27.65 26.32 -21.78
N GLU B 371 28.53 25.32 -21.75
CA GLU B 371 29.01 24.70 -22.98
C GLU B 371 27.89 23.89 -23.63
N PRO B 372 27.71 23.99 -24.95
CA PRO B 372 26.60 23.27 -25.60
C PRO B 372 26.73 21.76 -25.55
N ILE B 373 27.92 21.22 -25.33
CA ILE B 373 28.10 19.76 -25.30
C ILE B 373 27.91 19.21 -23.90
N LEU B 374 28.44 19.89 -22.89
CA LEU B 374 28.28 19.43 -21.52
C LEU B 374 26.83 19.51 -21.07
N VAL B 375 26.07 20.49 -21.56
CA VAL B 375 24.66 20.56 -21.21
C VAL B 375 23.90 19.38 -21.81
N GLU B 376 24.24 18.97 -23.03
CA GLU B 376 23.59 17.82 -23.65
C GLU B 376 23.96 16.55 -22.90
N GLU B 377 25.23 16.43 -22.48
CA GLU B 377 25.65 15.29 -21.68
C GLU B 377 24.89 15.21 -20.36
N THR B 378 24.75 16.35 -19.68
CA THR B 378 23.99 16.39 -18.43
C THR B 378 22.52 16.10 -18.67
N LYS B 379 22.01 16.47 -19.85
CA LYS B 379 20.64 16.13 -20.19
C LYS B 379 20.46 14.63 -20.33
N LYS B 380 21.42 13.95 -20.95
CA LYS B 380 21.36 12.49 -21.02
C LYS B 380 21.44 11.88 -19.62
N PHE B 381 22.32 12.41 -18.77
CA PHE B 381 22.42 11.91 -17.40
C PHE B 381 21.11 12.10 -16.65
N TRP B 382 20.50 13.28 -16.80
CA TRP B 382 19.20 13.55 -16.19
C TRP B 382 18.13 12.59 -16.70
N GLN B 383 18.17 12.27 -18.00
CA GLN B 383 17.22 11.32 -18.55
C GLN B 383 17.39 9.95 -17.92
N GLN B 384 18.64 9.53 -17.71
CA GLN B 384 18.91 8.32 -16.94
C GLN B 384 18.25 8.37 -15.57
N LEU B 385 18.63 9.38 -14.76
CA LEU B 385 18.12 9.41 -13.39
C LEU B 385 16.61 9.57 -13.32
N LEU B 386 16.00 10.14 -14.36
CA LEU B 386 14.54 10.12 -14.45
C LEU B 386 14.05 8.71 -14.75
N VAL B 387 14.85 7.93 -15.50
CA VAL B 387 14.46 6.58 -15.90
C VAL B 387 14.90 5.53 -14.88
N ASP B 388 16.10 5.66 -14.32
CA ASP B 388 16.68 4.61 -13.49
C ASP B 388 15.93 4.43 -12.19
N ASP B 389 16.00 3.21 -11.65
CA ASP B 389 15.43 2.88 -10.35
C ASP B 389 16.29 1.79 -9.74
N ALA B 390 16.93 2.09 -8.61
CA ALA B 390 17.93 1.21 -8.01
C ALA B 390 17.48 0.72 -6.64
N GLU B 391 16.23 0.30 -6.54
CA GLU B 391 15.68 -0.24 -5.30
C GLU B 391 15.83 -1.76 -5.29
N PHE B 392 16.39 -2.28 -4.20
CA PHE B 392 16.55 -3.73 -4.06
C PHE B 392 15.19 -4.39 -3.93
N SER B 393 15.01 -5.52 -4.63
CA SER B 393 13.76 -6.27 -4.63
C SER B 393 14.03 -7.69 -4.16
N ALA B 394 13.19 -8.18 -3.24
CA ALA B 394 13.30 -9.54 -2.75
C ALA B 394 12.67 -10.50 -3.76
N SER B 395 13.31 -10.58 -4.93
CA SER B 395 12.86 -11.40 -6.05
C SER B 395 11.46 -11.02 -6.52
N GLY B 396 11.14 -9.73 -6.41
CA GLY B 396 9.91 -9.19 -6.95
C GLY B 396 8.73 -9.18 -6.00
N LEU B 397 8.78 -9.93 -4.90
CA LEU B 397 7.66 -9.95 -3.96
C LEU B 397 7.53 -8.64 -3.19
N CYS B 398 8.66 -8.07 -2.77
CA CYS B 398 8.64 -6.83 -1.99
C CYS B 398 9.93 -6.06 -2.24
N ARG B 399 9.86 -4.76 -1.99
CA ARG B 399 11.02 -3.88 -2.10
C ARG B 399 11.61 -3.68 -0.71
N VAL B 400 12.88 -4.04 -0.54
CA VAL B 400 13.53 -4.02 0.76
C VAL B 400 13.96 -2.59 1.07
N ASN B 401 13.37 -2.01 2.10
CA ASN B 401 13.73 -0.67 2.57
C ASN B 401 13.24 -0.54 4.01
N ARG B 402 13.33 0.67 4.56
CA ARG B 402 12.92 0.90 5.94
C ARG B 402 11.41 0.80 6.12
N THR B 403 10.63 0.95 5.05
CA THR B 403 9.18 0.84 5.16
C THR B 403 8.77 -0.54 5.65
N ILE B 404 9.57 -1.57 5.33
CA ILE B 404 9.31 -2.91 5.85
C ILE B 404 9.28 -2.90 7.37
N LEU B 405 10.18 -2.14 7.99
CA LEU B 405 10.19 -2.00 9.44
C LEU B 405 8.82 -1.59 9.97
N THR B 406 8.12 -0.72 9.23
CA THR B 406 6.76 -0.38 9.62
C THR B 406 5.84 -1.58 9.46
N SER B 407 5.84 -2.21 8.28
CA SER B 407 4.91 -3.30 8.01
C SER B 407 5.11 -4.45 8.98
N PHE B 408 6.38 -4.83 9.22
CA PHE B 408 6.67 -5.84 10.22
C PHE B 408 6.04 -5.48 11.56
N ALA B 409 6.20 -4.23 11.99
CA ALA B 409 5.53 -3.80 13.22
C ALA B 409 4.01 -3.95 13.10
N SER B 410 3.45 -3.50 11.96
CA SER B 410 2.01 -3.64 11.76
C SER B 410 1.59 -5.10 11.80
N ALA B 411 2.52 -6.02 11.51
CA ALA B 411 2.24 -7.42 11.73
C ALA B 411 2.42 -7.80 13.18
N ILE B 412 3.58 -7.45 13.77
CA ILE B 412 3.88 -7.89 15.13
C ILE B 412 2.87 -7.32 16.11
N ALA B 413 2.62 -6.01 16.05
CA ALA B 413 1.65 -5.39 16.93
C ALA B 413 0.28 -6.03 16.76
N THR B 414 0.02 -6.62 15.60
CA THR B 414 -1.20 -7.40 15.43
C THR B 414 -1.10 -8.71 16.21
N TYR B 415 -0.10 -9.53 15.90
CA TYR B 415 -0.01 -10.85 16.50
C TYR B 415 0.12 -10.78 18.02
N LEU B 416 1.02 -9.92 18.50
CA LEU B 416 1.20 -9.75 19.93
C LEU B 416 -0.06 -9.21 20.61
N VAL B 417 -0.97 -8.60 19.86
CA VAL B 417 -2.26 -8.22 20.44
C VAL B 417 -3.21 -9.40 20.46
N ILE B 418 -3.17 -10.26 19.45
CA ILE B 418 -4.08 -11.40 19.40
C ILE B 418 -3.64 -12.47 20.40
N LEU B 419 -2.43 -13.01 20.21
CA LEU B 419 -1.97 -14.13 21.01
C LEU B 419 -2.07 -13.84 22.50
N ILE B 420 -1.60 -12.67 22.94
CA ILE B 420 -1.65 -12.32 24.36
C ILE B 420 -3.10 -12.34 24.85
N GLN B 421 -4.02 -11.77 24.08
CA GLN B 421 -5.42 -11.74 24.51
C GLN B 421 -6.00 -13.15 24.55
N PHE B 422 -5.43 -14.07 23.76
CA PHE B 422 -5.86 -15.47 23.84
C PHE B 422 -5.27 -16.15 25.06
N GLN B 423 -4.09 -15.71 25.50
CA GLN B 423 -3.47 -16.32 26.67
C GLN B 423 -4.19 -15.92 27.95
N LYS B 424 -4.52 -14.64 28.10
CA LYS B 424 -5.19 -14.16 29.30
C LYS B 424 -6.68 -14.45 29.26
N MET C 1 -7.92 -14.44 -25.21
CA MET C 1 -7.25 -15.73 -25.39
C MET C 1 -6.58 -15.80 -26.77
N GLU C 2 -5.50 -16.55 -26.86
CA GLU C 2 -4.67 -16.61 -28.06
C GLU C 2 -5.05 -17.83 -28.89
N ILE C 3 -5.32 -17.62 -30.17
CA ILE C 3 -5.62 -18.68 -31.12
C ILE C 3 -4.57 -18.66 -32.22
N SER C 4 -3.87 -19.77 -32.40
CA SER C 4 -2.85 -19.87 -33.43
C SER C 4 -2.60 -21.33 -33.75
N GLU C 5 -2.08 -21.58 -34.96
CA GLU C 5 -1.68 -22.94 -35.31
C GLU C 5 -0.40 -23.39 -34.63
N THR C 6 0.30 -22.48 -33.95
CA THR C 6 1.45 -22.89 -33.14
C THR C 6 1.01 -23.89 -32.08
N ASN C 7 -0.08 -23.58 -31.37
CA ASN C 7 -0.66 -24.51 -30.40
C ASN C 7 -2.18 -24.41 -30.46
N ILE C 8 -2.79 -25.31 -31.23
CA ILE C 8 -4.24 -25.33 -31.40
C ILE C 8 -4.92 -26.32 -30.44
N GLY C 9 -4.16 -27.21 -29.80
CA GLY C 9 -4.77 -28.12 -28.85
C GLY C 9 -5.33 -27.42 -27.63
N ILE C 10 -4.69 -26.34 -27.19
CA ILE C 10 -5.19 -25.58 -26.04
C ILE C 10 -6.54 -24.97 -26.36
N PHE C 11 -6.69 -24.41 -27.56
CA PHE C 11 -7.98 -23.84 -27.96
C PHE C 11 -9.06 -24.92 -28.04
N TYR C 12 -8.72 -26.09 -28.58
CA TYR C 12 -9.70 -27.16 -28.67
C TYR C 12 -10.11 -27.65 -27.27
N VAL C 13 -9.15 -27.75 -26.35
CA VAL C 13 -9.47 -28.16 -24.99
C VAL C 13 -10.36 -27.12 -24.32
N SER C 14 -10.05 -25.84 -24.51
CA SER C 14 -10.87 -24.78 -23.92
C SER C 14 -12.28 -24.80 -24.48
N LYS C 15 -12.43 -25.03 -25.78
CA LYS C 15 -13.75 -25.15 -26.37
C LYS C 15 -14.49 -26.36 -25.81
N LEU C 16 -13.79 -27.48 -25.63
CA LEU C 16 -14.41 -28.67 -25.06
C LEU C 16 -14.88 -28.41 -23.63
N LEU C 17 -14.08 -27.68 -22.85
CA LEU C 17 -14.39 -27.39 -21.46
C LEU C 17 -15.34 -26.22 -21.28
N ALA C 18 -16.09 -25.85 -22.32
CA ALA C 18 -17.09 -24.78 -22.27
C ALA C 18 -16.48 -23.47 -21.82
N LEU C 19 -15.30 -23.15 -22.34
CA LEU C 19 -14.63 -21.89 -22.02
C LEU C 19 -14.23 -21.09 -23.25
N ALA C 20 -14.44 -21.60 -24.45
CA ALA C 20 -14.11 -20.89 -25.68
C ALA C 20 -14.98 -21.37 -26.82
N PRO C 21 -16.25 -20.97 -26.86
CA PRO C 21 -17.15 -21.43 -27.94
C PRO C 21 -16.90 -20.71 -29.25
N TYR C 22 -15.75 -20.99 -29.87
CA TYR C 22 -15.27 -20.27 -31.04
C TYR C 22 -14.99 -21.26 -32.15
N SER C 23 -14.75 -20.72 -33.35
CA SER C 23 -14.39 -21.51 -34.51
C SER C 23 -13.16 -20.91 -35.17
N ALA C 24 -12.15 -21.74 -35.40
CA ALA C 24 -10.87 -21.31 -35.96
C ALA C 24 -10.82 -21.74 -37.43
N LYS C 25 -11.20 -20.83 -38.33
CA LYS C 25 -11.24 -21.11 -39.76
C LYS C 25 -10.26 -20.18 -40.47
N LYS C 26 -9.44 -20.76 -41.34
CA LYS C 26 -8.47 -19.98 -42.10
C LYS C 26 -9.07 -19.41 -43.38
N ASN C 27 -8.43 -18.37 -43.89
CA ASN C 27 -8.62 -17.91 -45.26
C ASN C 27 -7.31 -18.16 -46.02
N SER C 28 -7.33 -17.89 -47.32
CA SER C 28 -6.20 -18.24 -48.18
C SER C 28 -4.93 -17.52 -47.76
N LYS C 29 -5.07 -16.30 -47.24
CA LYS C 29 -3.92 -15.47 -46.87
C LYS C 29 -3.48 -15.76 -45.44
N GLY C 30 -3.31 -17.04 -45.13
CA GLY C 30 -2.97 -17.43 -43.77
C GLY C 30 -4.03 -16.91 -42.81
N GLN C 31 -3.58 -16.16 -41.79
CA GLN C 31 -4.45 -15.31 -40.98
C GLN C 31 -5.65 -16.08 -40.43
N LEU C 32 -5.35 -16.99 -39.51
CA LEU C 32 -6.39 -17.77 -38.83
C LEU C 32 -7.46 -16.83 -38.28
N GLU C 33 -8.71 -17.09 -38.65
CA GLU C 33 -9.83 -16.23 -38.31
C GLU C 33 -10.69 -16.90 -37.25
N ILE C 34 -11.03 -16.16 -36.21
CA ILE C 34 -11.84 -16.66 -35.11
C ILE C 34 -13.25 -16.11 -35.27
N THR C 35 -14.22 -17.01 -35.44
CA THR C 35 -15.62 -16.63 -35.58
C THR C 35 -16.42 -17.20 -34.42
N ARG C 36 -17.58 -16.58 -34.17
CA ARG C 36 -18.45 -17.06 -33.11
C ARG C 36 -19.14 -18.35 -33.54
N SER C 37 -19.08 -19.36 -32.68
CA SER C 37 -19.70 -20.66 -32.93
C SER C 37 -21.05 -20.68 -32.20
N TRP C 38 -22.12 -20.50 -32.97
CA TRP C 38 -23.46 -20.50 -32.36
C TRP C 38 -23.83 -21.89 -31.85
N LEU C 39 -23.41 -22.95 -32.54
CA LEU C 39 -23.66 -24.30 -32.06
C LEU C 39 -22.92 -24.55 -30.74
N PHE C 40 -21.70 -24.03 -30.62
CA PHE C 40 -20.91 -24.25 -29.41
C PHE C 40 -21.25 -23.27 -28.29
N SER C 41 -21.80 -22.09 -28.61
CA SER C 41 -22.18 -21.15 -27.56
C SER C 41 -23.30 -21.72 -26.69
N ILE C 42 -24.33 -22.29 -27.33
CA ILE C 42 -25.42 -22.89 -26.58
C ILE C 42 -24.93 -24.11 -25.82
N TYR C 43 -23.99 -24.86 -26.40
CA TYR C 43 -23.41 -25.99 -25.69
C TYR C 43 -22.67 -25.52 -24.44
N SER C 44 -21.91 -24.44 -24.55
CA SER C 44 -21.17 -23.92 -23.40
C SER C 44 -22.11 -23.44 -22.31
N VAL C 45 -23.16 -22.69 -22.69
CA VAL C 45 -24.08 -22.18 -21.68
C VAL C 45 -24.83 -23.33 -21.01
N CYS C 46 -25.26 -24.34 -21.79
CA CYS C 46 -25.96 -25.48 -21.22
C CYS C 46 -25.06 -26.27 -20.30
N LEU C 47 -23.80 -26.51 -20.71
CA LEU C 47 -22.89 -27.27 -19.87
C LEU C 47 -22.59 -26.54 -18.57
N CYS C 48 -22.35 -25.22 -18.65
CA CYS C 48 -22.07 -24.45 -17.45
C CYS C 48 -23.25 -24.47 -16.49
N LEU C 49 -24.46 -24.17 -17.00
CA LEU C 49 -25.63 -24.15 -16.14
C LEU C 49 -25.91 -25.53 -15.54
N ILE C 50 -25.81 -26.58 -16.36
CA ILE C 50 -26.09 -27.92 -15.88
C ILE C 50 -25.07 -28.34 -14.82
N MET C 51 -23.79 -28.05 -15.05
CA MET C 51 -22.76 -28.43 -14.10
C MET C 51 -22.93 -27.69 -12.78
N VAL C 52 -23.22 -26.38 -12.83
CA VAL C 52 -23.41 -25.62 -11.60
C VAL C 52 -24.62 -26.12 -10.83
N PHE C 53 -25.73 -26.33 -11.54
CA PHE C 53 -26.94 -26.83 -10.89
C PHE C 53 -26.70 -28.22 -10.30
N LEU C 54 -25.92 -29.05 -11.00
CA LEU C 54 -25.66 -30.40 -10.51
C LEU C 54 -24.78 -30.40 -9.27
N THR C 55 -23.73 -29.60 -9.25
CA THR C 55 -22.88 -29.58 -8.06
C THR C 55 -23.63 -28.98 -6.88
N TYR C 56 -24.46 -27.96 -7.11
CA TYR C 56 -25.25 -27.42 -6.00
C TYR C 56 -26.29 -28.43 -5.52
N ARG C 57 -26.92 -29.16 -6.45
CA ARG C 57 -27.90 -30.17 -6.06
C ARG C 57 -27.23 -31.26 -5.23
N GLY C 58 -26.06 -31.72 -5.63
CA GLY C 58 -25.32 -32.67 -4.81
C GLY C 58 -24.91 -32.10 -3.48
N LEU C 59 -24.58 -30.81 -3.45
CA LEU C 59 -24.20 -30.14 -2.20
C LEU C 59 -25.34 -30.19 -1.19
N LEU C 60 -26.53 -29.73 -1.60
CA LEU C 60 -27.67 -29.78 -0.68
C LEU C 60 -28.18 -31.20 -0.46
N PHE C 61 -27.94 -32.13 -1.38
CA PHE C 61 -28.34 -33.52 -1.14
C PHE C 61 -27.47 -34.16 -0.07
N ASP C 62 -26.17 -33.88 -0.09
CA ASP C 62 -25.30 -34.34 0.99
C ASP C 62 -25.69 -33.64 2.29
N ALA C 63 -25.98 -32.34 2.23
CA ALA C 63 -26.37 -31.61 3.44
C ALA C 63 -27.64 -32.20 4.05
N ASN C 64 -28.59 -32.62 3.19
CA ASN C 64 -29.83 -33.19 3.67
C ASN C 64 -29.80 -34.71 3.80
N SER C 65 -28.67 -35.35 3.50
CA SER C 65 -28.57 -36.79 3.59
C SER C 65 -28.65 -37.25 5.03
N ASN C 66 -29.06 -38.51 5.22
CA ASN C 66 -29.18 -39.06 6.57
C ASN C 66 -27.84 -39.11 7.29
N ILE C 67 -26.78 -39.56 6.61
CA ILE C 67 -25.43 -39.53 7.14
C ILE C 67 -24.57 -38.73 6.16
N PRO C 68 -24.38 -37.43 6.41
CA PRO C 68 -23.55 -36.63 5.51
C PRO C 68 -22.11 -37.11 5.51
N VAL C 69 -21.47 -36.97 4.35
CA VAL C 69 -20.10 -37.45 4.17
C VAL C 69 -19.09 -36.32 4.28
N ARG C 70 -19.28 -35.24 3.51
CA ARG C 70 -18.33 -34.15 3.45
C ARG C 70 -18.70 -32.98 4.35
N MET C 71 -19.99 -32.75 4.58
CA MET C 71 -20.46 -31.61 5.38
C MET C 71 -21.39 -32.13 6.48
N LYS C 72 -20.81 -32.53 7.61
CA LYS C 72 -21.58 -32.91 8.80
C LYS C 72 -20.98 -32.16 10.00
N SER C 73 -21.40 -30.90 10.15
CA SER C 73 -20.98 -30.00 11.21
C SER C 73 -21.65 -28.66 10.98
N ALA C 74 -21.46 -27.74 11.93
CA ALA C 74 -21.91 -26.37 11.73
C ALA C 74 -20.88 -25.55 10.96
N THR C 75 -19.60 -25.88 11.12
CA THR C 75 -18.52 -25.18 10.43
C THR C 75 -18.07 -25.88 9.16
N SER C 76 -18.06 -27.22 9.15
CA SER C 76 -17.69 -27.95 7.94
C SER C 76 -18.66 -27.64 6.80
N LYS C 77 -19.95 -27.54 7.11
CA LYS C 77 -20.94 -27.15 6.11
C LYS C 77 -20.59 -25.80 5.49
N VAL C 78 -20.27 -24.81 6.33
CA VAL C 78 -19.99 -23.47 5.84
C VAL C 78 -18.74 -23.46 4.99
N VAL C 79 -17.68 -24.14 5.45
CA VAL C 79 -16.42 -24.11 4.70
C VAL C 79 -16.55 -24.86 3.37
N THR C 80 -17.20 -26.02 3.38
CA THR C 80 -17.42 -26.77 2.14
C THR C 80 -18.29 -25.97 1.17
N ALA C 81 -19.33 -25.32 1.69
CA ALA C 81 -20.17 -24.48 0.83
C ALA C 81 -19.37 -23.33 0.24
N SER C 82 -18.49 -22.72 1.04
CA SER C 82 -17.66 -21.63 0.52
C SER C 82 -16.75 -22.13 -0.58
N ASP C 83 -16.11 -23.29 -0.38
CA ASP C 83 -15.23 -23.84 -1.41
C ASP C 83 -15.99 -24.13 -2.70
N VAL C 84 -17.11 -24.85 -2.59
CA VAL C 84 -17.88 -25.21 -3.77
C VAL C 84 -18.42 -23.97 -4.47
N SER C 85 -18.90 -22.98 -3.69
CA SER C 85 -19.48 -21.79 -4.28
C SER C 85 -18.43 -20.92 -4.94
N VAL C 86 -17.22 -20.86 -4.38
CA VAL C 86 -16.17 -20.06 -5.01
C VAL C 86 -15.68 -20.74 -6.28
N VAL C 87 -15.64 -22.08 -6.29
CA VAL C 87 -15.32 -22.79 -7.53
C VAL C 87 -16.41 -22.54 -8.57
N VAL C 88 -17.66 -22.56 -8.15
CA VAL C 88 -18.78 -22.30 -9.07
C VAL C 88 -18.69 -20.88 -9.62
N LEU C 89 -18.35 -19.92 -8.76
CA LEU C 89 -18.23 -18.53 -9.20
C LEU C 89 -17.10 -18.38 -10.21
N ALA C 90 -15.96 -19.04 -9.96
CA ALA C 90 -14.86 -19.00 -10.93
C ALA C 90 -15.29 -19.60 -12.26
N ILE C 91 -16.01 -20.73 -12.22
CA ILE C 91 -16.45 -21.37 -13.47
C ILE C 91 -17.41 -20.46 -14.22
N VAL C 92 -18.36 -19.87 -13.51
CA VAL C 92 -19.36 -19.02 -14.15
C VAL C 92 -18.69 -17.78 -14.74
N THR C 93 -17.74 -17.18 -14.03
CA THR C 93 -17.03 -16.03 -14.56
C THR C 93 -16.21 -16.40 -15.79
N GLY C 94 -15.56 -17.57 -15.77
CA GLY C 94 -14.81 -18.00 -16.95
C GLY C 94 -15.70 -18.21 -18.16
N VAL C 95 -16.85 -18.85 -17.95
CA VAL C 95 -17.79 -19.08 -19.06
C VAL C 95 -18.31 -17.75 -19.59
N TYR C 96 -18.66 -16.83 -18.68
CA TYR C 96 -19.16 -15.52 -19.09
C TYR C 96 -18.11 -14.75 -19.88
N CYS C 97 -16.85 -14.81 -19.43
CA CYS C 97 -15.78 -14.15 -20.16
C CYS C 97 -15.56 -14.77 -21.53
N GLY C 98 -15.61 -16.10 -21.62
CA GLY C 98 -15.43 -16.77 -22.89
C GLY C 98 -16.58 -16.57 -23.86
N MET C 99 -17.78 -16.28 -23.34
CA MET C 99 -18.93 -16.07 -24.22
C MET C 99 -18.96 -14.65 -24.77
N PHE C 100 -19.05 -13.66 -23.89
CA PHE C 100 -19.13 -12.26 -24.31
C PHE C 100 -17.74 -11.64 -24.45
N GLY C 101 -16.87 -12.30 -25.22
CA GLY C 101 -15.52 -11.82 -25.44
C GLY C 101 -15.01 -12.07 -26.85
N LEU C 102 -15.93 -12.27 -27.79
CA LEU C 102 -15.53 -12.57 -29.16
C LEU C 102 -14.74 -11.42 -29.77
N ARG C 103 -15.20 -10.19 -29.58
CA ARG C 103 -14.51 -9.04 -30.16
C ARG C 103 -13.12 -8.86 -29.57
N ALA C 104 -13.00 -9.00 -28.25
CA ALA C 104 -11.70 -8.86 -27.61
C ALA C 104 -10.74 -9.94 -28.08
N THR C 105 -11.21 -11.18 -28.18
CA THR C 105 -10.36 -12.26 -28.66
C THR C 105 -9.93 -12.02 -30.10
N GLN C 106 -10.85 -11.57 -30.95
CA GLN C 106 -10.53 -11.30 -32.34
C GLN C 106 -9.47 -10.21 -32.45
N GLU C 107 -9.65 -9.12 -31.70
CA GLU C 107 -8.69 -8.02 -31.74
C GLU C 107 -7.32 -8.45 -31.21
N LEU C 108 -7.31 -9.21 -30.12
CA LEU C 108 -6.04 -9.67 -29.55
C LEU C 108 -5.30 -10.57 -30.52
N ASN C 109 -6.02 -11.50 -31.16
CA ASN C 109 -5.38 -12.39 -32.11
C ASN C 109 -4.91 -11.65 -33.35
N THR C 110 -5.68 -10.66 -33.81
CA THR C 110 -5.26 -9.87 -34.95
C THR C 110 -3.98 -9.09 -34.65
N ARG C 111 -3.90 -8.51 -33.45
CA ARG C 111 -2.67 -7.82 -33.06
C ARG C 111 -1.50 -8.78 -32.92
N LEU C 112 -1.75 -9.96 -32.34
CA LEU C 112 -0.68 -10.93 -32.15
C LEU C 112 -0.16 -11.47 -33.47
N ASP C 113 -1.02 -11.55 -34.49
CA ASP C 113 -0.57 -11.99 -35.81
C ASP C 113 0.46 -11.02 -36.38
N LYS C 114 0.19 -9.72 -36.27
CA LYS C 114 1.15 -8.73 -36.76
C LYS C 114 2.40 -8.69 -35.87
N ILE C 115 2.23 -8.98 -34.58
CA ILE C 115 3.38 -9.07 -33.68
C ILE C 115 4.32 -10.19 -34.13
N ASP C 116 3.75 -11.36 -34.42
CA ASP C 116 4.57 -12.51 -34.82
C ASP C 116 5.08 -12.37 -36.25
N SER C 117 4.40 -11.55 -37.07
CA SER C 117 4.82 -11.39 -38.46
C SER C 117 6.21 -10.78 -38.56
N THR C 118 6.51 -9.78 -37.72
CA THR C 118 7.77 -9.06 -37.77
C THR C 118 8.74 -9.47 -36.67
N LEU C 119 8.55 -10.64 -36.08
CA LEU C 119 9.46 -11.19 -35.08
C LEU C 119 10.10 -12.47 -35.60
N SER C 120 10.43 -12.49 -36.89
CA SER C 120 10.94 -13.70 -37.53
C SER C 120 12.26 -14.21 -36.97
N PRO C 121 13.29 -13.38 -36.73
CA PRO C 121 14.61 -13.95 -36.41
C PRO C 121 14.61 -14.88 -35.20
N TYR C 122 13.86 -14.57 -34.15
CA TYR C 122 13.74 -15.44 -32.98
C TYR C 122 12.34 -16.03 -32.85
N ASN C 123 11.67 -16.28 -33.99
CA ASN C 123 10.38 -16.95 -33.98
C ASN C 123 10.62 -18.45 -34.06
N ASN C 124 10.76 -19.08 -32.89
CA ASN C 124 10.98 -20.52 -32.81
C ASN C 124 9.65 -21.14 -32.39
N VAL C 125 9.03 -21.87 -33.32
CA VAL C 125 7.65 -22.34 -33.18
C VAL C 125 7.59 -23.70 -32.49
N LYS C 126 8.50 -24.60 -32.85
CA LYS C 126 8.45 -25.96 -32.30
C LYS C 126 8.60 -25.96 -30.79
N LYS C 127 9.54 -25.16 -30.26
CA LYS C 127 9.71 -25.08 -28.81
C LYS C 127 8.48 -24.50 -28.13
N ASP C 128 7.88 -23.46 -28.72
CA ASP C 128 6.68 -22.87 -28.15
C ASP C 128 5.54 -23.87 -28.11
N ARG C 129 5.33 -24.59 -29.22
CA ARG C 129 4.28 -25.60 -29.27
C ARG C 129 4.52 -26.70 -28.24
N TRP C 130 5.77 -27.17 -28.15
CA TRP C 130 6.08 -28.23 -27.19
C TRP C 130 5.85 -27.75 -25.76
N ARG C 131 6.28 -26.53 -25.45
CA ARG C 131 6.11 -26.00 -24.09
C ARG C 131 4.63 -25.84 -23.74
N ALA C 132 3.84 -25.29 -24.68
CA ALA C 132 2.42 -25.10 -24.41
C ALA C 132 1.71 -26.44 -24.23
N TYR C 133 1.99 -27.40 -25.12
CA TYR C 133 1.34 -28.70 -25.00
C TYR C 133 1.76 -29.42 -23.73
N ALA C 134 3.04 -29.32 -23.36
CA ALA C 134 3.51 -29.95 -22.14
C ALA C 134 2.85 -29.33 -20.92
N MET C 135 2.74 -27.99 -20.89
CA MET C 135 2.11 -27.33 -19.75
C MET C 135 0.65 -27.74 -19.63
N ALA C 136 -0.07 -27.75 -20.76
CA ALA C 136 -1.47 -28.14 -20.72
C ALA C 136 -1.65 -29.58 -20.27
N THR C 137 -0.83 -30.49 -20.82
CA THR C 137 -0.93 -31.90 -20.46
C THR C 137 -0.58 -32.13 -19.00
N VAL C 138 0.47 -31.46 -18.51
CA VAL C 138 0.85 -31.61 -17.11
C VAL C 138 -0.24 -31.08 -16.19
N SER C 139 -0.82 -29.92 -16.51
CA SER C 139 -1.89 -29.39 -15.68
C SER C 139 -3.08 -30.34 -15.64
N LEU C 140 -3.51 -30.81 -16.81
CA LEU C 140 -4.66 -31.72 -16.87
C LEU C 140 -4.36 -33.03 -16.14
N ILE C 141 -3.15 -33.57 -16.30
CA ILE C 141 -2.81 -34.83 -15.66
C ILE C 141 -2.73 -34.67 -14.15
N VAL C 142 -2.08 -33.60 -13.67
CA VAL C 142 -1.95 -33.39 -12.23
C VAL C 142 -3.33 -33.22 -11.60
N ILE C 143 -4.20 -32.44 -12.26
CA ILE C 143 -5.56 -32.31 -11.70
C ILE C 143 -6.32 -33.62 -11.82
N GLY C 144 -6.04 -34.43 -12.84
CA GLY C 144 -6.73 -35.70 -12.97
C GLY C 144 -6.41 -36.67 -11.84
N ILE C 145 -5.12 -36.90 -11.61
CA ILE C 145 -4.74 -37.75 -10.47
C ILE C 145 -5.09 -37.09 -9.13
N LEU C 146 -5.11 -35.76 -9.05
CA LEU C 146 -5.55 -35.15 -7.80
C LEU C 146 -7.02 -35.42 -7.53
N LEU C 147 -7.87 -35.26 -8.53
CA LEU C 147 -9.29 -35.56 -8.35
C LEU C 147 -9.51 -37.05 -8.09
N GLY C 148 -8.74 -37.91 -8.76
CA GLY C 148 -8.83 -39.33 -8.48
C GLY C 148 -8.45 -39.68 -7.06
N LEU C 149 -7.36 -39.09 -6.56
CA LEU C 149 -6.93 -39.33 -5.18
C LEU C 149 -7.94 -38.77 -4.20
N ASP C 150 -8.53 -37.61 -4.50
CA ASP C 150 -9.56 -37.05 -3.63
C ASP C 150 -10.78 -37.96 -3.57
N VAL C 151 -11.22 -38.46 -4.73
CA VAL C 151 -12.30 -39.44 -4.76
C VAL C 151 -11.95 -40.66 -3.92
N GLY C 152 -10.72 -41.15 -4.05
CA GLY C 152 -10.31 -42.33 -3.32
C GLY C 152 -10.33 -42.13 -1.81
N THR C 153 -9.74 -41.02 -1.35
CA THR C 153 -9.68 -40.80 0.10
C THR C 153 -11.05 -40.53 0.68
N TRP C 154 -11.91 -39.80 -0.05
CA TRP C 154 -13.25 -39.56 0.45
C TRP C 154 -14.06 -40.85 0.47
N VAL C 155 -13.87 -41.72 -0.52
CA VAL C 155 -14.52 -43.02 -0.51
C VAL C 155 -14.05 -43.84 0.68
N ARG C 156 -12.75 -43.79 0.98
CA ARG C 156 -12.20 -44.53 2.11
C ARG C 156 -12.82 -44.05 3.42
N MET C 157 -12.86 -42.73 3.63
CA MET C 157 -13.45 -42.21 4.86
C MET C 157 -14.94 -42.52 4.95
N ALA C 158 -15.65 -42.39 3.83
CA ALA C 158 -17.08 -42.66 3.84
C ALA C 158 -17.38 -44.12 4.16
N GLN C 159 -16.59 -45.04 3.61
CA GLN C 159 -16.75 -46.45 3.91
C GLN C 159 -16.22 -46.81 5.30
N GLU C 160 -15.42 -45.92 5.91
CA GLU C 160 -14.99 -46.13 7.28
C GLU C 160 -16.16 -46.14 8.25
N MET C 161 -17.16 -45.29 8.02
CA MET C 161 -18.36 -45.31 8.86
C MET C 161 -19.56 -45.76 8.04
N GLU C 166 -27.55 -48.11 0.14
CA GLU C 166 -26.50 -47.82 -0.83
C GLU C 166 -25.21 -47.37 -0.14
N ASP C 167 -25.10 -47.67 1.15
CA ASP C 167 -23.94 -47.30 1.96
C ASP C 167 -23.62 -45.80 1.83
N THR C 168 -22.66 -45.49 0.96
CA THR C 168 -22.27 -44.10 0.73
C THR C 168 -21.87 -43.80 -0.72
N GLU C 169 -21.98 -44.77 -1.64
CA GLU C 169 -21.43 -44.56 -2.97
C GLU C 169 -22.11 -43.41 -3.69
N LEU C 170 -23.45 -43.33 -3.62
CA LEU C 170 -24.14 -42.20 -4.24
C LEU C 170 -23.85 -40.90 -3.51
N ASN C 171 -23.66 -40.96 -2.19
CA ASN C 171 -23.32 -39.76 -1.43
C ASN C 171 -21.96 -39.22 -1.84
N VAL C 172 -21.01 -40.10 -2.16
CA VAL C 172 -19.68 -39.65 -2.54
C VAL C 172 -19.59 -39.30 -4.03
N GLN C 173 -20.37 -39.96 -4.90
CA GLN C 173 -20.41 -39.54 -6.29
C GLN C 173 -21.38 -38.39 -6.53
N TRP C 174 -22.04 -37.90 -5.48
CA TRP C 174 -22.77 -36.64 -5.57
C TRP C 174 -21.86 -35.45 -5.80
N TYR C 175 -20.55 -35.62 -5.62
CA TYR C 175 -19.57 -34.57 -5.83
C TYR C 175 -18.82 -34.72 -7.16
N ILE C 176 -19.23 -35.67 -8.00
CA ILE C 176 -18.65 -35.76 -9.34
C ILE C 176 -18.82 -34.46 -10.12
N PRO C 177 -19.97 -33.78 -10.09
CA PRO C 177 -20.02 -32.46 -10.73
C PRO C 177 -19.03 -31.46 -10.15
N PHE C 178 -18.72 -31.55 -8.86
CA PHE C 178 -17.75 -30.65 -8.26
C PHE C 178 -16.36 -30.84 -8.88
N TYR C 179 -15.96 -32.10 -9.07
CA TYR C 179 -14.66 -32.37 -9.67
C TYR C 179 -14.66 -32.08 -11.16
N SER C 180 -15.80 -32.29 -11.83
CA SER C 180 -15.92 -31.87 -13.22
C SER C 180 -15.76 -30.36 -13.36
N LEU C 181 -16.29 -29.61 -12.38
CA LEU C 181 -16.13 -28.16 -12.39
C LEU C 181 -14.69 -27.77 -12.07
N TYR C 182 -14.03 -28.52 -11.19
CA TYR C 182 -12.59 -28.34 -10.99
C TYR C 182 -11.81 -28.56 -12.29
N PHE C 183 -12.25 -29.49 -13.13
CA PHE C 183 -11.62 -29.67 -14.43
C PHE C 183 -11.75 -28.41 -15.28
N ILE C 184 -12.92 -27.78 -15.28
CA ILE C 184 -13.11 -26.55 -16.04
C ILE C 184 -12.27 -25.43 -15.46
N LEU C 185 -12.11 -25.41 -14.13
CA LEU C 185 -11.22 -24.42 -13.51
C LEU C 185 -9.78 -24.62 -13.96
N THR C 186 -9.34 -25.87 -14.03
CA THR C 186 -8.01 -26.16 -14.54
C THR C 186 -7.86 -25.71 -15.99
N GLY C 187 -8.90 -25.93 -16.80
CA GLY C 187 -8.86 -25.47 -18.18
C GLY C 187 -8.77 -23.96 -18.29
N LEU C 188 -9.51 -23.24 -17.44
CA LEU C 188 -9.42 -21.78 -17.41
C LEU C 188 -8.03 -21.31 -17.02
N HIS C 189 -7.43 -21.96 -16.01
CA HIS C 189 -6.07 -21.64 -15.63
C HIS C 189 -5.11 -21.89 -16.79
N ILE C 190 -5.30 -23.01 -17.51
CA ILE C 190 -4.47 -23.31 -18.67
C ILE C 190 -4.59 -22.20 -19.72
N ASN C 191 -5.82 -21.77 -20.00
CA ASN C 191 -6.04 -20.74 -21.01
C ASN C 191 -5.34 -19.44 -20.62
N PHE C 192 -5.56 -18.97 -19.40
CA PHE C 192 -4.96 -17.71 -18.99
C PHE C 192 -3.43 -17.80 -18.93
N ALA C 193 -2.90 -18.91 -18.43
CA ALA C 193 -1.47 -19.10 -18.38
C ALA C 193 -0.84 -19.16 -19.76
N ASN C 194 -1.52 -19.78 -20.75
CA ASN C 194 -1.03 -19.76 -22.11
C ASN C 194 -1.03 -18.36 -22.71
N THR C 195 -2.13 -17.61 -22.54
CA THR C 195 -2.20 -16.28 -23.14
C THR C 195 -1.17 -15.34 -22.52
N ALA C 196 -1.09 -15.30 -21.19
CA ALA C 196 -0.17 -14.39 -20.54
C ALA C 196 1.28 -14.77 -20.81
N TYR C 197 1.57 -16.08 -20.83
CA TYR C 197 2.93 -16.51 -21.13
C TYR C 197 3.32 -16.20 -22.57
N GLY C 198 2.37 -16.31 -23.51
CA GLY C 198 2.65 -15.86 -24.87
C GLY C 198 2.92 -14.38 -24.97
N LEU C 199 2.14 -13.55 -24.25
CA LEU C 199 2.42 -12.12 -24.23
C LEU C 199 3.80 -11.83 -23.66
N GLY C 200 4.17 -12.50 -22.56
CA GLY C 200 5.49 -12.35 -21.99
C GLY C 200 6.61 -12.80 -22.91
N ARG C 201 6.43 -13.91 -23.62
CA ARG C 201 7.44 -14.38 -24.56
C ARG C 201 7.60 -13.42 -25.72
N ARG C 202 6.50 -12.85 -26.22
CA ARG C 202 6.61 -11.82 -27.25
C ARG C 202 7.29 -10.56 -26.74
N TYR C 203 7.05 -10.18 -25.48
CA TYR C 203 7.80 -9.08 -24.89
C TYR C 203 9.29 -9.40 -24.80
N LYS C 204 9.62 -10.64 -24.47
CA LYS C 204 11.03 -11.06 -24.45
C LYS C 204 11.65 -10.96 -25.83
N ARG C 205 10.94 -11.38 -26.87
CA ARG C 205 11.46 -11.27 -28.22
C ARG C 205 11.62 -9.81 -28.63
N LEU C 206 10.68 -8.96 -28.23
CA LEU C 206 10.81 -7.53 -28.50
C LEU C 206 12.05 -6.95 -27.83
N ASN C 207 12.29 -7.32 -26.57
CA ASN C 207 13.48 -6.86 -25.85
C ASN C 207 14.75 -7.36 -26.50
N GLN C 208 14.73 -8.60 -27.00
CA GLN C 208 15.85 -9.19 -27.70
C GLN C 208 16.17 -8.50 -29.01
N MET C 209 15.15 -8.08 -29.78
CA MET C 209 15.40 -7.36 -31.01
C MET C 209 16.31 -6.16 -30.79
N LEU C 210 15.90 -5.25 -29.91
CA LEU C 210 16.70 -4.06 -29.61
C LEU C 210 17.98 -4.40 -28.88
N ARG C 211 18.03 -5.53 -28.18
CA ARG C 211 19.22 -5.91 -27.42
C ARG C 211 20.34 -6.45 -28.30
N THR C 212 19.99 -7.13 -29.40
CA THR C 212 20.99 -7.71 -30.29
C THR C 212 21.21 -6.92 -31.57
N SER C 213 20.14 -6.34 -32.15
CA SER C 213 20.28 -5.66 -33.43
C SER C 213 20.93 -4.29 -33.31
N TYR C 214 20.94 -3.68 -32.12
CA TYR C 214 21.48 -2.35 -31.94
C TYR C 214 22.66 -2.28 -30.97
N LEU C 215 22.68 -3.09 -29.91
CA LEU C 215 23.81 -3.09 -28.98
C LEU C 215 24.97 -3.96 -29.42
N SER C 216 24.94 -4.48 -30.65
CA SER C 216 26.05 -5.28 -31.18
C SER C 216 27.33 -4.46 -31.26
N ALA C 263 21.53 3.70 -47.51
CA ALA C 263 22.36 3.82 -46.31
C ALA C 263 21.92 2.83 -45.24
N THR C 264 21.63 3.33 -44.04
CA THR C 264 21.20 2.51 -42.93
C THR C 264 19.78 2.78 -42.46
N LYS C 265 18.84 3.06 -43.37
CA LYS C 265 17.47 3.35 -42.96
C LYS C 265 16.79 2.10 -42.41
N ASN C 266 17.39 0.93 -42.61
CA ASN C 266 16.83 -0.30 -42.05
C ASN C 266 16.77 -0.22 -40.52
N LYS C 267 17.73 0.48 -39.91
CA LYS C 267 17.68 0.67 -38.46
C LYS C 267 16.47 1.50 -38.06
N SER C 268 16.16 2.54 -38.81
CA SER C 268 14.95 3.33 -38.54
C SER C 268 13.69 2.50 -38.75
N LEU C 269 13.69 1.65 -39.78
CA LEU C 269 12.55 0.77 -40.00
C LEU C 269 12.36 -0.19 -38.83
N LEU C 270 13.46 -0.76 -38.32
CA LEU C 270 13.39 -1.63 -37.16
C LEU C 270 12.89 -0.87 -35.93
N ILE C 271 13.34 0.37 -35.76
CA ILE C 271 12.86 1.19 -34.65
C ILE C 271 11.35 1.37 -34.73
N ARG C 272 10.85 1.72 -35.91
CA ARG C 272 9.42 1.96 -36.07
C ARG C 272 8.63 0.67 -35.85
N ALA C 273 9.13 -0.45 -36.39
CA ALA C 273 8.45 -1.73 -36.22
C ALA C 273 8.40 -2.14 -34.76
N MET C 274 9.49 -1.93 -34.02
CA MET C 274 9.50 -2.30 -32.60
C MET C 274 8.64 -1.35 -31.76
N ALA C 275 8.56 -0.08 -32.16
CA ALA C 275 7.62 0.82 -31.47
C ALA C 275 6.19 0.35 -31.67
N ASP C 276 5.83 -0.01 -32.91
CA ASP C 276 4.51 -0.55 -33.17
C ASP C 276 4.28 -1.85 -32.41
N ASN C 277 5.31 -2.70 -32.33
CA ASN C 277 5.19 -3.95 -31.59
C ASN C 277 4.96 -3.70 -30.11
N HIS C 278 5.66 -2.73 -29.52
CA HIS C 278 5.48 -2.45 -28.10
C HIS C 278 4.11 -1.87 -27.84
N GLU C 279 3.60 -1.00 -28.73
CA GLU C 279 2.21 -0.57 -28.59
C GLU C 279 1.25 -1.75 -28.68
N SER C 280 1.46 -2.65 -29.64
CA SER C 280 0.54 -3.77 -29.82
C SER C 280 0.56 -4.69 -28.61
N LEU C 281 1.74 -4.90 -28.01
CA LEU C 281 1.81 -5.72 -26.81
C LEU C 281 1.16 -5.03 -25.61
N GLY C 282 1.39 -3.72 -25.46
CA GLY C 282 0.74 -2.99 -24.39
C GLY C 282 -0.77 -3.01 -24.50
N LYS C 283 -1.28 -2.90 -25.73
CA LYS C 283 -2.72 -2.99 -25.97
C LYS C 283 -3.24 -4.41 -25.83
N CYS C 284 -2.42 -5.42 -26.14
CA CYS C 284 -2.81 -6.81 -25.96
C CYS C 284 -2.93 -7.16 -24.48
N VAL C 285 -2.06 -6.57 -23.65
CA VAL C 285 -2.21 -6.75 -22.21
C VAL C 285 -3.54 -6.17 -21.73
N ARG C 286 -3.90 -4.99 -22.24
CA ARG C 286 -5.18 -4.39 -21.89
C ARG C 286 -6.35 -5.24 -22.39
N LEU C 287 -6.22 -5.80 -23.59
CA LEU C 287 -7.26 -6.67 -24.12
C LEU C 287 -7.43 -7.92 -23.28
N LEU C 288 -6.31 -8.51 -22.82
CA LEU C 288 -6.38 -9.66 -21.92
C LEU C 288 -7.02 -9.28 -20.59
N SER C 289 -6.66 -8.11 -20.05
CA SER C 289 -7.28 -7.62 -18.84
C SER C 289 -8.78 -7.35 -19.02
N ARG C 290 -9.22 -7.02 -20.22
CA ARG C 290 -10.64 -6.92 -20.52
C ARG C 290 -11.30 -8.28 -20.64
N PHE C 291 -10.58 -9.27 -21.18
CA PHE C 291 -11.18 -10.58 -21.41
C PHE C 291 -11.25 -11.39 -20.13
N TYR C 292 -10.11 -11.58 -19.46
CA TYR C 292 -10.03 -12.43 -18.26
C TYR C 292 -9.74 -11.62 -17.00
N GLY C 293 -10.09 -10.34 -16.97
CA GLY C 293 -9.79 -9.53 -15.80
C GLY C 293 -10.59 -9.93 -14.58
N ILE C 294 -11.90 -10.08 -14.73
CA ILE C 294 -12.75 -10.49 -13.61
C ILE C 294 -12.62 -11.99 -13.35
N ALA C 295 -12.40 -12.80 -14.39
CA ALA C 295 -12.15 -14.22 -14.19
C ALA C 295 -10.89 -14.44 -13.37
N VAL C 296 -9.83 -13.67 -13.63
CA VAL C 296 -8.61 -13.79 -12.85
C VAL C 296 -8.83 -13.30 -11.42
N LEU C 297 -9.63 -12.25 -11.24
CA LEU C 297 -9.96 -11.81 -9.89
C LEU C 297 -10.63 -12.91 -9.09
N PHE C 298 -11.65 -13.55 -9.69
CA PHE C 298 -12.35 -14.61 -8.98
C PHE C 298 -11.48 -15.84 -8.81
N ILE C 299 -10.54 -16.08 -9.74
CA ILE C 299 -9.58 -17.16 -9.59
C ILE C 299 -8.67 -16.90 -8.39
N LEU C 300 -8.19 -15.66 -8.25
CA LEU C 300 -7.35 -15.32 -7.10
C LEU C 300 -8.13 -15.42 -5.79
N VAL C 301 -9.39 -14.98 -5.80
CA VAL C 301 -10.23 -15.12 -4.60
C VAL C 301 -10.42 -16.58 -4.24
N SER C 302 -10.70 -17.43 -5.24
CA SER C 302 -10.85 -18.85 -5.00
C SER C 302 -9.57 -19.46 -4.47
N CYS C 303 -8.42 -19.06 -5.02
CA CYS C 303 -7.15 -19.62 -4.60
C CYS C 303 -6.83 -19.22 -3.16
N LEU C 304 -7.09 -17.96 -2.79
CA LEU C 304 -6.89 -17.55 -1.41
C LEU C 304 -7.81 -18.30 -0.46
N LEU C 305 -9.09 -18.40 -0.83
CA LEU C 305 -10.05 -19.12 0.01
C LEU C 305 -9.63 -20.58 0.18
N HIS C 306 -9.15 -21.21 -0.88
CA HIS C 306 -8.71 -22.59 -0.80
C HIS C 306 -7.43 -22.73 0.02
N LEU C 307 -6.48 -21.80 -0.17
CA LEU C 307 -5.24 -21.85 0.62
C LEU C 307 -5.50 -21.68 2.11
N VAL C 308 -6.55 -20.96 2.48
CA VAL C 308 -6.94 -20.86 3.88
C VAL C 308 -7.71 -22.10 4.34
N ALA C 309 -8.69 -22.53 3.55
CA ALA C 309 -9.59 -23.60 4.00
C ALA C 309 -8.89 -24.95 4.04
N THR C 310 -8.07 -25.26 3.04
CA THR C 310 -7.35 -26.52 3.03
C THR C 310 -6.34 -26.58 4.18
N ALA C 311 -5.67 -25.46 4.47
CA ALA C 311 -4.78 -25.42 5.62
C ALA C 311 -5.54 -25.61 6.93
N TYR C 312 -6.71 -24.98 7.06
CA TYR C 312 -7.51 -25.16 8.26
C TYR C 312 -7.96 -26.62 8.42
N PHE C 313 -8.39 -27.24 7.32
CA PHE C 313 -8.77 -28.65 7.37
C PHE C 313 -7.58 -29.54 7.73
N LEU C 314 -6.40 -29.25 7.17
CA LEU C 314 -5.23 -30.05 7.50
C LEU C 314 -4.88 -29.92 8.98
N PHE C 315 -4.92 -28.70 9.51
CA PHE C 315 -4.64 -28.49 10.93
C PHE C 315 -5.65 -29.21 11.81
N LEU C 316 -6.94 -29.09 11.48
CA LEU C 316 -7.98 -29.77 12.25
C LEU C 316 -7.81 -31.29 12.20
N GLU C 317 -7.50 -31.82 11.01
CA GLU C 317 -7.39 -33.27 10.85
C GLU C 317 -6.17 -33.80 11.59
N MET C 318 -5.07 -33.05 11.57
CA MET C 318 -3.90 -33.43 12.36
C MET C 318 -4.19 -33.37 13.85
N LEU C 319 -4.94 -32.35 14.30
CA LEU C 319 -5.30 -32.26 15.70
C LEU C 319 -6.20 -33.42 16.13
N ASN C 320 -7.08 -33.89 15.25
CA ASN C 320 -7.97 -34.99 15.58
C ASN C 320 -7.27 -36.34 15.55
N LYS C 321 -6.07 -36.42 14.98
CA LYS C 321 -5.26 -37.64 14.93
C LYS C 321 -5.99 -38.75 14.16
N ARG C 322 -6.30 -38.46 12.91
CA ARG C 322 -6.97 -39.38 12.00
C ARG C 322 -5.98 -39.97 11.00
N ASP C 323 -6.50 -40.65 9.99
CA ASP C 323 -5.67 -41.39 9.05
C ASP C 323 -4.76 -40.47 8.24
N ASN C 324 -3.64 -41.02 7.80
CA ASN C 324 -2.62 -40.26 7.08
C ASN C 324 -3.01 -39.97 5.63
N GLY C 325 -3.93 -40.73 5.06
CA GLY C 325 -4.30 -40.52 3.66
C GLY C 325 -4.92 -39.16 3.42
N TYR C 326 -5.87 -38.76 4.27
CA TYR C 326 -6.50 -37.46 4.12
C TYR C 326 -5.50 -36.33 4.34
N VAL C 327 -4.56 -36.52 5.28
CA VAL C 327 -3.53 -35.51 5.53
C VAL C 327 -2.65 -35.34 4.30
N TRP C 328 -2.21 -36.45 3.71
CA TRP C 328 -1.36 -36.36 2.52
C TRP C 328 -2.12 -35.78 1.34
N VAL C 329 -3.40 -36.13 1.20
CA VAL C 329 -4.21 -35.58 0.11
C VAL C 329 -4.36 -34.07 0.27
N GLN C 330 -4.56 -33.60 1.52
CA GLN C 330 -4.67 -32.17 1.74
C GLN C 330 -3.33 -31.46 1.54
N MET C 331 -2.22 -32.11 1.88
CA MET C 331 -0.91 -31.54 1.55
C MET C 331 -0.74 -31.40 0.04
N LEU C 332 -1.15 -32.42 -0.72
CA LEU C 332 -1.10 -32.33 -2.17
C LEU C 332 -2.01 -31.23 -2.69
N TRP C 333 -3.18 -31.07 -2.07
CA TRP C 333 -4.11 -30.01 -2.47
C TRP C 333 -3.51 -28.63 -2.21
N ILE C 334 -2.83 -28.47 -1.08
CA ILE C 334 -2.18 -27.20 -0.77
C ILE C 334 -1.08 -26.91 -1.79
N ILE C 335 -0.28 -27.93 -2.13
CA ILE C 335 0.77 -27.75 -3.12
C ILE C 335 0.16 -27.37 -4.47
N PHE C 336 -0.93 -28.03 -4.85
CA PHE C 336 -1.60 -27.73 -6.12
C PHE C 336 -2.17 -26.32 -6.12
N HIS C 337 -2.73 -25.89 -5.00
CA HIS C 337 -3.27 -24.53 -4.92
C HIS C 337 -2.15 -23.50 -5.02
N PHE C 338 -1.01 -23.78 -4.39
CA PHE C 338 0.14 -22.89 -4.52
C PHE C 338 0.63 -22.83 -5.97
N LEU C 339 0.68 -23.97 -6.65
CA LEU C 339 1.06 -23.98 -8.05
C LEU C 339 0.04 -23.25 -8.92
N ARG C 340 -1.24 -23.40 -8.61
CA ARG C 340 -2.29 -22.67 -9.33
C ARG C 340 -2.13 -21.17 -9.16
N LEU C 341 -1.81 -20.73 -7.94
CA LEU C 341 -1.52 -19.32 -7.71
C LEU C 341 -0.28 -18.90 -8.49
N LEU C 342 0.72 -19.77 -8.57
CA LEU C 342 1.89 -19.53 -9.42
C LEU C 342 1.61 -19.94 -10.87
N MET C 343 0.46 -19.51 -11.37
CA MET C 343 0.13 -19.58 -12.79
C MET C 343 -0.62 -18.36 -13.27
N VAL C 344 -0.95 -17.43 -12.38
CA VAL C 344 -1.55 -16.16 -12.74
C VAL C 344 -0.65 -15.00 -12.36
N VAL C 345 -0.10 -15.00 -11.15
CA VAL C 345 0.81 -13.94 -10.73
C VAL C 345 2.14 -14.08 -11.44
N GLU C 346 2.58 -15.32 -11.68
CA GLU C 346 3.89 -15.53 -12.33
C GLU C 346 3.92 -15.03 -13.77
N PRO C 347 2.97 -15.39 -14.65
CA PRO C 347 3.07 -14.89 -16.03
C PRO C 347 2.86 -13.38 -16.14
N CYS C 348 1.93 -12.82 -15.35
CA CYS C 348 1.73 -11.38 -15.36
C CYS C 348 2.97 -10.65 -14.85
N HIS C 349 3.59 -11.17 -13.80
CA HIS C 349 4.82 -10.58 -13.29
C HIS C 349 5.93 -10.65 -14.33
N LEU C 350 6.06 -11.79 -15.01
CA LEU C 350 7.09 -11.92 -16.04
C LEU C 350 6.85 -10.93 -17.17
N ALA C 351 5.60 -10.80 -17.61
CA ALA C 351 5.28 -9.85 -18.68
C ALA C 351 5.57 -8.42 -18.27
N ALA C 352 5.17 -8.03 -17.05
CA ALA C 352 5.41 -6.67 -16.60
C ALA C 352 6.91 -6.40 -16.44
N ARG C 353 7.66 -7.36 -15.89
CA ARG C 353 9.09 -7.18 -15.71
C ARG C 353 9.81 -7.08 -17.04
N GLU C 354 9.39 -7.87 -18.04
CA GLU C 354 10.02 -7.80 -19.35
C GLU C 354 9.63 -6.52 -20.10
N ALA C 355 8.41 -6.03 -19.89
CA ALA C 355 8.02 -4.76 -20.48
C ALA C 355 8.79 -3.60 -19.86
N ARG C 356 9.04 -3.66 -18.55
CA ARG C 356 9.79 -2.61 -17.88
C ARG C 356 11.26 -2.59 -18.30
N LYS C 357 11.77 -3.68 -18.87
CA LYS C 357 13.17 -3.80 -19.24
C LYS C 357 13.43 -3.38 -20.69
N THR C 358 12.63 -2.47 -21.23
CA THR C 358 12.81 -2.00 -22.60
C THR C 358 13.43 -0.61 -22.68
N ILE C 359 12.95 0.34 -21.87
CA ILE C 359 13.53 1.68 -21.88
C ILE C 359 14.95 1.63 -21.30
N GLN C 360 15.16 0.77 -20.31
CA GLN C 360 16.47 0.62 -19.69
C GLN C 360 17.50 0.13 -20.70
N ILE C 361 17.06 -0.48 -21.80
CA ILE C 361 17.95 -0.78 -22.92
C ILE C 361 17.80 0.24 -24.04
N VAL C 362 16.68 0.96 -24.11
CA VAL C 362 16.49 1.97 -25.14
C VAL C 362 17.48 3.13 -24.97
N CYS C 363 17.80 3.48 -23.72
CA CYS C 363 18.80 4.52 -23.50
C CYS C 363 20.13 4.19 -24.18
N GLU C 364 20.44 2.89 -24.28
CA GLU C 364 21.72 2.48 -24.89
C GLU C 364 21.79 2.89 -26.35
N ILE C 365 20.72 2.66 -27.11
CA ILE C 365 20.67 3.17 -28.48
C ILE C 365 20.60 4.70 -28.46
N GLU C 366 19.95 5.27 -27.45
CA GLU C 366 19.86 6.72 -27.35
C GLU C 366 21.25 7.36 -27.33
N ARG C 367 22.22 6.69 -26.71
CA ARG C 367 23.59 7.21 -26.76
C ARG C 367 24.38 6.71 -27.96
N LYS C 368 24.08 5.50 -28.45
CA LYS C 368 24.93 4.80 -29.42
C LYS C 368 24.41 5.05 -30.83
N VAL C 369 23.89 6.25 -31.05
CA VAL C 369 23.36 6.67 -32.33
C VAL C 369 23.97 8.02 -32.69
N PHE C 370 24.09 8.27 -34.00
CA PHE C 370 24.71 9.48 -34.48
C PHE C 370 23.82 10.17 -35.52
N GLU C 371 23.02 9.39 -36.21
CA GLU C 371 22.19 9.93 -37.28
C GLU C 371 21.08 10.80 -36.70
N PRO C 372 20.81 11.97 -37.28
CA PRO C 372 19.79 12.88 -36.71
C PRO C 372 18.38 12.32 -36.76
N ILE C 373 18.09 11.35 -37.63
CA ILE C 373 16.75 10.81 -37.73
C ILE C 373 16.54 9.63 -36.77
N LEU C 374 17.53 8.75 -36.68
CA LEU C 374 17.41 7.61 -35.77
C LEU C 374 17.37 8.05 -34.32
N VAL C 375 18.08 9.14 -33.97
CA VAL C 375 18.02 9.64 -32.61
C VAL C 375 16.63 10.18 -32.29
N GLU C 376 15.98 10.85 -33.25
CA GLU C 376 14.63 11.35 -33.03
C GLU C 376 13.65 10.18 -32.90
N GLU C 377 13.84 9.14 -33.72
CA GLU C 377 13.00 7.94 -33.61
C GLU C 377 13.16 7.28 -32.24
N THR C 378 14.40 7.15 -31.77
CA THR C 378 14.64 6.56 -30.45
C THR C 378 14.08 7.46 -29.35
N LYS C 379 14.06 8.79 -29.58
CA LYS C 379 13.44 9.70 -28.63
C LYS C 379 11.94 9.45 -28.53
N LYS C 380 11.28 9.24 -29.67
CA LYS C 380 9.87 8.89 -29.62
C LYS C 380 9.64 7.56 -28.90
N PHE C 381 10.50 6.58 -29.17
CA PHE C 381 10.37 5.29 -28.50
C PHE C 381 10.56 5.44 -26.99
N TRP C 382 11.55 6.24 -26.58
CA TRP C 382 11.77 6.52 -25.16
C TRP C 382 10.57 7.23 -24.55
N GLN C 383 9.94 8.14 -25.29
CA GLN C 383 8.75 8.82 -24.79
C GLN C 383 7.63 7.80 -24.55
N GLN C 384 7.46 6.85 -25.48
CA GLN C 384 6.54 5.75 -25.25
C GLN C 384 6.84 5.02 -23.95
N LEU C 385 8.05 4.48 -23.82
CA LEU C 385 8.37 3.67 -22.64
C LEU C 385 8.31 4.48 -21.36
N LEU C 386 8.50 5.79 -21.43
CA LEU C 386 8.24 6.63 -20.28
C LEU C 386 6.74 6.72 -20.00
N VAL C 387 5.93 6.67 -21.07
CA VAL C 387 4.47 6.79 -20.94
C VAL C 387 3.80 5.44 -20.72
N ASP C 388 4.24 4.40 -21.42
CA ASP C 388 3.53 3.13 -21.43
C ASP C 388 3.58 2.44 -20.07
N ASP C 389 2.55 1.62 -19.82
CA ASP C 389 2.48 0.80 -18.61
C ASP C 389 1.72 -0.47 -18.97
N ALA C 390 2.38 -1.62 -18.89
CA ALA C 390 1.85 -2.89 -19.37
C ALA C 390 1.65 -3.87 -18.22
N GLU C 391 1.10 -3.41 -17.11
CA GLU C 391 0.81 -4.26 -15.96
C GLU C 391 -0.61 -4.79 -16.06
N PHE C 392 -0.76 -6.11 -15.90
CA PHE C 392 -2.08 -6.72 -15.93
C PHE C 392 -2.89 -6.28 -14.73
N SER C 393 -4.16 -5.97 -14.95
CA SER C 393 -5.06 -5.53 -13.89
C SER C 393 -6.26 -6.45 -13.83
N ALA C 394 -6.63 -6.87 -12.62
CA ALA C 394 -7.80 -7.73 -12.41
C ALA C 394 -9.06 -6.86 -12.42
N SER C 395 -9.34 -6.32 -13.61
CA SER C 395 -10.47 -5.42 -13.85
C SER C 395 -10.42 -4.19 -12.96
N GLY C 396 -9.22 -3.72 -12.63
CA GLY C 396 -9.02 -2.49 -11.92
C GLY C 396 -8.94 -2.59 -10.41
N LEU C 397 -9.37 -3.72 -9.84
CA LEU C 397 -9.33 -3.86 -8.38
C LEU C 397 -7.90 -4.03 -7.88
N CYS C 398 -7.08 -4.80 -8.58
CA CYS C 398 -5.71 -5.04 -8.16
C CYS C 398 -4.84 -5.31 -9.38
N ARG C 399 -3.54 -5.09 -9.21
CA ARG C 399 -2.55 -5.36 -10.24
C ARG C 399 -1.92 -6.72 -9.97
N VAL C 400 -2.05 -7.63 -10.94
CA VAL C 400 -1.60 -9.02 -10.74
C VAL C 400 -0.09 -9.07 -10.96
N ASN C 401 0.64 -9.41 -9.90
CA ASN C 401 2.09 -9.58 -9.96
C ASN C 401 2.51 -10.42 -8.76
N ARG C 402 3.82 -10.55 -8.55
CA ARG C 402 4.32 -11.36 -7.44
C ARG C 402 4.06 -10.73 -6.09
N THR C 403 3.82 -9.41 -6.04
CA THR C 403 3.51 -8.76 -4.77
C THR C 403 2.26 -9.34 -4.13
N ILE C 404 1.31 -9.81 -4.96
CA ILE C 404 0.12 -10.46 -4.43
C ILE C 404 0.52 -11.66 -3.56
N LEU C 405 1.54 -12.40 -3.98
CA LEU C 405 2.03 -13.52 -3.19
C LEU C 405 2.36 -13.09 -1.76
N THR C 406 2.90 -11.88 -1.60
CA THR C 406 3.11 -11.36 -0.26
C THR C 406 1.78 -11.09 0.44
N SER C 407 0.89 -10.34 -0.21
CA SER C 407 -0.36 -9.95 0.44
C SER C 407 -1.19 -11.16 0.82
N PHE C 408 -1.30 -12.13 -0.09
CA PHE C 408 -1.96 -13.39 0.23
C PHE C 408 -1.38 -14.00 1.50
N ALA C 409 -0.05 -14.06 1.60
CA ALA C 409 0.57 -14.55 2.81
C ALA C 409 0.16 -13.69 4.00
N SER C 410 0.23 -12.37 3.84
CA SER C 410 -0.17 -11.47 4.92
C SER C 410 -1.62 -11.70 5.32
N ALA C 411 -2.42 -12.23 4.41
CA ALA C 411 -3.77 -12.67 4.79
C ALA C 411 -3.73 -14.03 5.45
N ILE C 412 -3.08 -15.01 4.80
CA ILE C 412 -3.11 -16.38 5.31
C ILE C 412 -2.47 -16.45 6.69
N ALA C 413 -1.27 -15.89 6.84
CA ALA C 413 -0.59 -15.89 8.14
C ALA C 413 -1.45 -15.20 9.19
N THR C 414 -2.35 -14.31 8.76
CA THR C 414 -3.32 -13.76 9.71
C THR C 414 -4.35 -14.81 10.08
N TYR C 415 -5.07 -15.35 9.08
CA TYR C 415 -6.18 -16.25 9.36
C TYR C 415 -5.69 -17.50 10.09
N LEU C 416 -4.63 -18.12 9.60
CA LEU C 416 -4.07 -19.30 10.25
C LEU C 416 -3.56 -19.01 11.66
N VAL C 417 -3.32 -17.74 12.00
CA VAL C 417 -2.99 -17.39 13.37
C VAL C 417 -4.27 -17.26 14.21
N ILE C 418 -5.33 -16.72 13.62
CA ILE C 418 -6.57 -16.53 14.36
C ILE C 418 -7.27 -17.87 14.57
N LEU C 419 -7.65 -18.53 13.47
CA LEU C 419 -8.46 -19.74 13.55
C LEU C 419 -7.82 -20.78 14.47
N ILE C 420 -6.53 -21.05 14.29
CA ILE C 420 -5.85 -22.04 15.12
C ILE C 420 -5.95 -21.66 16.59
N GLN C 421 -5.73 -20.39 16.93
CA GLN C 421 -5.81 -19.96 18.32
C GLN C 421 -7.24 -20.11 18.85
N PHE C 422 -8.23 -20.05 17.95
CA PHE C 422 -9.60 -20.29 18.38
C PHE C 422 -9.86 -21.78 18.57
N GLN C 423 -9.15 -22.63 17.83
CA GLN C 423 -9.35 -24.06 17.97
C GLN C 423 -8.75 -24.58 19.27
N LYS C 424 -7.55 -24.15 19.61
CA LYS C 424 -6.87 -24.60 20.83
C LYS C 424 -7.39 -23.85 22.06
N MET D 1 -21.33 20.02 -7.31
CA MET D 1 -22.50 19.43 -7.95
C MET D 1 -22.80 20.15 -9.27
N GLU D 2 -23.39 19.42 -10.21
CA GLU D 2 -23.63 19.91 -11.57
C GLU D 2 -25.05 20.41 -11.71
N ILE D 3 -25.21 21.63 -12.20
CA ILE D 3 -26.51 22.24 -12.47
C ILE D 3 -26.59 22.54 -13.95
N SER D 4 -27.60 21.99 -14.62
CA SER D 4 -27.80 22.23 -16.04
C SER D 4 -29.24 21.91 -16.40
N GLU D 5 -29.69 22.51 -17.50
CA GLU D 5 -31.02 22.19 -18.02
C GLU D 5 -31.09 20.83 -18.69
N THR D 6 -29.94 20.18 -18.90
CA THR D 6 -29.95 18.80 -19.39
C THR D 6 -30.72 17.91 -18.43
N ASN D 7 -30.42 18.02 -17.14
CA ASN D 7 -31.15 17.29 -16.10
C ASN D 7 -31.30 18.20 -14.87
N ILE D 8 -32.45 18.86 -14.78
CA ILE D 8 -32.73 19.76 -13.67
C ILE D 8 -33.53 19.10 -12.56
N GLY D 9 -34.12 17.93 -12.82
CA GLY D 9 -34.84 17.23 -11.76
C GLY D 9 -33.95 16.77 -10.63
N ILE D 10 -32.71 16.39 -10.94
CA ILE D 10 -31.77 15.98 -9.90
C ILE D 10 -31.48 17.13 -8.96
N PHE D 11 -31.27 18.33 -9.50
CA PHE D 11 -31.01 19.50 -8.67
C PHE D 11 -32.23 19.83 -7.81
N TYR D 12 -33.43 19.73 -8.37
CA TYR D 12 -34.63 20.01 -7.60
C TYR D 12 -34.81 19.00 -6.47
N VAL D 13 -34.53 17.72 -6.75
CA VAL D 13 -34.63 16.69 -5.71
C VAL D 13 -33.60 16.94 -4.62
N SER D 14 -32.38 17.31 -5.00
CA SER D 14 -31.34 17.59 -4.01
C SER D 14 -31.71 18.78 -3.14
N LYS D 15 -32.29 19.83 -3.76
CA LYS D 15 -32.75 20.98 -2.98
C LYS D 15 -33.88 20.57 -2.04
N LEU D 16 -34.80 19.72 -2.50
CA LEU D 16 -35.89 19.26 -1.65
C LEU D 16 -35.35 18.46 -0.48
N LEU D 17 -34.34 17.62 -0.71
CA LEU D 17 -33.78 16.77 0.33
C LEU D 17 -32.74 17.48 1.20
N ALA D 18 -32.77 18.83 1.23
CA ALA D 18 -31.89 19.62 2.07
C ALA D 18 -30.42 19.33 1.81
N LEU D 19 -30.06 19.20 0.53
CA LEU D 19 -28.68 18.95 0.14
C LEU D 19 -28.16 19.94 -0.90
N ALA D 20 -28.98 20.86 -1.38
CA ALA D 20 -28.56 21.85 -2.36
C ALA D 20 -29.44 23.09 -2.26
N PRO D 21 -29.26 23.93 -1.25
CA PRO D 21 -30.10 25.13 -1.09
C PRO D 21 -29.70 26.25 -2.04
N TYR D 22 -29.95 26.02 -3.33
CA TYR D 22 -29.48 26.89 -4.39
C TYR D 22 -30.66 27.34 -5.24
N SER D 23 -30.41 28.32 -6.12
CA SER D 23 -31.40 28.81 -7.06
C SER D 23 -30.79 28.85 -8.45
N ALA D 24 -31.49 28.25 -9.41
CA ALA D 24 -31.02 28.13 -10.79
C ALA D 24 -31.79 29.14 -11.64
N LYS D 25 -31.21 30.31 -11.84
CA LYS D 25 -31.83 31.37 -12.61
C LYS D 25 -30.97 31.69 -13.83
N LYS D 26 -31.61 31.77 -14.99
CA LYS D 26 -30.91 32.07 -16.23
C LYS D 26 -30.79 33.57 -16.45
N ASN D 27 -29.82 33.94 -17.28
CA ASN D 27 -29.75 35.26 -17.90
C ASN D 27 -29.98 35.08 -19.40
N SER D 28 -30.04 36.20 -20.11
CA SER D 28 -30.43 36.16 -21.53
C SER D 28 -29.43 35.37 -22.36
N LYS D 29 -28.16 35.38 -21.97
CA LYS D 29 -27.10 34.72 -22.73
C LYS D 29 -26.94 33.26 -22.28
N GLY D 30 -28.07 32.54 -22.24
CA GLY D 30 -28.05 31.17 -21.75
C GLY D 30 -27.48 31.13 -20.35
N GLN D 31 -26.44 30.32 -20.16
CA GLN D 31 -25.56 30.38 -19.00
C GLN D 31 -26.35 30.37 -17.68
N LEU D 32 -26.94 29.21 -17.40
CA LEU D 32 -27.66 29.01 -16.15
C LEU D 32 -26.79 29.42 -14.97
N GLU D 33 -27.33 30.32 -14.14
CA GLU D 33 -26.61 30.91 -13.03
C GLU D 33 -27.12 30.33 -11.71
N ILE D 34 -26.19 29.90 -10.86
CA ILE D 34 -26.51 29.33 -9.56
C ILE D 34 -26.24 30.37 -8.50
N THR D 35 -27.29 30.76 -7.78
CA THR D 35 -27.17 31.74 -6.70
C THR D 35 -27.56 31.09 -5.38
N ARG D 36 -27.08 31.70 -4.29
CA ARG D 36 -27.41 31.19 -2.97
C ARG D 36 -28.86 31.52 -2.62
N SER D 37 -29.59 30.51 -2.17
CA SER D 37 -30.99 30.67 -1.78
C SER D 37 -31.04 30.81 -0.26
N TRP D 38 -31.22 32.04 0.21
CA TRP D 38 -31.28 32.28 1.64
C TRP D 38 -32.52 31.67 2.26
N LEU D 39 -33.65 31.69 1.54
CA LEU D 39 -34.86 31.05 2.04
C LEU D 39 -34.67 29.54 2.16
N PHE D 40 -33.95 28.93 1.23
CA PHE D 40 -33.73 27.49 1.24
C PHE D 40 -32.57 27.08 2.13
N SER D 41 -31.61 27.96 2.40
CA SER D 41 -30.50 27.61 3.29
C SER D 41 -31.00 27.36 4.71
N ILE D 42 -31.86 28.26 5.21
CA ILE D 42 -32.42 28.07 6.55
C ILE D 42 -33.32 26.85 6.58
N TYR D 43 -34.04 26.59 5.49
CA TYR D 43 -34.85 25.39 5.42
C TYR D 43 -33.99 24.14 5.50
N SER D 44 -32.86 24.13 4.79
CA SER D 44 -31.96 22.98 4.81
C SER D 44 -31.38 22.76 6.20
N VAL D 45 -30.92 23.84 6.84
CA VAL D 45 -30.32 23.68 8.17
C VAL D 45 -31.36 23.22 9.18
N CYS D 46 -32.58 23.78 9.10
CA CYS D 46 -33.64 23.37 10.03
C CYS D 46 -34.03 21.92 9.80
N LEU D 47 -34.17 21.51 8.54
CA LEU D 47 -34.56 20.13 8.26
C LEU D 47 -33.48 19.16 8.72
N CYS D 48 -32.20 19.48 8.46
CA CYS D 48 -31.12 18.59 8.89
C CYS D 48 -31.09 18.47 10.41
N LEU D 49 -31.11 19.60 11.11
CA LEU D 49 -31.06 19.56 12.57
C LEU D 49 -32.26 18.84 13.15
N ILE D 50 -33.45 19.13 12.63
CA ILE D 50 -34.67 18.50 13.15
C ILE D 50 -34.64 17.00 12.90
N MET D 51 -34.24 16.58 11.70
CA MET D 51 -34.20 15.15 11.39
C MET D 51 -33.20 14.42 12.27
N VAL D 52 -32.00 15.00 12.45
CA VAL D 52 -30.99 14.35 13.28
C VAL D 52 -31.47 14.24 14.73
N PHE D 53 -32.01 15.35 15.26
CA PHE D 53 -32.52 15.33 16.63
C PHE D 53 -33.65 14.34 16.78
N LEU D 54 -34.51 14.22 15.75
CA LEU D 54 -35.65 13.31 15.83
C LEU D 54 -35.19 11.85 15.80
N THR D 55 -34.26 11.50 14.92
CA THR D 55 -33.81 10.11 14.89
C THR D 55 -33.07 9.75 16.16
N TYR D 56 -32.28 10.68 16.71
CA TYR D 56 -31.60 10.39 17.97
C TYR D 56 -32.61 10.27 19.12
N ARG D 57 -33.63 11.14 19.14
CA ARG D 57 -34.64 11.05 20.17
C ARG D 57 -35.38 9.72 20.11
N GLY D 58 -35.74 9.28 18.90
CA GLY D 58 -36.34 7.96 18.76
C GLY D 58 -35.40 6.85 19.17
N LEU D 59 -34.10 7.02 18.89
CA LEU D 59 -33.10 6.03 19.27
C LEU D 59 -33.07 5.83 20.77
N LEU D 60 -32.90 6.92 21.53
CA LEU D 60 -32.90 6.80 22.99
C LEU D 60 -34.29 6.49 23.56
N PHE D 61 -35.36 6.81 22.85
CA PHE D 61 -36.69 6.43 23.33
C PHE D 61 -36.91 4.93 23.21
N ASP D 62 -36.45 4.33 22.12
CA ASP D 62 -36.47 2.87 22.02
C ASP D 62 -35.55 2.25 23.05
N ALA D 63 -34.36 2.83 23.25
CA ALA D 63 -33.43 2.31 24.24
C ALA D 63 -34.03 2.34 25.64
N ASN D 64 -34.79 3.39 25.95
CA ASN D 64 -35.40 3.52 27.26
C ASN D 64 -36.82 2.97 27.32
N SER D 65 -37.33 2.41 26.22
CA SER D 65 -38.68 1.87 26.21
C SER D 65 -38.77 0.62 27.10
N ASN D 66 -39.99 0.33 27.55
CA ASN D 66 -40.21 -0.83 28.42
C ASN D 66 -39.86 -2.13 27.70
N ILE D 67 -40.30 -2.30 26.47
CA ILE D 67 -39.94 -3.43 25.63
C ILE D 67 -39.28 -2.90 24.37
N PRO D 68 -37.95 -2.81 24.33
CA PRO D 68 -37.27 -2.31 23.13
C PRO D 68 -37.52 -3.23 21.94
N VAL D 69 -37.58 -2.61 20.76
CA VAL D 69 -37.88 -3.35 19.53
C VAL D 69 -36.61 -3.64 18.74
N ARG D 70 -35.81 -2.62 18.46
CA ARG D 70 -34.63 -2.77 17.61
C ARG D 70 -33.35 -2.95 18.41
N MET D 71 -33.26 -2.37 19.61
CA MET D 71 -32.05 -2.41 20.42
C MET D 71 -32.41 -2.93 21.81
N LYS D 72 -32.42 -4.25 21.97
CA LYS D 72 -32.60 -4.89 23.28
C LYS D 72 -31.49 -5.94 23.44
N SER D 73 -30.31 -5.46 23.86
CA SER D 73 -29.13 -6.27 24.09
C SER D 73 -28.00 -5.33 24.51
N ALA D 74 -26.86 -5.92 24.86
CA ALA D 74 -25.67 -5.12 25.11
C ALA D 74 -24.92 -4.84 23.81
N THR D 75 -25.00 -5.75 22.83
CA THR D 75 -24.34 -5.58 21.55
C THR D 75 -25.26 -5.02 20.47
N SER D 76 -26.54 -5.40 20.49
CA SER D 76 -27.48 -4.85 19.51
C SER D 76 -27.62 -3.35 19.67
N LYS D 77 -27.64 -2.87 20.92
CA LYS D 77 -27.67 -1.43 21.17
C LYS D 77 -26.47 -0.74 20.50
N VAL D 78 -25.27 -1.28 20.71
CA VAL D 78 -24.07 -0.66 20.18
C VAL D 78 -24.08 -0.65 18.66
N VAL D 79 -24.46 -1.78 18.05
CA VAL D 79 -24.42 -1.86 16.60
C VAL D 79 -25.49 -0.96 15.97
N THR D 80 -26.70 -0.96 16.54
CA THR D 80 -27.74 -0.08 16.03
C THR D 80 -27.37 1.38 16.19
N ALA D 81 -26.77 1.74 17.33
CA ALA D 81 -26.31 3.11 17.55
C ALA D 81 -25.24 3.48 16.54
N SER D 82 -24.32 2.56 16.24
CA SER D 82 -23.28 2.83 15.25
C SER D 82 -23.89 3.07 13.87
N ASP D 83 -24.85 2.23 13.48
CA ASP D 83 -25.50 2.41 12.18
C ASP D 83 -26.22 3.76 12.10
N VAL D 84 -27.05 4.06 13.10
CA VAL D 84 -27.81 5.30 13.08
C VAL D 84 -26.87 6.51 13.13
N SER D 85 -25.82 6.43 13.93
CA SER D 85 -24.90 7.56 14.08
C SER D 85 -24.08 7.77 12.81
N VAL D 86 -23.70 6.70 12.13
CA VAL D 86 -22.93 6.86 10.91
C VAL D 86 -23.83 7.41 9.79
N VAL D 87 -25.10 7.01 9.76
CA VAL D 87 -26.04 7.61 8.82
C VAL D 87 -26.22 9.09 9.13
N VAL D 88 -26.33 9.43 10.42
CA VAL D 88 -26.48 10.82 10.83
C VAL D 88 -25.24 11.63 10.42
N LEU D 89 -24.06 11.05 10.61
CA LEU D 89 -22.82 11.73 10.24
C LEU D 89 -22.76 11.97 8.73
N ALA D 90 -23.16 10.96 7.94
CA ALA D 90 -23.19 11.15 6.49
C ALA D 90 -24.16 12.25 6.10
N ILE D 91 -25.34 12.29 6.73
CA ILE D 91 -26.33 13.32 6.43
C ILE D 91 -25.80 14.70 6.78
N VAL D 92 -25.19 14.82 7.96
CA VAL D 92 -24.69 16.11 8.42
C VAL D 92 -23.56 16.58 7.51
N THR D 93 -22.67 15.67 7.12
CA THR D 93 -21.59 16.06 6.21
C THR D 93 -22.12 16.48 4.85
N GLY D 94 -23.13 15.78 4.34
CA GLY D 94 -23.72 16.17 3.07
C GLY D 94 -24.36 17.55 3.13
N VAL D 95 -25.11 17.82 4.22
CA VAL D 95 -25.74 19.13 4.37
C VAL D 95 -24.67 20.22 4.50
N TYR D 96 -23.62 19.96 5.27
CA TYR D 96 -22.56 20.93 5.45
C TYR D 96 -21.85 21.21 4.13
N CYS D 97 -21.61 20.17 3.33
CA CYS D 97 -20.99 20.36 2.02
C CYS D 97 -21.89 21.14 1.08
N GLY D 98 -23.20 20.85 1.09
CA GLY D 98 -24.12 21.57 0.23
C GLY D 98 -24.35 23.00 0.66
N MET D 99 -24.12 23.33 1.93
CA MET D 99 -24.32 24.70 2.40
C MET D 99 -23.10 25.57 2.09
N PHE D 100 -21.95 25.22 2.64
CA PHE D 100 -20.72 26.00 2.45
C PHE D 100 -19.96 25.54 1.21
N GLY D 101 -20.65 25.49 0.07
CA GLY D 101 -20.04 25.07 -1.17
C GLY D 101 -20.55 25.84 -2.38
N LEU D 102 -21.11 27.02 -2.15
CA LEU D 102 -21.68 27.80 -3.23
C LEU D 102 -20.62 28.20 -4.25
N ARG D 103 -19.45 28.65 -3.78
CA ARG D 103 -18.40 29.08 -4.69
C ARG D 103 -17.87 27.91 -5.51
N ALA D 104 -17.66 26.76 -4.88
CA ALA D 104 -17.16 25.60 -5.59
C ALA D 104 -18.16 25.13 -6.64
N THR D 105 -19.45 25.10 -6.29
CA THR D 105 -20.48 24.71 -7.25
C THR D 105 -20.54 25.69 -8.42
N GLN D 106 -20.46 26.99 -8.13
CA GLN D 106 -20.50 28.00 -9.18
C GLN D 106 -19.32 27.83 -10.13
N GLU D 107 -18.12 27.65 -9.58
CA GLU D 107 -16.93 27.49 -10.43
C GLU D 107 -17.00 26.21 -11.24
N LEU D 108 -17.45 25.11 -10.64
CA LEU D 108 -17.55 23.85 -11.36
C LEU D 108 -18.55 23.95 -12.50
N ASN D 109 -19.71 24.57 -12.25
CA ASN D 109 -20.71 24.72 -13.31
C ASN D 109 -20.23 25.67 -14.41
N THR D 110 -19.51 26.73 -14.03
CA THR D 110 -18.98 27.64 -15.04
C THR D 110 -17.97 26.94 -15.93
N ARG D 111 -17.10 26.12 -15.34
CA ARG D 111 -16.15 25.35 -16.14
C ARG D 111 -16.86 24.32 -17.02
N LEU D 112 -17.87 23.66 -16.48
CA LEU D 112 -18.59 22.65 -17.24
C LEU D 112 -19.37 23.26 -18.41
N ASP D 113 -19.83 24.50 -18.26
CA ASP D 113 -20.51 25.18 -19.36
C ASP D 113 -19.57 25.35 -20.55
N LYS D 114 -18.33 25.80 -20.29
CA LYS D 114 -17.36 25.95 -21.37
C LYS D 114 -16.93 24.59 -21.89
N ILE D 115 -16.89 23.57 -21.04
CA ILE D 115 -16.59 22.22 -21.49
C ILE D 115 -17.62 21.74 -22.51
N ASP D 116 -18.91 21.93 -22.18
CA ASP D 116 -19.97 21.47 -23.06
C ASP D 116 -20.12 22.38 -24.28
N SER D 117 -19.65 23.62 -24.19
CA SER D 117 -19.77 24.54 -25.32
C SER D 117 -18.99 24.06 -26.54
N THR D 118 -17.80 23.53 -26.33
CA THR D 118 -16.92 23.10 -27.42
C THR D 118 -16.89 21.58 -27.60
N LEU D 119 -17.89 20.87 -27.09
CA LEU D 119 -18.03 19.43 -27.28
C LEU D 119 -19.29 19.12 -28.08
N SER D 120 -19.57 19.96 -29.08
CA SER D 120 -20.81 19.85 -29.85
C SER D 120 -20.96 18.55 -30.61
N PRO D 121 -19.95 18.04 -31.35
CA PRO D 121 -20.22 16.89 -32.25
C PRO D 121 -20.80 15.67 -31.58
N TYR D 122 -20.35 15.34 -30.36
CA TYR D 122 -20.92 14.23 -29.60
C TYR D 122 -21.68 14.71 -28.36
N ASN D 123 -22.29 15.89 -28.43
CA ASN D 123 -23.12 16.39 -27.35
C ASN D 123 -24.54 15.88 -27.57
N ASN D 124 -24.84 14.71 -27.02
CA ASN D 124 -26.16 14.10 -27.14
C ASN D 124 -26.85 14.30 -25.80
N VAL D 125 -27.87 15.16 -25.79
CA VAL D 125 -28.49 15.65 -24.57
C VAL D 125 -29.63 14.75 -24.11
N LYS D 126 -30.45 14.27 -25.05
CA LYS D 126 -31.62 13.47 -24.69
C LYS D 126 -31.21 12.19 -23.97
N LYS D 127 -30.18 11.50 -24.45
CA LYS D 127 -29.72 10.29 -23.80
C LYS D 127 -29.18 10.58 -22.41
N ASP D 128 -28.42 11.68 -22.25
CA ASP D 128 -27.90 12.04 -20.94
C ASP D 128 -29.02 12.34 -19.96
N ARG D 129 -30.02 13.11 -20.40
CA ARG D 129 -31.15 13.42 -19.54
C ARG D 129 -31.91 12.16 -19.15
N TRP D 130 -32.16 11.28 -20.13
CA TRP D 130 -32.87 10.05 -19.84
C TRP D 130 -32.10 9.18 -18.86
N ARG D 131 -30.79 9.05 -19.04
CA ARG D 131 -29.97 8.23 -18.16
C ARG D 131 -29.96 8.80 -16.75
N ALA D 132 -29.78 10.12 -16.61
CA ALA D 132 -29.75 10.73 -15.29
C ALA D 132 -31.09 10.58 -14.58
N TYR D 133 -32.19 10.85 -15.29
CA TYR D 133 -33.51 10.73 -14.68
C TYR D 133 -33.81 9.29 -14.31
N ALA D 134 -33.44 8.34 -15.17
CA ALA D 134 -33.66 6.93 -14.86
C ALA D 134 -32.85 6.50 -13.64
N MET D 135 -31.59 6.93 -13.55
CA MET D 135 -30.77 6.56 -12.40
C MET D 135 -31.36 7.13 -11.11
N ALA D 136 -31.76 8.41 -11.15
CA ALA D 136 -32.33 9.02 -9.95
C ALA D 136 -33.62 8.34 -9.54
N THR D 137 -34.51 8.07 -10.52
CA THR D 137 -35.78 7.43 -10.21
C THR D 137 -35.59 6.02 -9.69
N VAL D 138 -34.66 5.27 -10.28
CA VAL D 138 -34.40 3.91 -9.82
C VAL D 138 -33.83 3.92 -8.40
N SER D 139 -32.89 4.83 -8.13
CA SER D 139 -32.34 4.89 -6.78
C SER D 139 -33.42 5.23 -5.75
N LEU D 140 -34.23 6.26 -6.05
CA LEU D 140 -35.29 6.64 -5.12
C LEU D 140 -36.31 5.53 -4.94
N ILE D 141 -36.68 4.85 -6.02
CA ILE D 141 -37.67 3.79 -5.93
C ILE D 141 -37.13 2.59 -5.16
N VAL D 142 -35.89 2.17 -5.45
CA VAL D 142 -35.32 1.03 -4.74
C VAL D 142 -35.20 1.34 -3.26
N ILE D 143 -34.75 2.54 -2.90
CA ILE D 143 -34.70 2.86 -1.47
C ILE D 143 -36.10 2.99 -0.89
N GLY D 144 -37.09 3.41 -1.68
CA GLY D 144 -38.44 3.52 -1.16
C GLY D 144 -39.03 2.17 -0.79
N ILE D 145 -39.00 1.22 -1.72
CA ILE D 145 -39.47 -0.13 -1.39
C ILE D 145 -38.56 -0.80 -0.36
N LEU D 146 -37.27 -0.47 -0.32
CA LEU D 146 -36.44 -1.04 0.73
C LEU D 146 -36.85 -0.55 2.12
N LEU D 147 -37.08 0.75 2.27
CA LEU D 147 -37.54 1.28 3.55
C LEU D 147 -38.93 0.76 3.88
N GLY D 148 -39.80 0.63 2.89
CA GLY D 148 -41.11 0.04 3.14
C GLY D 148 -41.02 -1.39 3.63
N LEU D 149 -40.17 -2.20 2.99
CA LEU D 149 -40.00 -3.58 3.40
C LEU D 149 -39.37 -3.67 4.79
N ASP D 150 -38.42 -2.77 5.09
CA ASP D 150 -37.83 -2.74 6.42
C ASP D 150 -38.87 -2.40 7.49
N VAL D 151 -39.71 -1.39 7.21
CA VAL D 151 -40.81 -1.06 8.11
C VAL D 151 -41.71 -2.27 8.29
N GLY D 152 -42.04 -2.97 7.20
CA GLY D 152 -42.92 -4.11 7.29
C GLY D 152 -42.35 -5.24 8.15
N THR D 153 -41.09 -5.60 7.91
CA THR D 153 -40.50 -6.71 8.66
C THR D 153 -40.31 -6.35 10.13
N TRP D 154 -39.93 -5.10 10.40
CA TRP D 154 -39.78 -4.71 11.80
C TRP D 154 -41.13 -4.66 12.51
N VAL D 155 -42.18 -4.24 11.80
CA VAL D 155 -43.52 -4.28 12.36
C VAL D 155 -43.94 -5.72 12.65
N ARG D 156 -43.61 -6.63 11.73
CA ARG D 156 -43.95 -8.04 11.92
C ARG D 156 -43.26 -8.61 13.16
N MET D 157 -41.96 -8.36 13.29
CA MET D 157 -41.25 -8.87 14.46
C MET D 157 -41.74 -8.23 15.76
N ALA D 158 -42.01 -6.92 15.72
CA ALA D 158 -42.49 -6.23 16.92
C ALA D 158 -43.84 -6.76 17.36
N GLN D 159 -44.74 -7.00 16.41
CA GLN D 159 -46.04 -7.58 16.72
C GLN D 159 -45.95 -9.06 17.07
N GLU D 160 -44.84 -9.71 16.74
CA GLU D 160 -44.62 -11.10 17.15
C GLU D 160 -44.57 -11.23 18.66
N MET D 161 -43.96 -10.27 19.34
CA MET D 161 -43.96 -10.29 20.81
C MET D 161 -44.77 -9.12 21.37
N GLU D 166 -50.21 0.74 23.60
CA GLU D 166 -50.02 1.02 22.18
C GLU D 166 -49.22 -0.09 21.49
N ASP D 167 -49.16 -1.25 22.12
CA ASP D 167 -48.43 -2.40 21.60
C ASP D 167 -46.99 -2.03 21.25
N THR D 168 -46.75 -1.78 19.97
CA THR D 168 -45.42 -1.40 19.49
C THR D 168 -45.44 -0.39 18.35
N GLU D 169 -46.61 0.11 17.94
CA GLU D 169 -46.66 0.94 16.74
C GLU D 169 -45.84 2.22 16.88
N LEU D 170 -45.94 2.90 18.03
CA LEU D 170 -45.12 4.09 18.23
C LEU D 170 -43.66 3.74 18.39
N ASN D 171 -43.36 2.57 18.97
CA ASN D 171 -41.97 2.14 19.10
C ASN D 171 -41.34 1.89 17.74
N VAL D 172 -42.12 1.38 16.78
CA VAL D 172 -41.58 1.10 15.45
C VAL D 172 -41.61 2.32 14.54
N GLN D 173 -42.57 3.23 14.71
CA GLN D 173 -42.53 4.48 13.97
C GLN D 173 -41.64 5.53 14.61
N TRP D 174 -41.00 5.20 15.74
CA TRP D 174 -39.93 6.03 16.29
C TRP D 174 -38.72 6.07 15.38
N TYR D 175 -38.63 5.16 14.40
CA TYR D 175 -37.53 5.11 13.45
C TYR D 175 -37.88 5.72 12.10
N ILE D 176 -39.07 6.33 11.97
CA ILE D 176 -39.41 7.05 10.74
C ILE D 176 -38.38 8.13 10.43
N PRO D 177 -37.89 8.92 11.40
CA PRO D 177 -36.80 9.85 11.07
C PRO D 177 -35.55 9.14 10.55
N PHE D 178 -35.27 7.93 11.02
CA PHE D 178 -34.11 7.20 10.54
C PHE D 178 -34.24 6.88 9.04
N TYR D 179 -35.43 6.44 8.62
CA TYR D 179 -35.64 6.14 7.20
C TYR D 179 -35.73 7.41 6.36
N SER D 180 -36.27 8.49 6.95
CA SER D 180 -36.24 9.78 6.25
C SER D 180 -34.80 10.25 6.03
N LEU D 181 -33.92 9.98 7.01
CA LEU D 181 -32.51 10.31 6.84
C LEU D 181 -31.84 9.40 5.82
N TYR D 182 -32.24 8.13 5.78
CA TYR D 182 -31.80 7.25 4.70
C TYR D 182 -32.20 7.79 3.33
N PHE D 183 -33.38 8.42 3.24
CA PHE D 183 -33.78 9.06 1.99
C PHE D 183 -32.80 10.17 1.59
N ILE D 184 -32.38 10.99 2.56
CA ILE D 184 -31.42 12.05 2.29
C ILE D 184 -30.07 11.45 1.89
N LEU D 185 -29.70 10.33 2.50
CA LEU D 185 -28.46 9.65 2.11
C LEU D 185 -28.55 9.17 0.66
N THR D 186 -29.70 8.63 0.27
CA THR D 186 -29.89 8.23 -1.12
C THR D 186 -29.80 9.43 -2.05
N GLY D 187 -30.37 10.56 -1.64
CA GLY D 187 -30.26 11.77 -2.45
C GLY D 187 -28.84 12.25 -2.61
N LEU D 188 -28.06 12.18 -1.53
CA LEU D 188 -26.64 12.54 -1.60
C LEU D 188 -25.88 11.61 -2.54
N HIS D 189 -26.15 10.31 -2.46
CA HIS D 189 -25.56 9.36 -3.40
C HIS D 189 -25.93 9.69 -4.83
N ILE D 190 -27.20 10.04 -5.06
CA ILE D 190 -27.66 10.43 -6.39
C ILE D 190 -26.88 11.63 -6.90
N ASN D 191 -26.72 12.65 -6.04
CA ASN D 191 -26.01 13.86 -6.44
C ASN D 191 -24.57 13.56 -6.82
N PHE D 192 -23.86 12.84 -5.95
CA PHE D 192 -22.45 12.57 -6.25
C PHE D 192 -22.30 11.68 -7.47
N ALA D 193 -23.15 10.67 -7.62
CA ALA D 193 -23.11 9.80 -8.78
C ALA D 193 -23.41 10.55 -10.07
N ASN D 194 -24.34 11.50 -10.04
CA ASN D 194 -24.60 12.33 -11.21
C ASN D 194 -23.40 13.20 -11.56
N THR D 195 -22.82 13.88 -10.58
CA THR D 195 -21.71 14.78 -10.87
C THR D 195 -20.49 14.01 -11.39
N ALA D 196 -20.11 12.93 -10.72
CA ALA D 196 -18.93 12.18 -11.13
C ALA D 196 -19.15 11.50 -12.47
N TYR D 197 -20.36 10.99 -12.71
CA TYR D 197 -20.63 10.36 -14.00
C TYR D 197 -20.65 11.39 -15.12
N GLY D 198 -21.13 12.60 -14.87
CA GLY D 198 -20.99 13.67 -15.85
C GLY D 198 -19.56 14.03 -16.16
N LEU D 199 -18.72 14.12 -15.13
CA LEU D 199 -17.29 14.37 -15.36
C LEU D 199 -16.67 13.26 -16.19
N GLY D 200 -16.98 12.00 -15.87
CA GLY D 200 -16.49 10.88 -16.66
C GLY D 200 -16.98 10.87 -18.09
N ARG D 201 -18.25 11.21 -18.32
CA ARG D 201 -18.77 11.27 -19.68
C ARG D 201 -18.11 12.39 -20.48
N ARG D 202 -17.86 13.53 -19.85
CA ARG D 202 -17.12 14.59 -20.53
C ARG D 202 -15.69 14.18 -20.82
N TYR D 203 -15.03 13.43 -19.93
CA TYR D 203 -13.72 12.89 -20.23
C TYR D 203 -13.79 11.92 -21.42
N LYS D 204 -14.85 11.12 -21.49
CA LYS D 204 -15.02 10.22 -22.63
C LYS D 204 -15.16 11.00 -23.94
N ARG D 205 -15.95 12.09 -23.91
CA ARG D 205 -16.10 12.91 -25.10
C ARG D 205 -14.78 13.57 -25.49
N LEU D 206 -14.00 14.01 -24.49
CA LEU D 206 -12.69 14.58 -24.77
C LEU D 206 -11.78 13.55 -25.44
N ASN D 207 -11.77 12.32 -24.92
CA ASN D 207 -10.99 11.24 -25.52
C ASN D 207 -11.43 10.91 -26.92
N GLN D 208 -12.74 10.97 -27.16
CA GLN D 208 -13.30 10.74 -28.49
C GLN D 208 -12.93 11.81 -29.49
N MET D 209 -12.87 13.08 -29.07
CA MET D 209 -12.46 14.14 -29.98
C MET D 209 -11.12 13.82 -30.63
N LEU D 210 -10.08 13.62 -29.80
CA LEU D 210 -8.75 13.29 -30.33
C LEU D 210 -8.70 11.92 -30.97
N ARG D 211 -9.60 11.01 -30.60
CA ARG D 211 -9.58 9.66 -31.16
C ARG D 211 -10.16 9.60 -32.57
N THR D 212 -11.13 10.45 -32.89
CA THR D 212 -11.75 10.46 -34.21
C THR D 212 -11.28 11.58 -35.10
N SER D 213 -11.04 12.78 -34.57
CA SER D 213 -10.68 13.92 -35.40
C SER D 213 -9.24 13.87 -35.90
N TYR D 214 -8.37 13.10 -35.25
CA TYR D 214 -6.96 13.05 -35.61
C TYR D 214 -6.47 11.68 -36.06
N LEU D 215 -6.98 10.60 -35.47
CA LEU D 215 -6.58 9.25 -35.87
C LEU D 215 -7.35 8.72 -37.07
N SER D 216 -8.15 9.55 -37.73
CA SER D 216 -8.87 9.14 -38.92
C SER D 216 -7.92 8.76 -40.05
N ALA D 263 -5.05 27.10 -44.45
CA ALA D 263 -4.50 25.75 -44.46
C ALA D 263 -5.26 24.84 -43.49
N THR D 264 -4.52 24.21 -42.58
CA THR D 264 -5.10 23.32 -41.59
C THR D 264 -4.93 23.80 -40.15
N LYS D 265 -5.04 25.09 -39.89
CA LYS D 265 -4.88 25.59 -38.53
C LYS D 265 -6.03 25.17 -37.63
N ASN D 266 -7.11 24.65 -38.23
CA ASN D 266 -8.23 24.15 -37.43
C ASN D 266 -7.78 23.00 -36.54
N LYS D 267 -6.81 22.21 -37.00
CA LYS D 267 -6.27 21.14 -36.15
C LYS D 267 -5.57 21.71 -34.93
N SER D 268 -4.80 22.79 -35.10
CA SER D 268 -4.16 23.44 -33.97
C SER D 268 -5.20 24.04 -33.03
N LEU D 269 -6.27 24.62 -33.59
CA LEU D 269 -7.35 25.14 -32.76
C LEU D 269 -8.01 24.04 -31.93
N LEU D 270 -8.25 22.88 -32.56
CA LEU D 270 -8.81 21.74 -31.83
C LEU D 270 -7.85 21.27 -30.75
N ILE D 271 -6.55 21.25 -31.04
CA ILE D 271 -5.56 20.87 -30.03
C ILE D 271 -5.64 21.80 -28.83
N ARG D 272 -5.68 23.11 -29.07
CA ARG D 272 -5.71 24.07 -27.98
C ARG D 272 -7.01 23.94 -27.18
N ALA D 273 -8.13 23.78 -27.89
CA ALA D 273 -9.42 23.64 -27.21
C ALA D 273 -9.46 22.38 -26.34
N MET D 274 -8.90 21.28 -26.84
CA MET D 274 -8.91 20.05 -26.05
C MET D 274 -7.93 20.12 -24.88
N ALA D 275 -6.82 20.85 -25.05
CA ALA D 275 -5.93 21.07 -23.91
C ALA D 275 -6.64 21.86 -22.82
N ASP D 276 -7.35 22.93 -23.21
CA ASP D 276 -8.14 23.69 -22.25
C ASP D 276 -9.22 22.83 -21.61
N ASN D 277 -9.85 21.97 -22.42
CA ASN D 277 -10.89 21.08 -21.89
C ASN D 277 -10.31 20.11 -20.87
N HIS D 278 -9.13 19.55 -21.14
CA HIS D 278 -8.54 18.61 -20.20
C HIS D 278 -8.12 19.30 -18.91
N GLU D 279 -7.61 20.53 -19.01
CA GLU D 279 -7.37 21.30 -17.79
C GLU D 279 -8.66 21.55 -17.02
N SER D 280 -9.73 21.93 -17.73
CA SER D 280 -10.97 22.24 -17.05
C SER D 280 -11.55 20.99 -16.37
N LEU D 281 -11.43 19.83 -17.01
CA LEU D 281 -11.90 18.60 -16.39
C LEU D 281 -11.05 18.20 -15.19
N GLY D 282 -9.73 18.35 -15.31
CA GLY D 282 -8.86 18.05 -14.18
C GLY D 282 -9.13 18.96 -12.99
N LYS D 283 -9.42 20.24 -13.26
CA LYS D 283 -9.77 21.17 -12.20
C LYS D 283 -11.19 20.94 -11.68
N CYS D 284 -12.09 20.44 -12.52
CA CYS D 284 -13.44 20.11 -12.06
C CYS D 284 -13.42 18.90 -11.13
N VAL D 285 -12.52 17.94 -11.40
CA VAL D 285 -12.35 16.83 -10.47
C VAL D 285 -11.88 17.34 -9.12
N ARG D 286 -10.94 18.28 -9.11
CA ARG D 286 -10.47 18.86 -7.86
C ARG D 286 -11.59 19.65 -7.16
N LEU D 287 -12.40 20.36 -7.94
CA LEU D 287 -13.53 21.09 -7.36
C LEU D 287 -14.53 20.14 -6.72
N LEU D 288 -14.81 19.01 -7.39
CA LEU D 288 -15.70 18.00 -6.82
C LEU D 288 -15.11 17.40 -5.55
N SER D 289 -13.80 17.13 -5.56
CA SER D 289 -13.11 16.65 -4.37
C SER D 289 -13.14 17.67 -3.23
N ARG D 290 -13.19 18.96 -3.55
CA ARG D 290 -13.38 19.99 -2.54
C ARG D 290 -14.81 20.04 -2.03
N PHE D 291 -15.78 19.79 -2.92
CA PHE D 291 -17.18 19.90 -2.53
C PHE D 291 -17.65 18.69 -1.76
N TYR D 292 -17.49 17.49 -2.32
CA TYR D 292 -17.99 16.26 -1.70
C TYR D 292 -16.87 15.34 -1.26
N GLY D 293 -15.68 15.88 -0.97
CA GLY D 293 -14.58 15.02 -0.57
C GLY D 293 -14.78 14.38 0.78
N ILE D 294 -15.16 15.17 1.79
CA ILE D 294 -15.40 14.62 3.12
C ILE D 294 -16.75 13.89 3.19
N ALA D 295 -17.74 14.37 2.43
CA ALA D 295 -19.01 13.66 2.35
C ALA D 295 -18.83 12.27 1.78
N VAL D 296 -17.99 12.14 0.74
CA VAL D 296 -17.74 10.82 0.16
C VAL D 296 -16.94 9.96 1.14
N LEU D 297 -16.01 10.55 1.89
CA LEU D 297 -15.31 9.79 2.91
C LEU D 297 -16.27 9.20 3.93
N PHE D 298 -17.18 10.03 4.45
CA PHE D 298 -18.12 9.54 5.45
C PHE D 298 -19.13 8.57 4.82
N ILE D 299 -19.44 8.74 3.54
CA ILE D 299 -20.30 7.78 2.84
C ILE D 299 -19.61 6.42 2.75
N LEU D 300 -18.31 6.41 2.42
CA LEU D 300 -17.57 5.15 2.36
C LEU D 300 -17.47 4.50 3.74
N VAL D 301 -17.24 5.31 4.77
CA VAL D 301 -17.19 4.79 6.13
C VAL D 301 -18.54 4.18 6.51
N SER D 302 -19.63 4.87 6.20
CA SER D 302 -20.97 4.35 6.48
C SER D 302 -21.22 3.05 5.72
N CYS D 303 -20.79 3.00 4.46
CA CYS D 303 -21.03 1.81 3.65
C CYS D 303 -20.24 0.63 4.18
N LEU D 304 -18.99 0.83 4.59
CA LEU D 304 -18.22 -0.26 5.18
C LEU D 304 -18.84 -0.72 6.49
N LEU D 305 -19.23 0.23 7.35
CA LEU D 305 -19.85 -0.13 8.62
C LEU D 305 -21.14 -0.91 8.39
N HIS D 306 -21.94 -0.50 7.41
CA HIS D 306 -23.17 -1.22 7.11
C HIS D 306 -22.89 -2.59 6.50
N LEU D 307 -21.91 -2.70 5.60
CA LEU D 307 -21.57 -3.99 5.01
C LEU D 307 -21.08 -4.98 6.05
N VAL D 308 -20.45 -4.50 7.12
CA VAL D 308 -20.07 -5.37 8.23
C VAL D 308 -21.26 -5.67 9.15
N ALA D 309 -22.03 -4.65 9.53
CA ALA D 309 -23.07 -4.83 10.53
C ALA D 309 -24.24 -5.64 9.99
N THR D 310 -24.67 -5.37 8.76
CA THR D 310 -25.76 -6.13 8.17
C THR D 310 -25.39 -7.60 7.98
N ALA D 311 -24.14 -7.86 7.57
CA ALA D 311 -23.67 -9.24 7.48
C ALA D 311 -23.64 -9.91 8.84
N TYR D 312 -23.19 -9.20 9.88
CA TYR D 312 -23.18 -9.79 11.21
C TYR D 312 -24.61 -10.09 11.69
N PHE D 313 -25.55 -9.17 11.44
CA PHE D 313 -26.94 -9.41 11.80
C PHE D 313 -27.51 -10.59 11.03
N LEU D 314 -27.20 -10.70 9.75
CA LEU D 314 -27.70 -11.83 8.97
C LEU D 314 -27.16 -13.15 9.50
N PHE D 315 -25.86 -13.19 9.82
CA PHE D 315 -25.27 -14.41 10.36
C PHE D 315 -25.90 -14.76 11.71
N LEU D 316 -26.07 -13.77 12.59
CA LEU D 316 -26.68 -14.03 13.89
C LEU D 316 -28.11 -14.52 13.73
N GLU D 317 -28.87 -13.90 12.84
CA GLU D 317 -30.27 -14.25 12.67
C GLU D 317 -30.42 -15.65 12.08
N MET D 318 -29.53 -16.01 11.14
CA MET D 318 -29.52 -17.38 10.63
C MET D 318 -29.14 -18.38 11.70
N LEU D 319 -28.18 -18.02 12.56
CA LEU D 319 -27.78 -18.92 13.64
C LEU D 319 -28.93 -19.13 14.64
N ASN D 320 -29.73 -18.09 14.88
CA ASN D 320 -30.83 -18.18 15.82
C ASN D 320 -32.02 -18.93 15.23
N LYS D 321 -32.06 -19.15 13.92
CA LYS D 321 -33.12 -19.90 13.24
C LYS D 321 -34.48 -19.23 13.44
N ARG D 322 -34.56 -17.98 12.99
CA ARG D 322 -35.78 -17.17 13.05
C ARG D 322 -36.43 -17.09 11.67
N ASP D 323 -37.42 -16.21 11.55
CA ASP D 323 -38.23 -16.13 10.35
C ASP D 323 -37.41 -15.71 9.14
N ASN D 324 -37.88 -16.13 7.96
CA ASN D 324 -37.17 -15.87 6.71
C ASN D 324 -37.32 -14.44 6.21
N GLY D 325 -38.33 -13.71 6.66
CA GLY D 325 -38.53 -12.35 6.19
C GLY D 325 -37.38 -11.42 6.55
N TYR D 326 -36.94 -11.47 7.80
CA TYR D 326 -35.82 -10.64 8.23
C TYR D 326 -34.54 -11.02 7.50
N VAL D 327 -34.35 -12.31 7.25
CA VAL D 327 -33.16 -12.78 6.53
C VAL D 327 -33.17 -12.24 5.10
N TRP D 328 -34.31 -12.32 4.43
CA TRP D 328 -34.40 -11.81 3.05
C TRP D 328 -34.25 -10.30 3.02
N VAL D 329 -34.81 -9.60 4.01
CA VAL D 329 -34.68 -8.14 4.06
C VAL D 329 -33.22 -7.75 4.26
N GLN D 330 -32.49 -8.50 5.10
CA GLN D 330 -31.08 -8.20 5.30
C GLN D 330 -30.24 -8.55 4.08
N MET D 331 -30.62 -9.60 3.35
CA MET D 331 -29.96 -9.88 2.08
C MET D 331 -30.17 -8.74 1.09
N LEU D 332 -31.39 -8.23 1.02
CA LEU D 332 -31.66 -7.08 0.16
C LEU D 332 -30.88 -5.85 0.61
N TRP D 333 -30.76 -5.66 1.93
CA TRP D 333 -29.98 -4.54 2.45
C TRP D 333 -28.51 -4.67 2.10
N ILE D 334 -27.96 -5.88 2.16
CA ILE D 334 -26.57 -6.10 1.77
C ILE D 334 -26.39 -5.80 0.28
N ILE D 335 -27.32 -6.27 -0.55
CA ILE D 335 -27.24 -5.99 -1.98
C ILE D 335 -27.30 -4.49 -2.24
N PHE D 336 -28.20 -3.79 -1.53
CA PHE D 336 -28.32 -2.34 -1.70
C PHE D 336 -27.07 -1.62 -1.25
N HIS D 337 -26.45 -2.07 -0.15
CA HIS D 337 -25.22 -1.46 0.31
C HIS D 337 -24.09 -1.67 -0.68
N PHE D 338 -24.03 -2.87 -1.27
CA PHE D 338 -23.03 -3.12 -2.31
C PHE D 338 -23.26 -2.23 -3.52
N LEU D 339 -24.51 -2.05 -3.93
CA LEU D 339 -24.81 -1.14 -5.04
C LEU D 339 -24.49 0.30 -4.69
N ARG D 340 -24.75 0.70 -3.45
CA ARG D 340 -24.40 2.05 -2.99
C ARG D 340 -22.89 2.26 -3.04
N LEU D 341 -22.11 1.26 -2.63
CA LEU D 341 -20.67 1.33 -2.76
C LEU D 341 -20.26 1.40 -4.23
N LEU D 342 -20.97 0.67 -5.10
CA LEU D 342 -20.77 0.79 -6.55
C LEU D 342 -21.56 1.95 -7.12
N MET D 343 -21.45 3.11 -6.45
CA MET D 343 -21.93 4.37 -6.97
C MET D 343 -20.99 5.52 -6.64
N VAL D 344 -19.94 5.27 -5.87
CA VAL D 344 -18.91 6.24 -5.59
C VAL D 344 -17.55 5.81 -6.14
N VAL D 345 -17.18 4.54 -5.91
CA VAL D 345 -15.92 4.03 -6.46
C VAL D 345 -16.03 3.84 -7.96
N GLU D 346 -17.20 3.42 -8.45
CA GLU D 346 -17.36 3.19 -9.88
C GLU D 346 -17.25 4.45 -10.72
N PRO D 347 -17.95 5.54 -10.43
CA PRO D 347 -17.79 6.74 -11.28
C PRO D 347 -16.41 7.37 -11.19
N CYS D 348 -15.83 7.41 -10.00
CA CYS D 348 -14.48 7.95 -9.85
C CYS D 348 -13.47 7.09 -10.60
N HIS D 349 -13.61 5.76 -10.51
CA HIS D 349 -12.73 4.87 -11.26
C HIS D 349 -12.89 5.08 -12.76
N LEU D 350 -14.13 5.22 -13.24
CA LEU D 350 -14.34 5.44 -14.66
C LEU D 350 -13.71 6.75 -15.11
N ALA D 351 -13.89 7.82 -14.31
CA ALA D 351 -13.31 9.11 -14.67
C ALA D 351 -11.79 9.04 -14.70
N ALA D 352 -11.18 8.41 -13.69
CA ALA D 352 -9.73 8.31 -13.66
C ALA D 352 -9.20 7.47 -14.81
N ARG D 353 -9.86 6.34 -15.11
CA ARG D 353 -9.43 5.48 -16.19
C ARG D 353 -9.55 6.18 -17.54
N GLU D 354 -10.63 6.96 -17.74
CA GLU D 354 -10.78 7.68 -19.00
C GLU D 354 -9.81 8.85 -19.11
N ALA D 355 -9.47 9.50 -17.98
CA ALA D 355 -8.47 10.55 -18.01
C ALA D 355 -7.08 9.97 -18.33
N ARG D 356 -6.78 8.79 -17.79
CA ARG D 356 -5.49 8.16 -18.06
C ARG D 356 -5.36 7.71 -19.51
N LYS D 357 -6.47 7.56 -20.23
CA LYS D 357 -6.45 7.07 -21.61
C LYS D 357 -6.37 8.20 -22.63
N THR D 358 -5.75 9.32 -22.28
CA THR D 358 -5.62 10.45 -23.20
C THR D 358 -4.23 10.58 -23.78
N ILE D 359 -3.18 10.48 -22.95
CA ILE D 359 -1.82 10.55 -23.45
C ILE D 359 -1.50 9.33 -24.30
N GLN D 360 -2.05 8.17 -23.91
CA GLN D 360 -1.84 6.93 -24.66
C GLN D 360 -2.40 7.03 -26.07
N ILE D 361 -3.32 7.96 -26.30
CA ILE D 361 -3.75 8.28 -27.66
C ILE D 361 -3.08 9.56 -28.18
N VAL D 362 -2.57 10.42 -27.30
CA VAL D 362 -1.89 11.63 -27.74
C VAL D 362 -0.60 11.30 -28.47
N CYS D 363 0.10 10.24 -28.05
CA CYS D 363 1.31 9.84 -28.77
C CYS D 363 1.01 9.55 -30.24
N GLU D 364 -0.20 9.09 -30.55
CA GLU D 364 -0.55 8.76 -31.92
C GLU D 364 -0.51 10.00 -32.82
N ILE D 365 -1.09 11.11 -32.35
CA ILE D 365 -0.94 12.37 -33.07
C ILE D 365 0.51 12.84 -33.03
N GLU D 366 1.21 12.55 -31.93
CA GLU D 366 2.61 12.95 -31.83
C GLU D 366 3.43 12.37 -32.97
N ARG D 367 3.10 11.16 -33.41
CA ARG D 367 3.79 10.62 -34.58
C ARG D 367 3.13 10.99 -35.91
N LYS D 368 1.81 11.18 -35.93
CA LYS D 368 1.03 11.29 -37.15
C LYS D 368 0.83 12.76 -37.52
N VAL D 369 1.85 13.56 -37.22
CA VAL D 369 1.84 14.99 -37.51
C VAL D 369 3.15 15.34 -38.24
N PHE D 370 3.07 16.38 -39.07
CA PHE D 370 4.21 16.78 -39.87
C PHE D 370 4.47 18.27 -39.73
N GLU D 371 3.43 19.03 -39.44
CA GLU D 371 3.55 20.48 -39.34
C GLU D 371 4.37 20.87 -38.12
N PRO D 372 5.31 21.81 -38.24
CA PRO D 372 6.15 22.18 -37.09
C PRO D 372 5.40 22.82 -35.93
N ILE D 373 4.21 23.36 -36.17
CA ILE D 373 3.45 24.02 -35.10
C ILE D 373 2.55 23.03 -34.38
N LEU D 374 1.87 22.17 -35.14
CA LEU D 374 0.98 21.19 -34.52
C LEU D 374 1.77 20.19 -33.68
N VAL D 375 3.00 19.85 -34.08
CA VAL D 375 3.81 18.95 -33.27
C VAL D 375 4.19 19.60 -31.95
N GLU D 376 4.49 20.90 -31.96
CA GLU D 376 4.81 21.60 -30.73
C GLU D 376 3.58 21.68 -29.83
N GLU D 377 2.41 21.93 -30.43
CA GLU D 377 1.17 21.93 -29.66
C GLU D 377 0.91 20.58 -29.01
N THR D 378 1.08 19.50 -29.77
CA THR D 378 0.89 18.16 -29.22
C THR D 378 1.94 17.85 -28.16
N LYS D 379 3.14 18.43 -28.29
CA LYS D 379 4.16 18.28 -27.26
C LYS D 379 3.72 18.93 -25.96
N LYS D 380 3.13 20.12 -26.05
CA LYS D 380 2.59 20.76 -24.84
C LYS D 380 1.47 19.93 -24.24
N PHE D 381 0.59 19.39 -25.08
CA PHE D 381 -0.49 18.54 -24.59
C PHE D 381 0.06 17.29 -23.89
N TRP D 382 1.07 16.67 -24.50
CA TRP D 382 1.73 15.52 -23.90
C TRP D 382 2.37 15.87 -22.56
N GLN D 383 2.97 17.07 -22.47
CA GLN D 383 3.55 17.52 -21.22
C GLN D 383 2.48 17.64 -20.14
N GLN D 384 1.32 18.18 -20.51
CA GLN D 384 0.17 18.17 -19.60
C GLN D 384 -0.16 16.77 -19.11
N LEU D 385 -0.46 15.86 -20.03
CA LEU D 385 -0.89 14.52 -19.62
C LEU D 385 0.19 13.77 -18.86
N LEU D 386 1.47 14.11 -19.09
CA LEU D 386 2.52 13.58 -18.23
C LEU D 386 2.44 14.20 -16.84
N VAL D 387 2.00 15.46 -16.76
CA VAL D 387 1.93 16.18 -15.49
C VAL D 387 0.59 15.98 -14.79
N ASP D 388 -0.52 15.98 -15.52
CA ASP D 388 -1.84 16.00 -14.93
C ASP D 388 -2.15 14.71 -14.19
N ASP D 389 -3.03 14.81 -13.19
CA ASP D 389 -3.53 13.66 -12.45
C ASP D 389 -4.94 13.98 -12.00
N ALA D 390 -5.92 13.23 -12.49
CA ALA D 390 -7.33 13.52 -12.30
C ALA D 390 -8.03 12.43 -11.48
N GLU D 391 -7.39 12.00 -10.40
CA GLU D 391 -7.96 10.99 -9.51
C GLU D 391 -8.71 11.68 -8.39
N PHE D 392 -9.95 11.25 -8.15
CA PHE D 392 -10.75 11.81 -7.08
C PHE D 392 -10.15 11.41 -5.73
N SER D 393 -10.10 12.36 -4.80
CA SER D 393 -9.55 12.15 -3.48
C SER D 393 -10.61 12.47 -2.43
N ALA D 394 -10.76 11.59 -1.44
CA ALA D 394 -11.70 11.80 -0.35
C ALA D 394 -11.07 12.74 0.68
N SER D 395 -10.89 13.99 0.24
CA SER D 395 -10.27 15.05 1.03
C SER D 395 -8.85 14.68 1.48
N GLY D 396 -8.15 13.91 0.66
CA GLY D 396 -6.75 13.61 0.87
C GLY D 396 -6.47 12.34 1.65
N LEU D 397 -7.46 11.78 2.35
CA LEU D 397 -7.25 10.57 3.13
C LEU D 397 -7.05 9.35 2.22
N CYS D 398 -7.84 9.25 1.15
CA CYS D 398 -7.75 8.10 0.26
C CYS D 398 -8.18 8.53 -1.14
N ARG D 399 -7.74 7.75 -2.13
CA ARG D 399 -8.11 7.96 -3.52
C ARG D 399 -9.24 7.01 -3.87
N VAL D 400 -10.37 7.57 -4.28
CA VAL D 400 -11.58 6.78 -4.53
C VAL D 400 -11.45 6.12 -5.91
N ASN D 401 -11.41 4.79 -5.92
CA ASN D 401 -11.36 4.00 -7.15
C ASN D 401 -11.81 2.58 -6.82
N ARG D 402 -11.67 1.68 -7.79
CA ARG D 402 -12.10 0.30 -7.57
C ARG D 402 -11.19 -0.45 -6.60
N THR D 403 -9.96 0.03 -6.39
CA THR D 403 -9.07 -0.63 -5.44
C THR D 403 -9.64 -0.62 -4.03
N ILE D 404 -10.45 0.40 -3.70
CA ILE D 404 -11.13 0.43 -2.41
C ILE D 404 -11.98 -0.81 -2.23
N LEU D 405 -12.65 -1.24 -3.31
CA LEU D 405 -13.45 -2.47 -3.26
C LEU D 405 -12.64 -3.64 -2.73
N THR D 406 -11.36 -3.71 -3.11
CA THR D 406 -10.48 -4.73 -2.55
C THR D 406 -10.26 -4.49 -1.06
N SER D 407 -9.84 -3.28 -0.69
CA SER D 407 -9.49 -3.00 0.70
C SER D 407 -10.69 -3.21 1.61
N PHE D 408 -11.86 -2.72 1.22
CA PHE D 408 -13.08 -2.98 1.97
C PHE D 408 -13.25 -4.48 2.20
N ALA D 409 -13.09 -5.29 1.15
CA ALA D 409 -13.17 -6.72 1.32
C ALA D 409 -12.11 -7.20 2.30
N SER D 410 -10.87 -6.72 2.16
CA SER D 410 -9.80 -7.10 3.08
C SER D 410 -10.14 -6.71 4.50
N ALA D 411 -11.01 -5.70 4.67
CA ALA D 411 -11.53 -5.40 6.00
C ALA D 411 -12.66 -6.34 6.36
N ILE D 412 -13.66 -6.48 5.46
CA ILE D 412 -14.84 -7.25 5.79
C ILE D 412 -14.48 -8.71 6.04
N ALA D 413 -13.72 -9.31 5.11
CA ALA D 413 -13.29 -10.70 5.28
C ALA D 413 -12.50 -10.87 6.57
N THR D 414 -11.90 -9.80 7.07
CA THR D 414 -11.28 -9.85 8.39
C THR D 414 -12.36 -9.90 9.48
N TYR D 415 -13.21 -8.88 9.51
CA TYR D 415 -14.19 -8.78 10.61
C TYR D 415 -15.13 -9.97 10.62
N LEU D 416 -15.68 -10.34 9.47
CA LEU D 416 -16.56 -11.49 9.39
C LEU D 416 -15.85 -12.79 9.76
N VAL D 417 -14.52 -12.82 9.72
CA VAL D 417 -13.79 -13.99 10.22
C VAL D 417 -13.65 -13.92 11.73
N ILE D 418 -13.44 -12.73 12.29
CA ILE D 418 -13.27 -12.60 13.73
C ILE D 418 -14.60 -12.78 14.45
N LEU D 419 -15.56 -11.89 14.16
CA LEU D 419 -16.83 -11.88 14.88
C LEU D 419 -17.50 -13.25 14.88
N ILE D 420 -17.60 -13.87 13.70
CA ILE D 420 -18.23 -15.18 13.62
C ILE D 420 -17.53 -16.19 14.53
N GLN D 421 -16.19 -16.20 14.51
CA GLN D 421 -15.46 -17.13 15.36
C GLN D 421 -15.68 -16.82 16.83
N PHE D 422 -16.00 -15.57 17.16
CA PHE D 422 -16.33 -15.24 18.54
C PHE D 422 -17.74 -15.69 18.88
N GLN D 423 -18.63 -15.73 17.89
CA GLN D 423 -20.00 -16.15 18.15
C GLN D 423 -20.09 -17.65 18.40
N LYS D 424 -19.39 -18.44 17.57
CA LYS D 424 -19.42 -19.89 17.70
C LYS D 424 -18.48 -20.37 18.80
#